data_8E0S
#
_entry.id   8E0S
#
_cell.length_a   209.881
_cell.length_b   53.127
_cell.length_c   150.415
_cell.angle_alpha   90.000
_cell.angle_beta   115.435
_cell.angle_gamma   90.000
#
_symmetry.space_group_name_H-M   'C 1 2 1'
#
loop_
_entity.id
_entity.type
_entity.pdbx_description
1 polymer 'Phospho-2-dehydro-3-deoxyheptonate aldolase, Phe-sensitive'
2 non-polymer alpha-D-glucopyranose
3 non-polymer 'DAHP Oxime'
4 non-polymer beta-D-glucopyranose
5 water water
#
_entity_poly.entity_id   1
_entity_poly.type   'polypeptide(L)'
_entity_poly.pdbx_seq_one_letter_code
;GMNYQNDDLRIKEIKELLPPVALLEKFPATENAANTVAHARKAIHKILKGNDDRLLVVIGPCSIHDPVAAKEYATRLLAL
REELKDELEIVMRVYFEKPRTTVGWKGLINDPHMDNSFQINDGLRIARKLLLDINDSGLPAAGEFLDMITPQYLADLMSW
GAIGARTTESQVHRELASGLSCPVGFKNGTDGTIKVAIDAINAAGAPHCFLSVTKWGHSAIVNTSGNGDCHIILRGGKEP
NYSAKHVAEVKEGLNKAGLPAQVMIDFSHANSSKQFKKQMDVCADVCQQIAGGEKAIIGVMVESHLVEGNQSLESGEPLA
YGKSITDACIGWEDTDALLRQLANAVKARRG
;
_entity_poly.pdbx_strand_id   A,B,C,D
#
# COMPACT_ATOMS: atom_id res chain seq x y z
N ASP A 8 13.46 6.86 -12.47
CA ASP A 8 14.39 7.97 -12.27
C ASP A 8 14.49 8.81 -13.55
N LEU A 9 15.68 8.82 -14.18
CA LEU A 9 15.92 9.66 -15.36
C LEU A 9 14.90 9.41 -16.46
N ARG A 10 14.53 8.15 -16.68
CA ARG A 10 13.73 7.79 -17.84
C ARG A 10 12.28 7.50 -17.48
N ILE A 11 11.86 7.85 -16.28
CA ILE A 11 10.45 7.77 -15.88
C ILE A 11 9.88 9.18 -15.95
N LYS A 12 8.93 9.39 -16.85
CA LYS A 12 8.36 10.72 -17.07
C LYS A 12 7.27 11.07 -16.08
N GLU A 13 6.42 10.10 -15.74
CA GLU A 13 5.21 10.38 -14.98
C GLU A 13 4.74 9.08 -14.33
N ILE A 14 4.14 9.19 -13.15
CA ILE A 14 3.55 8.06 -12.45
C ILE A 14 2.13 8.45 -12.06
N LYS A 15 1.16 7.67 -12.54
CA LYS A 15 -0.26 8.01 -12.33
C LYS A 15 -0.96 6.93 -11.50
N GLU A 16 -2.02 7.33 -10.81
CA GLU A 16 -2.73 6.40 -9.90
C GLU A 16 -3.46 5.29 -10.66
N LEU A 17 -3.48 4.11 -10.07
CA LEU A 17 -4.08 2.94 -10.68
C LEU A 17 -5.04 2.32 -9.67
N LEU A 18 -6.30 2.15 -10.06
CA LEU A 18 -7.24 1.48 -9.18
C LEU A 18 -6.71 0.10 -8.84
N PRO A 19 -6.76 -0.32 -7.58
CA PRO A 19 -6.36 -1.68 -7.24
C PRO A 19 -7.41 -2.68 -7.70
N PRO A 20 -7.02 -3.94 -7.94
CA PRO A 20 -8.01 -4.96 -8.32
C PRO A 20 -9.25 -4.99 -7.41
N VAL A 21 -9.08 -4.86 -6.08
CA VAL A 21 -10.26 -4.93 -5.20
C VAL A 21 -11.30 -3.89 -5.56
N ALA A 22 -10.88 -2.74 -6.11
CA ALA A 22 -11.87 -1.73 -6.47
C ALA A 22 -12.72 -2.20 -7.65
N LEU A 23 -12.11 -2.87 -8.63
CA LEU A 23 -12.86 -3.38 -9.76
C LEU A 23 -13.70 -4.59 -9.37
N LEU A 24 -13.17 -5.42 -8.45
CA LEU A 24 -13.91 -6.59 -7.99
C LEU A 24 -15.13 -6.17 -7.17
N GLU A 25 -15.00 -5.07 -6.42
CA GLU A 25 -16.14 -4.57 -5.65
C GLU A 25 -17.16 -3.90 -6.53
N LYS A 26 -16.71 -3.10 -7.51
CA LYS A 26 -17.65 -2.43 -8.40
C LYS A 26 -18.37 -3.43 -9.30
N PHE A 27 -17.66 -4.44 -9.83
CA PHE A 27 -18.21 -5.41 -10.76
C PHE A 27 -18.01 -6.82 -10.22
N PRO A 28 -18.72 -7.20 -9.17
CA PRO A 28 -18.57 -8.55 -8.63
C PRO A 28 -19.21 -9.56 -9.56
N ALA A 29 -18.70 -10.79 -9.50
CA ALA A 29 -19.28 -11.87 -10.28
C ALA A 29 -20.68 -12.18 -9.77
N THR A 30 -21.68 -12.12 -10.65
CA THR A 30 -23.01 -12.59 -10.30
C THR A 30 -22.96 -14.09 -10.08
N GLU A 31 -24.01 -14.62 -9.42
CA GLU A 31 -24.09 -16.07 -9.27
C GLU A 31 -24.00 -16.77 -10.63
N ASN A 32 -24.66 -16.19 -11.64
CA ASN A 32 -24.64 -16.77 -12.99
C ASN A 32 -23.23 -16.74 -13.57
N ALA A 33 -22.58 -15.57 -13.51
CA ALA A 33 -21.22 -15.46 -14.05
C ALA A 33 -20.27 -16.41 -13.34
N ALA A 34 -20.34 -16.46 -12.01
CA ALA A 34 -19.50 -17.39 -11.26
C ALA A 34 -19.74 -18.83 -11.71
N ASN A 35 -20.99 -19.21 -11.92
CA ASN A 35 -21.30 -20.57 -12.35
C ASN A 35 -20.76 -20.84 -13.75
N THR A 36 -20.89 -19.89 -14.67
CA THR A 36 -20.36 -20.07 -16.01
C THR A 36 -18.88 -20.40 -15.99
N VAL A 37 -18.11 -19.57 -15.27
CA VAL A 37 -16.66 -19.77 -15.18
C VAL A 37 -16.36 -21.13 -14.57
N ALA A 38 -17.05 -21.47 -13.49
CA ALA A 38 -16.73 -22.67 -12.74
C ALA A 38 -16.98 -23.92 -13.58
N HIS A 39 -18.12 -23.97 -14.27
CA HIS A 39 -18.45 -25.15 -15.04
C HIS A 39 -17.54 -25.29 -16.26
N ALA A 40 -17.20 -24.18 -16.90
CA ALA A 40 -16.35 -24.25 -18.09
C ALA A 40 -14.93 -24.66 -17.72
N ARG A 41 -14.40 -24.16 -16.60
CA ARG A 41 -13.09 -24.62 -16.17
C ARG A 41 -13.10 -26.12 -15.92
N LYS A 42 -14.12 -26.60 -15.19
CA LYS A 42 -14.23 -28.03 -14.94
C LYS A 42 -14.39 -28.82 -16.24
N ALA A 43 -15.18 -28.30 -17.19
CA ALA A 43 -15.37 -28.99 -18.45
C ALA A 43 -14.07 -29.14 -19.22
N ILE A 44 -13.26 -28.08 -19.22
CA ILE A 44 -12.00 -28.13 -19.95
C ILE A 44 -11.02 -29.06 -19.26
N HIS A 45 -10.99 -29.03 -17.93
CA HIS A 45 -10.16 -29.95 -17.17
C HIS A 45 -10.48 -31.40 -17.53
N LYS A 46 -11.78 -31.74 -17.59
CA LYS A 46 -12.18 -33.11 -17.92
C LYS A 46 -11.75 -33.48 -19.33
N ILE A 47 -11.87 -32.54 -20.27
CA ILE A 47 -11.35 -32.78 -21.62
C ILE A 47 -9.84 -33.04 -21.55
N LEU A 48 -9.10 -32.20 -20.81
CA LEU A 48 -7.65 -32.36 -20.79
C LEU A 48 -7.24 -33.65 -20.12
N LYS A 49 -8.03 -34.12 -19.15
CA LYS A 49 -7.76 -35.39 -18.47
C LYS A 49 -8.18 -36.60 -19.29
N GLY A 50 -8.76 -36.40 -20.47
CA GLY A 50 -9.20 -37.50 -21.33
C GLY A 50 -10.53 -38.11 -20.96
N ASN A 51 -11.32 -37.48 -20.08
CA ASN A 51 -12.58 -38.02 -19.61
C ASN A 51 -13.78 -37.38 -20.28
N ASP A 52 -13.56 -36.57 -21.31
CA ASP A 52 -14.63 -36.10 -22.16
C ASP A 52 -14.10 -36.01 -23.58
N ASP A 53 -14.87 -36.54 -24.53
CA ASP A 53 -14.45 -36.59 -25.91
C ASP A 53 -14.91 -35.38 -26.70
N ARG A 54 -15.40 -34.34 -26.02
CA ARG A 54 -15.81 -33.12 -26.67
C ARG A 54 -14.60 -32.25 -26.98
N LEU A 55 -14.79 -31.29 -27.88
CA LEU A 55 -13.74 -30.41 -28.36
C LEU A 55 -13.92 -29.02 -27.74
N LEU A 56 -12.88 -28.52 -27.07
CA LEU A 56 -12.87 -27.12 -26.67
C LEU A 56 -12.75 -26.25 -27.92
N VAL A 57 -13.63 -25.27 -28.07
CA VAL A 57 -13.56 -24.36 -29.20
C VAL A 57 -13.46 -22.94 -28.67
N VAL A 58 -12.29 -22.32 -28.83
CA VAL A 58 -12.10 -20.92 -28.43
C VAL A 58 -12.23 -20.07 -29.69
N ILE A 59 -13.26 -19.23 -29.75
CA ILE A 59 -13.61 -18.58 -31.01
C ILE A 59 -14.14 -17.18 -30.72
N GLY A 60 -13.71 -16.22 -31.54
CA GLY A 60 -14.13 -14.84 -31.38
C GLY A 60 -13.18 -13.86 -32.02
N PRO A 61 -13.43 -12.58 -31.79
CA PRO A 61 -12.66 -11.53 -32.48
C PRO A 61 -11.18 -11.63 -32.17
N CYS A 62 -10.36 -11.22 -33.15
CA CYS A 62 -8.94 -11.09 -32.91
C CYS A 62 -8.69 -10.23 -31.68
N SER A 63 -9.39 -9.10 -31.59
CA SER A 63 -9.36 -8.26 -30.41
C SER A 63 -10.68 -7.51 -30.30
N ILE A 64 -11.06 -7.20 -29.06
CA ILE A 64 -12.27 -6.43 -28.78
C ILE A 64 -11.95 -4.94 -28.83
N HIS A 65 -12.65 -4.21 -29.68
CA HIS A 65 -12.61 -2.76 -29.61
C HIS A 65 -13.96 -2.12 -29.34
N ASP A 66 -15.04 -2.85 -29.56
CA ASP A 66 -16.40 -2.34 -29.38
C ASP A 66 -17.19 -3.27 -28.47
N PRO A 67 -17.46 -2.88 -27.22
CA PRO A 67 -18.26 -3.74 -26.34
C PRO A 67 -19.65 -4.02 -26.87
N VAL A 68 -20.25 -3.12 -27.64
CA VAL A 68 -21.57 -3.37 -28.22
C VAL A 68 -21.50 -4.53 -29.21
N ALA A 69 -20.62 -4.42 -30.20
CA ALA A 69 -20.44 -5.50 -31.16
C ALA A 69 -20.03 -6.79 -30.47
N ALA A 70 -19.19 -6.70 -29.44
CA ALA A 70 -18.77 -7.90 -28.74
C ALA A 70 -19.94 -8.60 -28.08
N LYS A 71 -20.87 -7.83 -27.49
CA LYS A 71 -22.01 -8.47 -26.84
C LYS A 71 -23.04 -8.97 -27.85
N GLU A 72 -23.12 -8.34 -29.01
CA GLU A 72 -23.94 -8.93 -30.08
C GLU A 72 -23.35 -10.26 -30.53
N TYR A 73 -22.04 -10.29 -30.75
CA TYR A 73 -21.35 -11.52 -31.10
C TYR A 73 -21.55 -12.59 -30.04
N ALA A 74 -21.40 -12.23 -28.77
CA ALA A 74 -21.61 -13.19 -27.68
C ALA A 74 -23.01 -13.81 -27.72
N THR A 75 -24.03 -13.00 -28.05
CA THR A 75 -25.39 -13.54 -28.10
C THR A 75 -25.54 -14.56 -29.23
N ARG A 76 -25.05 -14.23 -30.42
CA ARG A 76 -25.06 -15.21 -31.51
C ARG A 76 -24.29 -16.48 -31.12
N LEU A 77 -23.12 -16.31 -30.50
CA LEU A 77 -22.30 -17.48 -30.20
C LEU A 77 -22.93 -18.34 -29.12
N LEU A 78 -23.59 -17.72 -28.13
CA LEU A 78 -24.25 -18.48 -27.07
C LEU A 78 -25.30 -19.43 -27.64
N ALA A 79 -25.97 -19.01 -28.72
CA ALA A 79 -26.95 -19.88 -29.35
C ALA A 79 -26.29 -21.15 -29.88
N LEU A 80 -25.16 -21.00 -30.57
CA LEU A 80 -24.48 -22.19 -31.06
C LEU A 80 -23.84 -22.98 -29.94
N ARG A 81 -23.35 -22.30 -28.90
CA ARG A 81 -22.78 -23.02 -27.75
C ARG A 81 -23.82 -23.96 -27.13
N GLU A 82 -25.05 -23.49 -26.99
CA GLU A 82 -26.05 -24.34 -26.36
C GLU A 82 -26.52 -25.41 -27.32
N GLU A 83 -26.61 -25.08 -28.61
CA GLU A 83 -27.07 -26.01 -29.63
C GLU A 83 -26.09 -27.17 -29.81
N LEU A 84 -24.78 -26.89 -29.80
CA LEU A 84 -23.77 -27.88 -30.13
C LEU A 84 -23.07 -28.43 -28.89
N LYS A 85 -23.66 -28.21 -27.71
CA LYS A 85 -23.00 -28.48 -26.44
C LYS A 85 -22.65 -29.95 -26.23
N ASP A 86 -23.30 -30.88 -26.94
CA ASP A 86 -22.97 -32.29 -26.73
C ASP A 86 -21.66 -32.67 -27.40
N GLU A 87 -21.18 -31.87 -28.35
CA GLU A 87 -19.96 -32.12 -29.11
C GLU A 87 -18.86 -31.12 -28.83
N LEU A 88 -19.20 -29.88 -28.47
CA LEU A 88 -18.23 -28.80 -28.34
C LEU A 88 -18.41 -28.03 -27.06
N GLU A 89 -17.29 -27.63 -26.46
CA GLU A 89 -17.27 -26.69 -25.34
C GLU A 89 -16.88 -25.34 -25.93
N ILE A 90 -17.87 -24.49 -26.20
CA ILE A 90 -17.64 -23.24 -26.91
C ILE A 90 -17.35 -22.13 -25.91
N VAL A 91 -16.22 -21.47 -26.11
CA VAL A 91 -15.73 -20.42 -25.22
C VAL A 91 -15.40 -19.22 -26.09
N MET A 92 -15.94 -18.05 -25.72
CA MET A 92 -15.69 -16.86 -26.53
C MET A 92 -14.30 -16.31 -26.27
N ARG A 93 -13.57 -16.07 -27.35
CA ARG A 93 -12.30 -15.37 -27.28
C ARG A 93 -12.56 -13.90 -26.97
N VAL A 94 -12.10 -13.46 -25.80
CA VAL A 94 -12.24 -12.06 -25.40
C VAL A 94 -10.84 -11.50 -25.14
N TYR A 95 -10.17 -11.13 -26.23
CA TYR A 95 -8.83 -10.58 -26.20
C TYR A 95 -8.94 -9.07 -26.37
N PHE A 96 -8.20 -8.33 -25.56
CA PHE A 96 -8.33 -6.88 -25.61
C PHE A 96 -7.23 -6.21 -26.40
N GLU A 97 -6.20 -6.95 -26.81
CA GLU A 97 -5.04 -6.36 -27.44
C GLU A 97 -4.51 -7.26 -28.54
N LYS A 98 -3.87 -6.65 -29.51
CA LYS A 98 -3.08 -7.39 -30.49
C LYS A 98 -1.61 -7.08 -30.23
N PRO A 99 -0.78 -8.05 -29.83
CA PRO A 99 0.65 -7.77 -29.66
C PRO A 99 1.29 -7.41 -31.00
N ARG A 100 2.01 -6.30 -31.00
CA ARG A 100 2.69 -5.83 -32.21
C ARG A 100 3.95 -5.04 -31.87
N GLY A 104 0.88 1.02 -32.94
CA GLY A 104 -0.53 0.79 -33.23
C GLY A 104 -1.45 1.07 -32.06
N TRP A 105 -2.72 0.73 -32.21
CA TRP A 105 -3.69 0.91 -31.13
C TRP A 105 -3.41 -0.10 -30.04
N LYS A 106 -3.15 0.38 -28.83
CA LYS A 106 -2.68 -0.48 -27.75
C LYS A 106 -3.77 -1.35 -27.14
N GLY A 107 -4.99 -1.32 -27.66
CA GLY A 107 -6.03 -2.20 -27.19
C GLY A 107 -6.99 -1.51 -26.22
N LEU A 108 -8.04 -2.25 -25.87
CA LEU A 108 -9.16 -1.64 -25.16
C LEU A 108 -8.79 -1.26 -23.73
N ILE A 109 -7.98 -2.09 -23.05
CA ILE A 109 -7.58 -1.77 -21.69
C ILE A 109 -6.62 -0.58 -21.67
N ASN A 110 -5.62 -0.61 -22.55
CA ASN A 110 -4.59 0.43 -22.52
C ASN A 110 -5.11 1.74 -23.09
N ASP A 111 -6.03 1.70 -24.05
CA ASP A 111 -6.56 2.92 -24.67
C ASP A 111 -7.99 2.69 -25.11
N PRO A 112 -8.93 2.67 -24.17
CA PRO A 112 -10.32 2.40 -24.53
C PRO A 112 -10.89 3.42 -25.50
N HIS A 113 -10.49 4.68 -25.38
CA HIS A 113 -11.07 5.72 -26.23
C HIS A 113 -10.40 5.82 -27.58
N MET A 114 -9.38 5.00 -27.82
CA MET A 114 -8.64 5.04 -29.11
C MET A 114 -8.22 6.48 -29.41
N ASP A 115 -7.23 7.00 -28.67
CA ASP A 115 -6.81 8.41 -28.84
C ASP A 115 -5.44 8.65 -28.16
N ASN A 116 -4.76 7.58 -27.74
CA ASN A 116 -3.44 7.69 -27.06
C ASN A 116 -3.60 8.44 -25.73
N SER A 117 -4.79 8.40 -25.14
CA SER A 117 -5.02 9.02 -23.81
C SER A 117 -4.61 8.04 -22.70
N PHE A 118 -4.49 6.75 -23.02
CA PHE A 118 -4.04 5.73 -22.08
C PHE A 118 -4.84 5.77 -20.78
N GLN A 119 -6.16 5.75 -20.92
CA GLN A 119 -7.08 5.77 -19.78
C GLN A 119 -7.28 4.36 -19.25
N ILE A 120 -6.19 3.82 -18.69
CA ILE A 120 -6.18 2.41 -18.32
C ILE A 120 -7.21 2.11 -17.23
N ASN A 121 -7.44 3.05 -16.31
CA ASN A 121 -8.47 2.83 -15.29
C ASN A 121 -9.84 2.67 -15.94
N ASP A 122 -10.14 3.51 -16.94
CA ASP A 122 -11.39 3.33 -17.68
C ASP A 122 -11.38 2.01 -18.43
N GLY A 123 -10.26 1.69 -19.08
CA GLY A 123 -10.19 0.47 -19.86
C GLY A 123 -10.40 -0.78 -19.01
N LEU A 124 -9.86 -0.80 -17.80
CA LEU A 124 -10.09 -1.92 -16.91
C LEU A 124 -11.55 -2.03 -16.53
N ARG A 125 -12.20 -0.89 -16.27
CA ARG A 125 -13.62 -0.91 -15.96
C ARG A 125 -14.41 -1.49 -17.12
N ILE A 126 -14.11 -1.02 -18.33
CA ILE A 126 -14.85 -1.47 -19.51
C ILE A 126 -14.60 -2.95 -19.76
N ALA A 127 -13.35 -3.39 -19.65
CA ALA A 127 -13.03 -4.79 -19.92
C ALA A 127 -13.68 -5.71 -18.89
N ARG A 128 -13.64 -5.33 -17.62
CA ARG A 128 -14.21 -6.22 -16.61
C ARG A 128 -15.73 -6.30 -16.76
N LYS A 129 -16.36 -5.16 -17.06
CA LYS A 129 -17.82 -5.12 -17.23
C LYS A 129 -18.24 -6.02 -18.38
N LEU A 130 -17.48 -5.98 -19.48
CA LEU A 130 -17.79 -6.81 -20.64
C LEU A 130 -17.63 -8.29 -20.31
N LEU A 131 -16.51 -8.65 -19.68
CA LEU A 131 -16.32 -10.03 -19.24
C LEU A 131 -17.45 -10.46 -18.32
N LEU A 132 -17.86 -9.59 -17.40
CA LEU A 132 -18.92 -9.95 -16.47
C LEU A 132 -20.23 -10.18 -17.21
N ASP A 133 -20.57 -9.26 -18.13
CA ASP A 133 -21.80 -9.37 -18.89
C ASP A 133 -21.83 -10.65 -19.73
N ILE A 134 -20.71 -10.99 -20.37
CA ILE A 134 -20.68 -12.19 -21.21
C ILE A 134 -20.84 -13.44 -20.34
N ASN A 135 -20.12 -13.50 -19.23
CA ASN A 135 -20.25 -14.66 -18.34
C ASN A 135 -21.63 -14.74 -17.71
N ASP A 136 -22.23 -13.59 -17.37
CA ASP A 136 -23.54 -13.61 -16.76
C ASP A 136 -24.59 -14.20 -17.70
N SER A 137 -24.43 -13.96 -19.00
CA SER A 137 -25.34 -14.53 -20.00
C SER A 137 -25.18 -16.03 -20.15
N GLY A 138 -24.10 -16.62 -19.63
CA GLY A 138 -23.85 -18.05 -19.72
C GLY A 138 -22.75 -18.44 -20.68
N LEU A 139 -22.09 -17.49 -21.34
CA LEU A 139 -21.02 -17.80 -22.29
C LEU A 139 -19.67 -17.64 -21.58
N PRO A 140 -18.86 -18.68 -21.49
CA PRO A 140 -17.52 -18.51 -20.90
C PRO A 140 -16.62 -17.71 -21.82
N ALA A 141 -15.54 -17.17 -21.24
CA ALA A 141 -14.60 -16.34 -21.95
C ALA A 141 -13.18 -16.87 -21.82
N ALA A 142 -12.39 -16.62 -22.86
CA ALA A 142 -10.98 -16.97 -22.91
C ALA A 142 -10.17 -15.70 -23.07
N GLY A 143 -9.06 -15.59 -22.33
CA GLY A 143 -8.24 -14.41 -22.33
C GLY A 143 -6.82 -14.72 -22.76
N GLU A 144 -6.06 -13.66 -23.05
CA GLU A 144 -4.64 -13.75 -23.31
C GLU A 144 -3.94 -13.04 -22.16
N PHE A 145 -2.90 -13.69 -21.61
CA PHE A 145 -2.17 -13.19 -20.45
C PHE A 145 -0.87 -12.63 -20.96
N LEU A 146 -0.82 -11.30 -21.12
CA LEU A 146 0.35 -10.63 -21.67
C LEU A 146 1.24 -10.02 -20.60
N ASP A 147 0.72 -9.72 -19.42
CA ASP A 147 1.50 -9.06 -18.40
C ASP A 147 1.09 -9.62 -17.04
N MET A 148 1.75 -9.15 -16.00
CA MET A 148 1.61 -9.72 -14.67
C MET A 148 0.63 -8.97 -13.80
N ILE A 149 0.15 -7.82 -14.23
CA ILE A 149 -0.69 -6.98 -13.38
C ILE A 149 -2.16 -7.05 -13.80
N THR A 150 -2.44 -6.96 -15.09
CA THR A 150 -3.84 -6.98 -15.53
C THR A 150 -4.60 -8.27 -15.17
N PRO A 151 -4.00 -9.47 -15.14
CA PRO A 151 -4.81 -10.65 -14.80
C PRO A 151 -5.52 -10.56 -13.45
N GLN A 152 -4.95 -9.89 -12.45
CA GLN A 152 -5.64 -9.75 -11.18
C GLN A 152 -7.00 -9.08 -11.30
N TYR A 153 -7.21 -8.27 -12.35
CA TYR A 153 -8.49 -7.57 -12.51
C TYR A 153 -9.53 -8.40 -13.23
N LEU A 154 -9.11 -9.45 -13.92
CA LEU A 154 -9.98 -10.12 -14.89
C LEU A 154 -10.01 -11.64 -14.79
N ALA A 155 -9.02 -12.29 -14.17
CA ALA A 155 -8.87 -13.73 -14.35
C ALA A 155 -10.00 -14.53 -13.68
N ASP A 156 -10.71 -13.95 -12.72
CA ASP A 156 -11.81 -14.67 -12.10
C ASP A 156 -12.96 -14.85 -13.08
N LEU A 157 -12.94 -14.13 -14.19
CA LEU A 157 -13.97 -14.21 -15.22
C LEU A 157 -13.47 -14.94 -16.46
N MET A 158 -12.31 -15.60 -16.34
CA MET A 158 -11.74 -16.33 -17.48
CA MET A 158 -11.71 -16.34 -17.49
C MET A 158 -11.77 -17.86 -17.25
N SER A 159 -12.30 -18.55 -18.27
CA SER A 159 -12.32 -20.00 -18.14
C SER A 159 -11.13 -20.68 -18.81
N TRP A 160 -10.33 -19.95 -19.58
CA TRP A 160 -9.19 -20.49 -20.29
C TRP A 160 -8.33 -19.29 -20.69
N GLY A 161 -7.03 -19.50 -20.80
CA GLY A 161 -6.18 -18.41 -21.24
C GLY A 161 -5.00 -18.92 -22.04
N ALA A 162 -4.49 -18.06 -22.92
CA ALA A 162 -3.26 -18.34 -23.67
C ALA A 162 -2.15 -17.41 -23.20
N ILE A 163 -0.94 -17.93 -23.14
CA ILE A 163 0.26 -17.11 -22.94
C ILE A 163 0.70 -16.59 -24.30
N GLY A 164 1.04 -15.31 -24.37
CA GLY A 164 1.48 -14.74 -25.64
C GLY A 164 2.60 -15.53 -26.26
N ALA A 165 2.61 -15.66 -27.60
CA ALA A 165 3.66 -16.41 -28.25
C ALA A 165 5.04 -15.82 -27.98
N ARG A 166 5.11 -14.50 -27.83
CA ARG A 166 6.39 -13.84 -27.57
C ARG A 166 6.89 -14.08 -26.14
N THR A 167 6.10 -14.72 -25.28
CA THR A 167 6.49 -14.92 -23.89
C THR A 167 6.41 -16.37 -23.43
N THR A 168 6.18 -17.32 -24.35
CA THR A 168 6.23 -18.74 -24.00
C THR A 168 7.51 -19.11 -23.25
N GLU A 169 8.61 -18.47 -23.61
CA GLU A 169 9.91 -18.84 -23.10
C GLU A 169 10.24 -18.12 -21.80
N SER A 170 9.41 -17.17 -21.40
CA SER A 170 9.71 -16.27 -20.29
C SER A 170 9.39 -16.89 -18.94
N GLN A 171 10.37 -16.87 -18.02
CA GLN A 171 10.16 -17.45 -16.71
C GLN A 171 9.04 -16.74 -15.97
N VAL A 172 8.94 -15.41 -16.13
CA VAL A 172 7.92 -14.70 -15.36
C VAL A 172 6.52 -15.08 -15.86
N HIS A 173 6.35 -15.36 -17.15
CA HIS A 173 5.02 -15.76 -17.62
C HIS A 173 4.72 -17.22 -17.31
N ARG A 174 5.74 -18.08 -17.25
CA ARG A 174 5.51 -19.44 -16.77
C ARG A 174 5.13 -19.46 -15.30
N GLU A 175 5.80 -18.62 -14.49
CA GLU A 175 5.40 -18.45 -13.09
C GLU A 175 3.94 -18.03 -12.96
N LEU A 176 3.53 -17.00 -13.73
CA LEU A 176 2.14 -16.57 -13.73
C LEU A 176 1.21 -17.73 -14.00
N ALA A 177 1.50 -18.51 -15.04
CA ALA A 177 0.61 -19.62 -15.40
C ALA A 177 0.49 -20.63 -14.27
N SER A 178 1.58 -20.83 -13.52
CA SER A 178 1.59 -21.84 -12.47
C SER A 178 0.62 -21.52 -11.36
N GLY A 179 0.15 -20.26 -11.29
CA GLY A 179 -0.79 -19.84 -10.27
C GLY A 179 -2.16 -19.44 -10.79
N LEU A 180 -2.42 -19.59 -12.09
CA LEU A 180 -3.72 -19.21 -12.63
C LEU A 180 -4.76 -20.27 -12.30
N SER A 181 -6.01 -19.83 -12.09
CA SER A 181 -7.07 -20.76 -11.72
C SER A 181 -7.70 -21.44 -12.93
N CYS A 182 -7.36 -21.03 -14.14
CA CYS A 182 -7.92 -21.60 -15.35
C CYS A 182 -6.86 -22.40 -16.10
N PRO A 183 -7.28 -23.27 -17.02
CA PRO A 183 -6.30 -23.91 -17.91
C PRO A 183 -5.60 -22.89 -18.79
N VAL A 184 -4.40 -23.25 -19.25
CA VAL A 184 -3.54 -22.34 -20.00
C VAL A 184 -2.96 -23.04 -21.23
N GLY A 185 -3.00 -22.37 -22.37
CA GLY A 185 -2.35 -22.87 -23.59
C GLY A 185 -1.04 -22.13 -23.84
N PHE A 186 -0.04 -22.88 -24.30
CA PHE A 186 1.28 -22.35 -24.65
C PHE A 186 1.52 -22.63 -26.12
N LYS A 187 1.81 -21.59 -26.89
CA LYS A 187 2.01 -21.73 -28.33
C LYS A 187 3.39 -22.28 -28.67
N ASN A 188 3.47 -23.03 -29.77
CA ASN A 188 4.75 -23.53 -30.23
C ASN A 188 5.64 -22.37 -30.70
N GLY A 189 6.91 -22.69 -30.96
CA GLY A 189 7.84 -21.66 -31.35
C GLY A 189 7.60 -21.12 -32.74
N THR A 190 8.15 -19.93 -32.99
CA THR A 190 8.00 -19.28 -34.30
C THR A 190 8.48 -20.18 -35.43
N ASP A 191 9.51 -20.99 -35.19
CA ASP A 191 10.00 -21.91 -36.21
C ASP A 191 9.20 -23.21 -36.27
N GLY A 192 8.09 -23.30 -35.53
CA GLY A 192 7.24 -24.47 -35.51
C GLY A 192 7.64 -25.54 -34.51
N THR A 193 8.77 -25.38 -33.85
CA THR A 193 9.21 -26.38 -32.87
C THR A 193 8.41 -26.24 -31.57
N ILE A 194 8.40 -27.32 -30.79
CA ILE A 194 7.56 -27.40 -29.61
C ILE A 194 8.37 -27.42 -28.33
N LYS A 195 9.70 -27.43 -28.42
CA LYS A 195 10.56 -27.54 -27.23
C LYS A 195 10.23 -26.46 -26.21
N VAL A 196 10.14 -25.21 -26.65
CA VAL A 196 9.88 -24.13 -25.69
C VAL A 196 8.52 -24.30 -25.04
N ALA A 197 7.53 -24.79 -25.79
CA ALA A 197 6.20 -24.98 -25.24
C ALA A 197 6.17 -26.16 -24.26
N ILE A 198 6.90 -27.23 -24.56
CA ILE A 198 7.03 -28.34 -23.62
C ILE A 198 7.72 -27.86 -22.33
N ASP A 199 8.81 -27.11 -22.48
CA ASP A 199 9.47 -26.50 -21.32
C ASP A 199 8.49 -25.66 -20.51
N ALA A 200 7.67 -24.87 -21.19
CA ALA A 200 6.70 -24.01 -20.50
C ALA A 200 5.66 -24.83 -19.75
N ILE A 201 5.15 -25.90 -20.36
CA ILE A 201 4.17 -26.73 -19.66
C ILE A 201 4.79 -27.36 -18.42
N ASN A 202 6.01 -27.88 -18.55
CA ASN A 202 6.69 -28.44 -17.39
C ASN A 202 6.92 -27.38 -16.32
N ALA A 203 7.38 -26.19 -16.73
CA ALA A 203 7.59 -25.12 -15.75
C ALA A 203 6.30 -24.73 -15.05
N ALA A 204 5.22 -24.50 -15.83
CA ALA A 204 3.95 -24.06 -15.26
C ALA A 204 3.32 -25.13 -14.38
N GLY A 205 3.69 -26.39 -14.57
CA GLY A 205 3.17 -27.48 -13.74
C GLY A 205 3.76 -27.55 -12.34
N ALA A 206 4.87 -26.88 -12.12
CA ALA A 206 5.57 -26.95 -10.84
C ALA A 206 5.16 -25.79 -9.94
N PRO A 207 5.27 -25.93 -8.62
CA PRO A 207 5.04 -24.78 -7.74
C PRO A 207 6.21 -23.82 -7.84
N HIS A 208 5.89 -22.53 -7.73
CA HIS A 208 6.88 -21.46 -7.78
C HIS A 208 6.67 -20.50 -6.64
N CYS A 209 7.74 -19.80 -6.28
CA CYS A 209 7.69 -18.68 -5.35
C CYS A 209 8.25 -17.46 -6.06
N PHE A 210 7.49 -16.38 -6.10
CA PHE A 210 7.93 -15.21 -6.85
C PHE A 210 7.20 -13.99 -6.35
N LEU A 211 7.65 -12.82 -6.80
CA LEU A 211 7.02 -11.56 -6.45
C LEU A 211 5.89 -11.25 -7.41
N SER A 212 4.78 -10.73 -6.86
CA SER A 212 3.59 -10.42 -7.66
C SER A 212 2.81 -9.32 -6.96
N VAL A 213 1.83 -8.75 -7.67
CA VAL A 213 0.95 -7.72 -7.11
C VAL A 213 -0.36 -8.37 -6.68
N THR A 214 -0.77 -8.10 -5.45
CA THR A 214 -2.00 -8.69 -4.91
C THR A 214 -3.24 -7.92 -5.36
N LYS A 215 -4.41 -8.43 -5.02
CA LYS A 215 -5.63 -7.70 -5.32
C LYS A 215 -5.70 -6.35 -4.60
N TRP A 216 -4.82 -6.11 -3.63
CA TRP A 216 -4.78 -4.83 -2.94
C TRP A 216 -3.93 -3.81 -3.67
N GLY A 217 -3.29 -4.20 -4.77
CA GLY A 217 -2.40 -3.31 -5.47
C GLY A 217 -1.04 -3.18 -4.82
N HIS A 218 -0.65 -4.13 -3.98
CA HIS A 218 0.64 -4.12 -3.31
C HIS A 218 1.47 -5.31 -3.77
N SER A 219 2.77 -5.10 -3.91
CA SER A 219 3.62 -6.23 -4.23
C SER A 219 3.74 -7.13 -3.00
N ALA A 220 3.91 -8.43 -3.24
CA ALA A 220 3.99 -9.42 -2.18
C ALA A 220 4.74 -10.63 -2.70
N ILE A 221 5.07 -11.53 -1.77
CA ILE A 221 5.64 -12.83 -2.12
C ILE A 221 4.50 -13.82 -2.28
N VAL A 222 4.43 -14.48 -3.43
CA VAL A 222 3.38 -15.46 -3.69
C VAL A 222 4.00 -16.83 -3.93
N ASN A 223 3.34 -17.85 -3.39
CA ASN A 223 3.67 -19.24 -3.66
C ASN A 223 2.50 -19.85 -4.41
N THR A 224 2.79 -20.52 -5.53
CA THR A 224 1.77 -21.16 -6.34
C THR A 224 1.83 -22.68 -6.19
N SER A 225 0.76 -23.35 -6.61
CA SER A 225 0.72 -24.81 -6.54
C SER A 225 1.30 -25.47 -7.78
N GLY A 226 1.40 -24.76 -8.90
CA GLY A 226 1.59 -25.44 -10.16
C GLY A 226 0.27 -25.74 -10.82
N ASN A 227 0.26 -25.68 -12.14
CA ASN A 227 -0.96 -25.77 -12.92
C ASN A 227 -0.86 -26.96 -13.86
N GLY A 228 -1.59 -28.04 -13.56
CA GLY A 228 -1.55 -29.21 -14.41
C GLY A 228 -2.39 -29.11 -15.67
N ASP A 229 -3.22 -28.09 -15.76
CA ASP A 229 -4.14 -27.92 -16.90
C ASP A 229 -3.51 -27.07 -18.00
N CYS A 230 -2.27 -27.37 -18.37
CA CYS A 230 -1.59 -26.67 -19.44
C CYS A 230 -1.41 -27.60 -20.64
N HIS A 231 -1.51 -27.02 -21.83
CA HIS A 231 -1.39 -27.79 -23.06
C HIS A 231 -0.77 -26.91 -24.14
N ILE A 232 -0.38 -27.56 -25.24
CA ILE A 232 0.26 -26.86 -26.35
C ILE A 232 -0.81 -26.30 -27.29
N ILE A 233 -0.50 -25.17 -27.93
CA ILE A 233 -1.27 -24.62 -29.03
C ILE A 233 -0.40 -24.65 -30.26
N LEU A 234 -0.87 -25.31 -31.32
CA LEU A 234 -0.11 -25.36 -32.59
C LEU A 234 -0.57 -24.16 -33.43
N ARG A 235 0.36 -23.27 -33.76
CA ARG A 235 -0.01 -22.02 -34.47
C ARG A 235 0.86 -21.88 -35.72
N GLY A 236 1.54 -22.95 -36.08
CA GLY A 236 2.37 -22.95 -37.27
C GLY A 236 3.77 -22.43 -37.05
N GLY A 237 4.66 -22.72 -38.00
CA GLY A 237 6.01 -22.15 -37.97
C GLY A 237 6.19 -21.45 -39.28
N LYS A 238 7.30 -21.69 -39.97
CA LYS A 238 7.40 -21.14 -41.32
C LYS A 238 6.32 -21.73 -42.21
N GLU A 239 5.92 -22.97 -41.95
CA GLU A 239 4.83 -23.65 -42.64
C GLU A 239 3.72 -24.01 -41.65
N PRO A 240 2.50 -24.24 -42.12
CA PRO A 240 1.44 -24.69 -41.22
C PRO A 240 1.77 -26.05 -40.62
N ASN A 241 1.30 -26.28 -39.39
CA ASN A 241 1.57 -27.51 -38.68
C ASN A 241 0.29 -28.10 -38.11
N TYR A 242 -0.81 -28.00 -38.86
CA TYR A 242 -2.08 -28.59 -38.45
C TYR A 242 -2.30 -29.98 -39.04
N SER A 243 -1.50 -30.40 -40.03
CA SER A 243 -1.76 -31.65 -40.73
C SER A 243 -1.56 -32.86 -39.82
N ALA A 244 -2.09 -33.99 -40.26
CA ALA A 244 -2.00 -35.21 -39.45
C ALA A 244 -0.55 -35.61 -39.23
N LYS A 245 0.32 -35.32 -40.19
CA LYS A 245 1.73 -35.65 -40.03
C LYS A 245 2.35 -34.83 -38.90
N HIS A 246 2.08 -33.52 -38.88
CA HIS A 246 2.62 -32.67 -37.82
C HIS A 246 2.03 -33.01 -36.47
N VAL A 247 0.73 -33.36 -36.42
CA VAL A 247 0.12 -33.74 -35.16
C VAL A 247 0.77 -35.00 -34.62
N ALA A 248 1.03 -35.97 -35.50
CA ALA A 248 1.73 -37.17 -35.07
C ALA A 248 3.11 -36.84 -34.52
N GLU A 249 3.84 -35.94 -35.18
CA GLU A 249 5.16 -35.53 -34.70
C GLU A 249 5.06 -34.90 -33.32
N VAL A 250 4.12 -33.97 -33.14
CA VAL A 250 3.94 -33.29 -31.86
C VAL A 250 3.55 -34.29 -30.77
N LYS A 251 2.68 -35.25 -31.12
CA LYS A 251 2.24 -36.24 -30.14
C LYS A 251 3.40 -37.10 -29.65
N GLU A 252 4.30 -37.48 -30.56
CA GLU A 252 5.46 -38.27 -30.14
C GLU A 252 6.39 -37.45 -29.25
N GLY A 253 6.62 -36.18 -29.62
CA GLY A 253 7.45 -35.32 -28.78
C GLY A 253 6.85 -35.07 -27.42
N LEU A 254 5.52 -34.93 -27.34
CA LEU A 254 4.87 -34.82 -26.05
C LEU A 254 5.04 -36.11 -25.25
N ASN A 255 4.77 -37.25 -25.89
CA ASN A 255 4.95 -38.54 -25.22
C ASN A 255 6.38 -38.71 -24.73
N LYS A 256 7.37 -38.42 -25.59
CA LYS A 256 8.77 -38.52 -25.20
C LYS A 256 9.06 -37.68 -23.95
N ALA A 257 8.40 -36.53 -23.83
CA ALA A 257 8.59 -35.65 -22.67
C ALA A 257 7.73 -36.05 -21.47
N GLY A 258 7.00 -37.16 -21.55
CA GLY A 258 6.15 -37.55 -20.44
C GLY A 258 4.92 -36.68 -20.23
N LEU A 259 4.46 -36.00 -21.28
CA LEU A 259 3.27 -35.16 -21.17
C LEU A 259 2.14 -35.77 -21.99
N PRO A 260 0.89 -35.47 -21.62
CA PRO A 260 -0.26 -35.97 -22.40
C PRO A 260 -0.15 -35.55 -23.85
N ALA A 261 -0.38 -36.52 -24.75
CA ALA A 261 -0.29 -36.27 -26.20
C ALA A 261 -1.60 -35.64 -26.65
N GLN A 262 -1.74 -34.35 -26.36
CA GLN A 262 -2.92 -33.56 -26.70
C GLN A 262 -2.47 -32.21 -27.27
N VAL A 263 -3.27 -31.67 -28.18
CA VAL A 263 -2.97 -30.40 -28.81
C VAL A 263 -4.26 -29.59 -28.98
N MET A 264 -4.11 -28.27 -28.94
CA MET A 264 -5.06 -27.34 -29.52
C MET A 264 -4.44 -26.79 -30.79
N ILE A 265 -5.24 -26.67 -31.86
CA ILE A 265 -4.78 -26.19 -33.14
C ILE A 265 -5.40 -24.82 -33.39
N ASP A 266 -4.55 -23.82 -33.58
CA ASP A 266 -4.97 -22.48 -33.94
C ASP A 266 -5.15 -22.42 -35.46
N PHE A 267 -6.39 -22.15 -35.91
CA PHE A 267 -6.66 -22.14 -37.34
C PHE A 267 -6.10 -20.91 -38.03
N SER A 268 -5.78 -19.87 -37.26
CA SER A 268 -5.48 -18.58 -37.81
C SER A 268 -3.98 -18.41 -37.95
N HIS A 269 -3.54 -17.18 -38.22
CA HIS A 269 -2.13 -16.78 -38.18
C HIS A 269 -1.36 -17.62 -39.20
N ALA A 270 -0.26 -18.27 -38.82
CA ALA A 270 0.56 -19.00 -39.79
C ALA A 270 -0.08 -20.30 -40.26
N ASN A 271 -1.05 -20.83 -39.53
CA ASN A 271 -1.71 -22.05 -40.00
C ASN A 271 -2.68 -21.75 -41.13
N SER A 272 -3.26 -20.56 -41.13
CA SER A 272 -4.09 -20.09 -42.23
C SER A 272 -3.28 -19.36 -43.30
N SER A 273 -1.96 -19.41 -43.19
CA SER A 273 -1.08 -18.66 -44.11
C SER A 273 -1.52 -17.19 -44.19
N LYS A 274 -1.92 -16.60 -43.06
CA LYS A 274 -2.25 -15.15 -43.00
C LYS A 274 -3.49 -14.83 -43.84
N GLN A 275 -4.21 -15.85 -44.26
CA GLN A 275 -5.42 -15.65 -45.09
C GLN A 275 -6.61 -16.10 -44.26
N PHE A 276 -7.42 -15.15 -43.79
CA PHE A 276 -8.54 -15.46 -42.86
C PHE A 276 -9.47 -16.55 -43.42
N LYS A 277 -9.74 -16.53 -44.72
CA LYS A 277 -10.65 -17.54 -45.27
C LYS A 277 -10.02 -18.93 -45.22
N LYS A 278 -8.68 -19.01 -45.20
CA LYS A 278 -8.01 -20.31 -45.08
C LYS A 278 -8.29 -21.00 -43.75
N GLN A 279 -8.86 -20.27 -42.77
CA GLN A 279 -9.27 -20.92 -41.54
C GLN A 279 -10.29 -22.02 -41.82
N MET A 280 -11.15 -21.83 -42.82
CA MET A 280 -12.10 -22.88 -43.19
C MET A 280 -11.37 -24.07 -43.79
N ASP A 281 -10.19 -23.83 -44.38
CA ASP A 281 -9.42 -24.91 -44.97
C ASP A 281 -8.77 -25.76 -43.88
N VAL A 282 -8.15 -25.11 -42.89
CA VAL A 282 -7.66 -25.82 -41.71
C VAL A 282 -8.80 -26.59 -41.07
N CYS A 283 -9.99 -25.96 -41.00
CA CYS A 283 -11.14 -26.63 -40.40
C CYS A 283 -11.46 -27.93 -41.11
N ALA A 284 -11.51 -27.90 -42.45
CA ALA A 284 -11.82 -29.13 -43.19
C ALA A 284 -10.78 -30.21 -42.91
N ASP A 285 -9.50 -29.83 -42.89
CA ASP A 285 -8.43 -30.80 -42.63
C ASP A 285 -8.50 -31.32 -41.20
N VAL A 286 -8.73 -30.44 -40.23
CA VAL A 286 -8.79 -30.87 -38.84
C VAL A 286 -10.04 -31.71 -38.59
N CYS A 287 -11.15 -31.37 -39.25
CA CYS A 287 -12.37 -32.18 -39.13
C CYS A 287 -12.15 -33.60 -39.64
N GLN A 288 -11.45 -33.73 -40.77
CA GLN A 288 -11.10 -35.05 -41.28
C GLN A 288 -10.33 -35.86 -40.25
N GLN A 289 -9.32 -35.24 -39.63
CA GLN A 289 -8.54 -35.95 -38.62
C GLN A 289 -9.42 -36.39 -37.45
N ILE A 290 -10.25 -35.47 -36.95
CA ILE A 290 -11.12 -35.80 -35.83
C ILE A 290 -12.11 -36.87 -36.23
N ALA A 291 -12.82 -36.65 -37.35
CA ALA A 291 -13.81 -37.63 -37.81
C ALA A 291 -13.15 -38.98 -38.07
N GLY A 292 -11.92 -38.96 -38.57
CA GLY A 292 -11.16 -40.18 -38.78
C GLY A 292 -10.70 -40.87 -37.51
N GLY A 293 -10.87 -40.24 -36.36
CA GLY A 293 -10.54 -40.86 -35.07
C GLY A 293 -9.43 -40.21 -34.26
N GLU A 294 -8.89 -39.07 -34.69
CA GLU A 294 -7.79 -38.44 -33.95
C GLU A 294 -8.29 -37.95 -32.59
N LYS A 295 -7.92 -38.64 -31.51
CA LYS A 295 -8.34 -38.21 -30.19
C LYS A 295 -7.45 -37.13 -29.58
N ALA A 296 -6.27 -36.88 -30.16
CA ALA A 296 -5.32 -35.98 -29.53
C ALA A 296 -5.67 -34.51 -29.71
N ILE A 297 -6.52 -34.18 -30.68
CA ILE A 297 -6.94 -32.80 -30.91
C ILE A 297 -8.06 -32.50 -29.91
N ILE A 298 -7.72 -31.79 -28.84
CA ILE A 298 -8.68 -31.51 -27.77
C ILE A 298 -9.27 -30.12 -27.86
N GLY A 299 -8.75 -29.26 -28.73
CA GLY A 299 -9.27 -27.92 -28.85
C GLY A 299 -8.85 -27.28 -30.14
N VAL A 300 -9.54 -26.20 -30.50
CA VAL A 300 -9.16 -25.38 -31.64
C VAL A 300 -9.36 -23.92 -31.27
N MET A 301 -8.68 -23.05 -32.05
CA MET A 301 -8.81 -21.61 -31.86
C MET A 301 -9.07 -20.93 -33.23
N VAL A 302 -10.10 -20.09 -33.26
CA VAL A 302 -10.61 -19.52 -34.50
C VAL A 302 -10.82 -18.03 -34.30
N GLU A 303 -10.38 -17.23 -35.27
CA GLU A 303 -10.57 -15.78 -35.22
C GLU A 303 -11.78 -15.42 -36.07
N SER A 304 -12.82 -14.89 -35.41
CA SER A 304 -14.15 -14.79 -35.97
C SER A 304 -14.83 -13.52 -35.48
N HIS A 305 -15.61 -12.86 -36.33
CA HIS A 305 -16.33 -11.70 -35.85
C HIS A 305 -17.70 -11.69 -36.55
N LEU A 306 -18.49 -10.63 -36.32
CA LEU A 306 -19.77 -10.51 -37.01
C LEU A 306 -19.57 -10.41 -38.51
N VAL A 307 -18.63 -9.56 -38.94
CA VAL A 307 -18.38 -9.29 -40.35
C VAL A 307 -16.92 -9.64 -40.66
N GLU A 308 -16.70 -10.27 -41.80
CA GLU A 308 -15.38 -10.79 -42.14
C GLU A 308 -14.43 -9.67 -42.55
N GLY A 309 -13.14 -9.98 -42.56
CA GLY A 309 -12.12 -9.03 -42.98
C GLY A 309 -11.54 -8.26 -41.80
N ASN A 310 -11.00 -7.08 -42.10
CA ASN A 310 -10.48 -6.19 -41.06
C ASN A 310 -10.59 -4.75 -41.53
N GLN A 311 -10.11 -3.83 -40.71
CA GLN A 311 -10.24 -2.38 -40.96
C GLN A 311 -8.99 -1.70 -40.45
N SER A 312 -8.87 -0.41 -40.75
CA SER A 312 -7.74 0.41 -40.23
C SER A 312 -8.29 1.67 -39.58
N LEU A 313 -7.83 1.98 -38.37
CA LEU A 313 -8.27 3.20 -37.65
C LEU A 313 -7.91 4.46 -38.46
N LEU A 319 -14.81 2.40 -37.20
CA LEU A 319 -15.53 2.80 -38.43
C LEU A 319 -16.70 1.85 -38.68
N ALA A 320 -16.54 0.89 -39.60
CA ALA A 320 -17.58 -0.14 -39.80
C ALA A 320 -17.84 -0.91 -38.50
N TYR A 321 -19.03 -1.44 -38.34
CA TYR A 321 -19.47 -2.13 -37.13
C TYR A 321 -19.22 -3.63 -37.23
N GLY A 322 -18.80 -4.22 -36.11
CA GLY A 322 -18.62 -5.65 -36.05
C GLY A 322 -17.55 -6.20 -36.96
N LYS A 323 -16.62 -5.35 -37.40
CA LYS A 323 -15.53 -5.73 -38.27
C LYS A 323 -14.23 -5.45 -37.55
N SER A 324 -13.34 -6.45 -37.51
CA SER A 324 -12.09 -6.33 -36.77
C SER A 324 -11.30 -5.11 -37.22
N ILE A 325 -10.75 -4.38 -36.26
CA ILE A 325 -9.80 -3.32 -36.56
C ILE A 325 -8.36 -3.79 -36.33
N THR A 326 -8.14 -5.09 -36.20
CA THR A 326 -6.79 -5.65 -36.16
C THR A 326 -6.65 -6.70 -37.24
N ASP A 327 -6.43 -7.96 -36.86
CA ASP A 327 -6.29 -9.03 -37.85
C ASP A 327 -7.64 -9.44 -38.41
N ALA A 328 -7.62 -9.96 -39.63
CA ALA A 328 -8.85 -10.32 -40.32
C ALA A 328 -9.45 -11.62 -39.78
N CYS A 329 -10.78 -11.66 -39.70
CA CYS A 329 -11.50 -12.81 -39.16
C CYS A 329 -12.53 -13.30 -40.17
N ILE A 330 -12.96 -14.56 -39.99
CA ILE A 330 -14.14 -15.01 -40.71
C ILE A 330 -15.35 -14.27 -40.16
N GLY A 331 -16.36 -14.08 -41.02
CA GLY A 331 -17.61 -13.47 -40.63
C GLY A 331 -18.58 -14.50 -40.07
N TRP A 332 -19.80 -14.04 -39.78
CA TRP A 332 -20.70 -14.89 -39.00
C TRP A 332 -21.19 -16.11 -39.78
N GLU A 333 -21.42 -15.99 -41.10
CA GLU A 333 -21.96 -17.16 -41.79
C GLU A 333 -20.94 -18.31 -41.83
N ASP A 334 -19.66 -17.99 -42.08
CA ASP A 334 -18.61 -19.01 -42.01
C ASP A 334 -18.46 -19.56 -40.59
N THR A 335 -18.61 -18.69 -39.59
CA THR A 335 -18.51 -19.13 -38.19
C THR A 335 -19.56 -20.18 -37.88
N ASP A 336 -20.81 -19.96 -38.32
CA ASP A 336 -21.86 -20.94 -38.09
C ASP A 336 -21.51 -22.25 -38.79
N ALA A 337 -21.05 -22.18 -40.04
CA ALA A 337 -20.68 -23.38 -40.78
C ALA A 337 -19.49 -24.09 -40.12
N LEU A 338 -18.46 -23.32 -39.76
CA LEU A 338 -17.28 -23.90 -39.14
C LEU A 338 -17.64 -24.67 -37.87
N LEU A 339 -18.46 -24.07 -37.00
CA LEU A 339 -18.80 -24.72 -35.75
C LEU A 339 -19.60 -26.00 -35.97
N ARG A 340 -20.43 -26.02 -37.01
CA ARG A 340 -21.23 -27.21 -37.28
C ARG A 340 -20.35 -28.32 -37.86
N GLN A 341 -19.39 -27.95 -38.70
CA GLN A 341 -18.42 -28.93 -39.21
C GLN A 341 -17.66 -29.60 -38.08
N LEU A 342 -17.16 -28.81 -37.11
CA LEU A 342 -16.44 -29.40 -35.99
C LEU A 342 -17.35 -30.31 -35.18
N ALA A 343 -18.60 -29.88 -34.96
CA ALA A 343 -19.52 -30.68 -34.17
C ALA A 343 -19.81 -32.02 -34.86
N ASN A 344 -19.96 -31.99 -36.18
CA ASN A 344 -20.18 -33.25 -36.90
C ASN A 344 -18.95 -34.15 -36.82
N ALA A 345 -17.76 -33.57 -36.90
CA ALA A 345 -16.54 -34.37 -36.78
C ALA A 345 -16.45 -35.04 -35.41
N VAL A 346 -16.72 -34.30 -34.33
CA VAL A 346 -16.73 -34.90 -32.99
C VAL A 346 -17.73 -36.04 -32.92
N LYS A 347 -18.91 -35.85 -33.52
CA LYS A 347 -19.92 -36.90 -33.56
C LYS A 347 -19.36 -38.15 -34.24
N ALA A 348 -18.71 -37.99 -35.39
CA ALA A 348 -18.08 -39.11 -36.07
C ALA A 348 -17.06 -39.79 -35.18
N ARG A 349 -16.09 -39.04 -34.66
CA ARG A 349 -15.06 -39.59 -33.78
C ARG A 349 -15.67 -40.46 -32.69
N ARG A 350 -16.80 -40.01 -32.15
CA ARG A 350 -17.42 -40.73 -31.00
C ARG A 350 -17.87 -42.11 -31.47
N GLY A 351 -18.48 -42.15 -32.65
CA GLY A 351 -18.93 -43.43 -33.22
C GLY A 351 -20.41 -43.66 -32.96
N TYR B 4 -13.40 -13.81 -2.70
CA TYR B 4 -13.99 -13.67 -4.03
C TYR B 4 -14.11 -15.02 -4.74
N GLN B 5 -15.20 -15.22 -5.48
CA GLN B 5 -15.42 -16.47 -6.19
C GLN B 5 -14.47 -16.61 -7.38
N ASN B 6 -14.05 -17.86 -7.65
CA ASN B 6 -13.20 -18.21 -8.79
C ASN B 6 -11.79 -17.61 -8.67
N ASP B 7 -11.30 -17.38 -7.43
CA ASP B 7 -10.02 -16.72 -7.19
C ASP B 7 -9.11 -17.56 -6.30
N ASP B 8 -7.81 -17.59 -6.65
CA ASP B 8 -6.72 -18.09 -5.79
C ASP B 8 -6.74 -19.61 -5.60
N LEU B 9 -7.31 -20.38 -6.53
CA LEU B 9 -7.28 -21.83 -6.40
C LEU B 9 -5.84 -22.35 -6.38
N ARG B 10 -4.95 -21.76 -7.17
CA ARG B 10 -3.58 -22.24 -7.30
C ARG B 10 -2.57 -21.32 -6.61
N ILE B 11 -3.05 -20.39 -5.79
CA ILE B 11 -2.19 -19.56 -4.95
C ILE B 11 -2.21 -20.16 -3.56
N LYS B 12 -1.06 -20.66 -3.12
CA LYS B 12 -1.01 -21.35 -1.84
C LYS B 12 -0.87 -20.38 -0.66
N GLU B 13 0.00 -19.38 -0.80
CA GLU B 13 0.26 -18.51 0.34
C GLU B 13 0.79 -17.19 -0.19
N ILE B 14 0.46 -16.11 0.53
CA ILE B 14 0.90 -14.78 0.16
C ILE B 14 1.60 -14.17 1.37
N LYS B 15 2.82 -13.70 1.20
CA LYS B 15 3.66 -13.26 2.30
C LYS B 15 4.12 -11.83 2.08
N GLU B 16 4.41 -11.14 3.19
CA GLU B 16 4.69 -9.72 3.12
C GLU B 16 6.07 -9.46 2.51
N LEU B 17 6.13 -8.42 1.69
CA LEU B 17 7.33 -8.06 0.92
C LEU B 17 7.75 -6.64 1.30
N LEU B 18 9.00 -6.48 1.73
CA LEU B 18 9.54 -5.14 1.96
C LEU B 18 9.41 -4.29 0.69
N PRO B 19 8.90 -3.07 0.78
CA PRO B 19 8.86 -2.19 -0.41
C PRO B 19 10.26 -1.71 -0.75
N PRO B 20 10.50 -1.31 -2.01
CA PRO B 20 11.83 -0.78 -2.36
C PRO B 20 12.30 0.34 -1.44
N VAL B 21 11.41 1.22 -1.01
CA VAL B 21 11.89 2.37 -0.16
C VAL B 21 12.54 1.87 1.16
N ALA B 22 12.07 0.72 1.64
CA ALA B 22 12.70 0.19 2.85
C ALA B 22 14.15 -0.21 2.59
N LEU B 23 14.43 -0.80 1.43
CA LEU B 23 15.83 -1.25 1.12
C LEU B 23 16.67 -0.02 0.78
N LEU B 24 16.08 0.95 0.09
CA LEU B 24 16.81 2.20 -0.26
C LEU B 24 17.13 2.99 1.02
N GLU B 25 16.22 2.99 2.00
CA GLU B 25 16.52 3.68 3.24
C GLU B 25 17.55 2.93 4.07
N LYS B 26 17.46 1.60 4.14
CA LYS B 26 18.43 0.85 4.92
C LYS B 26 19.82 0.90 4.29
N PHE B 27 19.89 0.87 2.96
CA PHE B 27 21.17 0.78 2.23
C PHE B 27 21.26 1.90 1.20
N PRO B 28 21.40 3.15 1.63
CA PRO B 28 21.53 4.25 0.67
C PRO B 28 22.87 4.22 -0.03
N ALA B 29 22.89 4.69 -1.27
CA ALA B 29 24.16 4.87 -1.96
C ALA B 29 25.04 5.85 -1.22
N THR B 30 26.28 5.46 -0.98
CA THR B 30 27.32 6.41 -0.55
C THR B 30 27.63 7.37 -1.70
N GLU B 31 28.36 8.44 -1.36
CA GLU B 31 28.80 9.35 -2.42
C GLU B 31 29.65 8.61 -3.45
N ASN B 32 30.57 7.77 -2.99
CA ASN B 32 31.42 7.06 -3.92
C ASN B 32 30.64 6.02 -4.72
N ALA B 33 29.66 5.35 -4.09
CA ALA B 33 28.88 4.38 -4.87
C ALA B 33 28.09 5.08 -5.95
N ALA B 34 27.50 6.23 -5.61
CA ALA B 34 26.75 6.98 -6.62
C ALA B 34 27.69 7.47 -7.72
N ASN B 35 28.89 7.89 -7.34
CA ASN B 35 29.90 8.30 -8.31
C ASN B 35 30.25 7.15 -9.25
N THR B 36 30.47 5.96 -8.70
CA THR B 36 30.81 4.79 -9.53
C THR B 36 29.74 4.54 -10.58
N VAL B 37 28.48 4.57 -10.17
CA VAL B 37 27.36 4.32 -11.07
C VAL B 37 27.30 5.39 -12.14
N ALA B 38 27.32 6.66 -11.71
CA ALA B 38 27.19 7.75 -12.68
C ALA B 38 28.30 7.71 -13.71
N HIS B 39 29.54 7.54 -13.24
CA HIS B 39 30.67 7.56 -14.16
C HIS B 39 30.63 6.39 -15.11
N ALA B 40 30.24 5.20 -14.61
CA ALA B 40 30.22 4.05 -15.50
C ALA B 40 29.10 4.15 -16.55
N ARG B 41 27.92 4.62 -16.15
CA ARG B 41 26.84 4.81 -17.12
C ARG B 41 27.27 5.80 -18.20
N LYS B 42 27.93 6.90 -17.81
CA LYS B 42 28.41 7.89 -18.77
C LYS B 42 29.48 7.29 -19.69
N ALA B 43 30.39 6.49 -19.12
CA ALA B 43 31.42 5.85 -19.94
C ALA B 43 30.80 4.91 -20.95
N ILE B 44 29.77 4.16 -20.57
CA ILE B 44 29.18 3.25 -21.54
C ILE B 44 28.42 4.04 -22.60
N HIS B 45 27.72 5.09 -22.19
CA HIS B 45 27.06 5.94 -23.18
C HIS B 45 28.05 6.48 -24.20
N LYS B 46 29.23 6.91 -23.73
CA LYS B 46 30.23 7.46 -24.64
C LYS B 46 30.72 6.40 -25.63
N ILE B 47 30.91 5.17 -25.16
CA ILE B 47 31.26 4.08 -26.09
C ILE B 47 30.15 3.86 -27.10
N LEU B 48 28.89 3.86 -26.63
CA LEU B 48 27.78 3.53 -27.51
C LEU B 48 27.55 4.63 -28.54
N LYS B 49 27.95 5.86 -28.22
CA LYS B 49 27.83 6.96 -29.17
C LYS B 49 29.00 7.01 -30.15
N GLY B 50 29.99 6.13 -30.00
CA GLY B 50 31.14 6.16 -30.88
C GLY B 50 32.23 7.12 -30.49
N ASN B 51 32.18 7.70 -29.30
CA ASN B 51 33.15 8.71 -28.87
C ASN B 51 34.23 8.17 -27.94
N ASP B 52 34.28 6.86 -27.74
CA ASP B 52 35.35 6.27 -26.97
C ASP B 52 35.66 4.92 -27.59
N ASP B 53 36.95 4.61 -27.77
CA ASP B 53 37.42 3.43 -28.47
C ASP B 53 37.73 2.27 -27.52
N ARG B 54 37.33 2.39 -26.25
CA ARG B 54 37.58 1.33 -25.29
C ARG B 54 36.49 0.25 -25.39
N LEU B 55 36.71 -0.86 -24.69
CA LEU B 55 35.83 -2.02 -24.74
C LEU B 55 35.14 -2.17 -23.39
N LEU B 56 33.80 -2.19 -23.41
CA LEU B 56 33.03 -2.54 -22.23
C LEU B 56 33.23 -4.04 -21.95
N VAL B 57 33.60 -4.40 -20.73
CA VAL B 57 33.80 -5.81 -20.39
C VAL B 57 32.92 -6.10 -19.18
N VAL B 58 31.88 -6.89 -19.37
CA VAL B 58 30.99 -7.32 -18.28
C VAL B 58 31.45 -8.72 -17.90
N ILE B 59 31.98 -8.88 -16.70
CA ILE B 59 32.69 -10.12 -16.38
C ILE B 59 32.48 -10.44 -14.91
N GLY B 60 32.24 -11.72 -14.61
CA GLY B 60 32.06 -12.14 -13.24
C GLY B 60 31.21 -13.39 -13.19
N PRO B 61 30.80 -13.78 -11.98
CA PRO B 61 30.17 -15.10 -11.80
C PRO B 61 28.88 -15.26 -12.60
N CYS B 62 28.59 -16.52 -12.93
CA CYS B 62 27.30 -16.80 -13.56
C CYS B 62 26.16 -16.33 -12.66
N SER B 63 26.26 -16.63 -11.36
CA SER B 63 25.34 -16.18 -10.34
C SER B 63 26.13 -15.94 -9.06
N ILE B 64 25.70 -14.94 -8.29
CA ILE B 64 26.22 -14.70 -6.94
C ILE B 64 25.48 -15.61 -5.97
N HIS B 65 26.22 -16.41 -5.19
CA HIS B 65 25.60 -17.16 -4.10
C HIS B 65 26.29 -16.93 -2.76
N ASP B 66 27.40 -16.24 -2.73
CA ASP B 66 28.15 -16.03 -1.51
C ASP B 66 28.78 -14.66 -1.53
N PRO B 67 28.26 -13.72 -0.75
CA PRO B 67 28.84 -12.37 -0.72
C PRO B 67 30.32 -12.33 -0.40
N VAL B 68 30.83 -13.24 0.43
CA VAL B 68 32.25 -13.21 0.78
C VAL B 68 33.10 -13.43 -0.47
N ALA B 69 32.84 -14.51 -1.20
CA ALA B 69 33.60 -14.76 -2.43
C ALA B 69 33.35 -13.65 -3.44
N ALA B 70 32.12 -13.13 -3.50
CA ALA B 70 31.85 -12.05 -4.46
C ALA B 70 32.70 -10.83 -4.17
N LYS B 71 32.84 -10.46 -2.88
CA LYS B 71 33.69 -9.32 -2.56
C LYS B 71 35.18 -9.61 -2.79
N GLU B 72 35.64 -10.86 -2.57
CA GLU B 72 37.03 -11.18 -2.88
C GLU B 72 37.27 -11.04 -4.39
N TYR B 73 36.35 -11.60 -5.18
CA TYR B 73 36.41 -11.45 -6.63
C TYR B 73 36.41 -9.99 -7.02
N ALA B 74 35.53 -9.20 -6.40
CA ALA B 74 35.44 -7.78 -6.74
C ALA B 74 36.77 -7.05 -6.49
N THR B 75 37.46 -7.35 -5.38
CA THR B 75 38.76 -6.68 -5.15
C THR B 75 39.75 -7.00 -6.27
N ARG B 76 39.82 -8.27 -6.68
CA ARG B 76 40.75 -8.66 -7.73
C ARG B 76 40.41 -7.99 -9.04
N LEU B 77 39.12 -7.97 -9.36
CA LEU B 77 38.68 -7.39 -10.62
C LEU B 77 38.90 -5.87 -10.63
N LEU B 78 38.65 -5.22 -9.49
CA LEU B 78 38.90 -3.78 -9.38
C LEU B 78 40.35 -3.43 -9.65
N ALA B 79 41.30 -4.24 -9.14
CA ALA B 79 42.72 -3.99 -9.44
C ALA B 79 42.97 -4.00 -10.94
N LEU B 80 42.37 -4.94 -11.66
CA LEU B 80 42.58 -4.97 -13.11
C LEU B 80 41.80 -3.86 -13.80
N ARG B 81 40.62 -3.51 -13.28
CA ARG B 81 39.90 -2.36 -13.81
C ARG B 81 40.78 -1.11 -13.77
N GLU B 82 41.47 -0.89 -12.66
CA GLU B 82 42.34 0.28 -12.57
C GLU B 82 43.56 0.14 -13.48
N GLU B 83 44.16 -1.06 -13.54
CA GLU B 83 45.36 -1.21 -14.36
C GLU B 83 45.06 -1.07 -15.84
N LEU B 84 43.91 -1.57 -16.29
CA LEU B 84 43.62 -1.68 -17.71
C LEU B 84 42.65 -0.61 -18.19
N LYS B 85 42.38 0.42 -17.36
CA LYS B 85 41.29 1.35 -17.67
C LYS B 85 41.50 2.19 -18.93
N ASP B 86 42.72 2.30 -19.44
CA ASP B 86 42.87 3.05 -20.68
C ASP B 86 42.35 2.27 -21.89
N GLU B 87 42.14 0.96 -21.76
CA GLU B 87 41.66 0.11 -22.82
C GLU B 87 40.29 -0.47 -22.55
N LEU B 88 39.99 -0.77 -21.28
CA LEU B 88 38.78 -1.51 -20.93
C LEU B 88 37.96 -0.72 -19.93
N GLU B 89 36.65 -0.77 -20.08
CA GLU B 89 35.69 -0.32 -19.07
C GLU B 89 35.15 -1.59 -18.42
N ILE B 90 35.70 -1.96 -17.27
CA ILE B 90 35.43 -3.24 -16.61
C ILE B 90 34.28 -3.07 -15.62
N VAL B 91 33.25 -3.88 -15.79
CA VAL B 91 32.04 -3.86 -14.96
C VAL B 91 31.82 -5.28 -14.47
N MET B 92 31.62 -5.46 -13.17
CA MET B 92 31.43 -6.80 -12.64
C MET B 92 30.01 -7.31 -12.88
N ARG B 93 29.90 -8.55 -13.36
CA ARG B 93 28.62 -9.25 -13.37
C ARG B 93 28.21 -9.51 -11.95
N VAL B 94 27.10 -8.91 -11.51
CA VAL B 94 26.57 -9.19 -10.19
C VAL B 94 25.14 -9.69 -10.38
N TYR B 95 24.99 -10.95 -10.75
CA TYR B 95 23.71 -11.50 -11.16
C TYR B 95 23.03 -12.20 -9.99
N PHE B 96 21.85 -11.71 -9.59
CA PHE B 96 21.12 -12.25 -8.41
C PHE B 96 19.84 -12.95 -8.87
N GLU B 97 19.55 -12.92 -10.16
CA GLU B 97 18.32 -13.55 -10.73
C GLU B 97 18.71 -14.43 -11.92
N LYS B 98 18.30 -15.70 -11.93
CA LYS B 98 18.74 -16.63 -13.01
C LYS B 98 17.51 -17.21 -13.73
N PRO B 99 17.41 -17.00 -15.00
CA PRO B 99 16.33 -17.66 -15.73
C PRO B 99 16.66 -19.14 -15.91
N ARG B 100 15.73 -20.02 -15.54
CA ARG B 100 15.94 -21.48 -15.70
C ARG B 100 15.26 -21.97 -16.97
N THR B 101 15.85 -22.97 -17.64
CA THR B 101 15.28 -23.55 -18.88
C THR B 101 13.91 -24.16 -18.53
N THR B 102 13.78 -24.67 -17.30
CA THR B 102 12.51 -25.27 -16.87
C THR B 102 12.33 -24.91 -15.39
N VAL B 103 13.11 -25.55 -14.52
CA VAL B 103 13.04 -25.28 -13.05
C VAL B 103 14.44 -25.30 -12.42
N GLY B 104 14.60 -24.64 -11.26
CA GLY B 104 15.90 -24.69 -10.55
C GLY B 104 16.15 -23.52 -9.60
N TRP B 105 17.15 -23.62 -8.70
CA TRP B 105 17.54 -22.48 -7.81
C TRP B 105 17.52 -21.21 -8.63
N LYS B 106 16.66 -20.25 -8.29
CA LYS B 106 16.50 -19.05 -9.14
C LYS B 106 17.46 -17.97 -8.67
N GLY B 107 18.27 -18.26 -7.66
CA GLY B 107 19.28 -17.26 -7.31
C GLY B 107 19.25 -16.77 -5.89
N LEU B 108 20.10 -15.78 -5.61
CA LEU B 108 20.25 -15.29 -4.22
C LEU B 108 19.03 -14.49 -3.77
N ILE B 109 18.39 -13.75 -4.67
CA ILE B 109 17.25 -12.98 -4.16
C ILE B 109 16.09 -13.92 -3.82
N ASN B 110 15.79 -14.86 -4.72
CA ASN B 110 14.65 -15.76 -4.57
C ASN B 110 14.84 -16.72 -3.41
N ASP B 111 16.08 -17.19 -3.19
CA ASP B 111 16.35 -18.22 -2.19
C ASP B 111 17.78 -18.07 -1.68
N PRO B 112 18.05 -17.02 -0.90
CA PRO B 112 19.44 -16.75 -0.48
C PRO B 112 20.06 -17.90 0.27
N HIS B 113 19.26 -18.63 1.06
CA HIS B 113 19.82 -19.64 1.95
C HIS B 113 19.93 -20.99 1.25
N MET B 114 19.49 -21.07 0.00
CA MET B 114 19.87 -22.17 -0.89
C MET B 114 19.25 -23.47 -0.44
N ASP B 115 18.08 -23.37 0.20
CA ASP B 115 17.39 -24.49 0.83
C ASP B 115 15.89 -24.47 0.56
N ASN B 116 15.44 -23.75 -0.46
CA ASN B 116 14.02 -23.63 -0.80
C ASN B 116 13.21 -23.04 0.36
N SER B 117 13.85 -22.21 1.19
CA SER B 117 13.12 -21.44 2.19
C SER B 117 12.60 -20.12 1.63
N PHE B 118 13.08 -19.68 0.47
CA PHE B 118 12.53 -18.52 -0.25
C PHE B 118 12.40 -17.29 0.66
N GLN B 119 13.49 -16.95 1.34
CA GLN B 119 13.51 -15.78 2.20
C GLN B 119 13.86 -14.54 1.37
N ILE B 120 12.89 -14.11 0.57
CA ILE B 120 13.15 -13.06 -0.40
C ILE B 120 13.47 -11.72 0.27
N ASN B 121 12.88 -11.45 1.44
CA ASN B 121 13.27 -10.22 2.10
C ASN B 121 14.74 -10.26 2.50
N ASP B 122 15.20 -11.38 3.06
CA ASP B 122 16.63 -11.52 3.34
C ASP B 122 17.45 -11.38 2.06
N GLY B 123 16.97 -12.03 1.00
CA GLY B 123 17.66 -12.02 -0.28
C GLY B 123 17.83 -10.61 -0.81
N LEU B 124 16.77 -9.81 -0.74
CA LEU B 124 16.89 -8.41 -1.18
C LEU B 124 17.88 -7.64 -0.30
N ARG B 125 17.86 -7.85 1.01
CA ARG B 125 18.81 -7.16 1.90
C ARG B 125 20.26 -7.56 1.58
N ILE B 126 20.50 -8.84 1.39
CA ILE B 126 21.83 -9.33 1.06
C ILE B 126 22.28 -8.78 -0.28
N ALA B 127 21.38 -8.81 -1.27
CA ALA B 127 21.73 -8.41 -2.63
C ALA B 127 22.05 -6.93 -2.70
N ARG B 128 21.19 -6.08 -2.09
CA ARG B 128 21.45 -4.65 -2.18
C ARG B 128 22.71 -4.30 -1.40
N LYS B 129 22.92 -4.91 -0.23
CA LYS B 129 24.13 -4.59 0.54
C LYS B 129 25.40 -4.97 -0.23
N LEU B 130 25.38 -6.11 -0.92
CA LEU B 130 26.52 -6.52 -1.72
C LEU B 130 26.76 -5.56 -2.88
N LEU B 131 25.70 -5.20 -3.60
N LEU B 131 25.69 -5.19 -3.58
CA LEU B 131 25.83 -4.24 -4.71
CA LEU B 131 25.82 -4.25 -4.72
C LEU B 131 26.36 -2.92 -4.19
C LEU B 131 26.34 -2.90 -4.21
N LEU B 132 25.89 -2.49 -3.03
CA LEU B 132 26.37 -1.25 -2.44
C LEU B 132 27.86 -1.32 -2.14
N ASP B 133 28.30 -2.43 -1.51
CA ASP B 133 29.70 -2.59 -1.14
C ASP B 133 30.58 -2.60 -2.38
N ILE B 134 30.11 -3.27 -3.45
CA ILE B 134 30.94 -3.36 -4.64
C ILE B 134 31.07 -2.00 -5.29
N ASN B 135 29.95 -1.30 -5.48
CA ASN B 135 30.02 0.07 -6.02
C ASN B 135 30.83 1.00 -5.11
N ASP B 136 30.64 0.90 -3.79
CA ASP B 136 31.41 1.80 -2.94
C ASP B 136 32.90 1.55 -3.05
N SER B 137 33.30 0.30 -3.34
CA SER B 137 34.72 0.04 -3.53
C SER B 137 35.28 0.71 -4.78
N GLY B 138 34.42 1.10 -5.73
CA GLY B 138 34.82 1.73 -6.96
C GLY B 138 34.59 0.88 -8.20
N LEU B 139 33.96 -0.27 -8.06
CA LEU B 139 33.76 -1.19 -9.16
C LEU B 139 32.30 -1.15 -9.61
N PRO B 140 32.00 -0.78 -10.85
CA PRO B 140 30.61 -0.79 -11.31
C PRO B 140 30.08 -2.21 -11.46
N ALA B 141 28.75 -2.32 -11.46
CA ALA B 141 28.06 -3.60 -11.45
C ALA B 141 27.05 -3.69 -12.58
N ALA B 142 26.93 -4.91 -13.14
CA ALA B 142 25.95 -5.26 -14.17
C ALA B 142 24.97 -6.30 -13.63
N GLY B 143 23.75 -6.24 -14.14
CA GLY B 143 22.74 -7.21 -13.73
C GLY B 143 21.83 -7.67 -14.86
N GLU B 144 21.12 -8.77 -14.64
CA GLU B 144 20.09 -9.20 -15.60
C GLU B 144 18.74 -8.76 -15.05
N PHE B 145 17.91 -8.16 -15.89
CA PHE B 145 16.56 -7.72 -15.49
C PHE B 145 15.58 -8.78 -15.97
N LEU B 146 15.21 -9.68 -15.06
CA LEU B 146 14.30 -10.77 -15.41
C LEU B 146 12.95 -10.50 -14.74
N ASP B 147 13.01 -10.21 -13.44
CA ASP B 147 11.81 -9.97 -12.66
C ASP B 147 11.34 -8.53 -12.90
N MET B 148 10.01 -8.34 -12.97
CA MET B 148 9.46 -7.00 -13.15
C MET B 148 9.47 -6.15 -11.88
N ILE B 149 9.63 -6.77 -10.72
CA ILE B 149 9.50 -6.10 -9.45
C ILE B 149 10.84 -5.87 -8.77
N THR B 150 11.79 -6.79 -8.92
CA THR B 150 13.07 -6.61 -8.25
C THR B 150 13.88 -5.39 -8.73
N PRO B 151 13.78 -4.90 -9.98
CA PRO B 151 14.64 -3.77 -10.37
C PRO B 151 14.52 -2.53 -9.50
N GLN B 152 13.34 -2.23 -8.96
CA GLN B 152 13.23 -1.05 -8.11
C GLN B 152 14.13 -1.13 -6.89
N TYR B 153 14.52 -2.34 -6.48
CA TYR B 153 15.34 -2.50 -5.29
C TYR B 153 16.81 -2.26 -5.57
N LEU B 154 17.23 -2.38 -6.84
CA LEU B 154 18.65 -2.50 -7.16
C LEU B 154 19.12 -1.60 -8.27
N ALA B 155 18.21 -1.08 -9.10
CA ALA B 155 18.65 -0.51 -10.38
C ALA B 155 19.51 0.74 -10.21
N ASP B 156 19.30 1.50 -9.13
CA ASP B 156 20.11 2.69 -8.88
C ASP B 156 21.57 2.37 -8.64
N LEU B 157 21.91 1.09 -8.43
CA LEU B 157 23.29 0.67 -8.23
C LEU B 157 23.80 -0.14 -9.42
N MET B 158 23.00 -0.18 -10.49
CA MET B 158 23.43 -0.88 -11.72
CA MET B 158 23.44 -0.88 -11.72
C MET B 158 23.93 0.10 -12.81
N SER B 159 25.10 -0.21 -13.32
CA SER B 159 25.66 0.62 -14.40
C SER B 159 25.30 0.12 -15.79
N TRP B 160 24.81 -1.10 -15.86
CA TRP B 160 24.47 -1.73 -17.15
C TRP B 160 23.57 -2.92 -16.85
N GLY B 161 22.68 -3.23 -17.76
CA GLY B 161 21.83 -4.39 -17.56
C GLY B 161 21.59 -5.17 -18.83
N ALA B 162 21.22 -6.43 -18.65
CA ALA B 162 20.91 -7.26 -19.81
C ALA B 162 19.49 -7.82 -19.71
N ILE B 163 18.84 -7.95 -20.85
CA ILE B 163 17.55 -8.67 -20.90
C ILE B 163 17.90 -10.01 -21.54
N GLY B 164 17.55 -11.11 -20.90
CA GLY B 164 17.98 -12.42 -21.38
C GLY B 164 17.39 -12.87 -22.69
N ALA B 165 18.02 -13.88 -23.29
CA ALA B 165 17.54 -14.37 -24.57
C ALA B 165 16.08 -14.80 -24.51
N ARG B 166 15.65 -15.37 -23.38
CA ARG B 166 14.28 -15.90 -23.31
C ARG B 166 13.25 -14.80 -23.08
N THR B 167 13.68 -13.56 -22.85
CA THR B 167 12.76 -12.47 -22.63
C THR B 167 12.97 -11.31 -23.58
N THR B 168 13.85 -11.45 -24.59
CA THR B 168 14.09 -10.35 -25.52
C THR B 168 12.83 -9.98 -26.29
N GLU B 169 11.97 -10.96 -26.55
CA GLU B 169 10.71 -10.75 -27.25
C GLU B 169 9.61 -10.22 -26.36
N SER B 170 9.81 -10.20 -25.05
CA SER B 170 8.74 -9.92 -24.09
C SER B 170 8.45 -8.42 -24.04
N GLN B 171 7.19 -8.05 -24.33
CA GLN B 171 6.81 -6.65 -24.29
C GLN B 171 7.06 -6.00 -22.94
N VAL B 172 6.78 -6.70 -21.84
CA VAL B 172 6.97 -6.06 -20.54
C VAL B 172 8.44 -5.83 -20.27
N HIS B 173 9.32 -6.67 -20.80
CA HIS B 173 10.75 -6.42 -20.60
C HIS B 173 11.23 -5.26 -21.45
N ARG B 174 10.68 -5.12 -22.67
CA ARG B 174 11.03 -3.98 -23.50
C ARG B 174 10.57 -2.67 -22.86
N GLU B 175 9.35 -2.68 -22.31
CA GLU B 175 8.85 -1.53 -21.56
C GLU B 175 9.75 -1.21 -20.37
N LEU B 176 10.12 -2.22 -19.59
CA LEU B 176 11.02 -2.00 -18.46
C LEU B 176 12.31 -1.31 -18.92
N ALA B 177 12.91 -1.81 -19.99
CA ALA B 177 14.16 -1.23 -20.45
C ALA B 177 13.99 0.24 -20.84
N SER B 178 12.84 0.57 -21.45
CA SER B 178 12.56 1.94 -21.91
C SER B 178 12.54 2.93 -20.75
N GLY B 179 12.37 2.46 -19.52
CA GLY B 179 12.42 3.33 -18.36
C GLY B 179 13.62 3.16 -17.44
N LEU B 180 14.60 2.33 -17.80
CA LEU B 180 15.75 2.14 -16.94
C LEU B 180 16.75 3.28 -17.11
N SER B 181 17.46 3.59 -16.03
CA SER B 181 18.42 4.68 -16.04
C SER B 181 19.80 4.24 -16.53
N CYS B 182 20.00 2.97 -16.80
CA CYS B 182 21.28 2.46 -17.27
C CYS B 182 21.17 1.99 -18.71
N PRO B 183 22.30 1.81 -19.40
CA PRO B 183 22.27 1.15 -20.71
C PRO B 183 21.84 -0.30 -20.56
N VAL B 184 21.25 -0.83 -21.63
CA VAL B 184 20.66 -2.16 -21.62
C VAL B 184 21.10 -2.93 -22.87
N GLY B 185 21.59 -4.16 -22.66
CA GLY B 185 21.86 -5.06 -23.77
C GLY B 185 20.74 -6.08 -23.94
N PHE B 186 20.40 -6.35 -25.21
CA PHE B 186 19.35 -7.31 -25.57
C PHE B 186 20.00 -8.48 -26.30
N LYS B 187 19.83 -9.68 -25.78
CA LYS B 187 20.50 -10.85 -26.41
C LYS B 187 19.71 -11.33 -27.62
N ASN B 188 20.40 -11.83 -28.64
CA ASN B 188 19.68 -12.46 -29.73
C ASN B 188 18.86 -13.65 -29.20
N GLY B 189 17.92 -14.13 -30.02
CA GLY B 189 17.04 -15.19 -29.58
C GLY B 189 17.79 -16.50 -29.39
N THR B 190 17.20 -17.39 -28.59
CA THR B 190 17.90 -18.62 -28.22
C THR B 190 18.22 -19.49 -29.43
N ASP B 191 17.52 -19.28 -30.56
CA ASP B 191 17.85 -20.00 -31.77
C ASP B 191 18.78 -19.23 -32.70
N GLY B 192 19.36 -18.13 -32.23
CA GLY B 192 20.26 -17.33 -33.03
C GLY B 192 19.62 -16.13 -33.71
N THR B 193 18.29 -15.99 -33.64
CA THR B 193 17.62 -14.94 -34.41
C THR B 193 18.06 -13.55 -33.94
N ILE B 194 18.49 -12.74 -34.90
CA ILE B 194 18.95 -11.38 -34.62
C ILE B 194 17.77 -10.40 -34.57
N LYS B 195 16.75 -10.60 -35.40
CA LYS B 195 15.68 -9.62 -35.56
C LYS B 195 14.97 -9.31 -34.25
N VAL B 196 14.75 -10.32 -33.40
CA VAL B 196 14.04 -10.05 -32.14
C VAL B 196 14.79 -9.04 -31.29
N ALA B 197 16.12 -9.03 -31.35
CA ALA B 197 16.90 -8.10 -30.54
C ALA B 197 16.88 -6.70 -31.16
N ILE B 198 16.91 -6.65 -32.50
CA ILE B 198 16.81 -5.36 -33.18
C ILE B 198 15.45 -4.71 -32.87
N ASP B 199 14.37 -5.51 -32.96
CA ASP B 199 13.05 -5.03 -32.58
C ASP B 199 13.03 -4.55 -31.13
N ALA B 200 13.70 -5.29 -30.24
CA ALA B 200 13.71 -4.91 -28.83
C ALA B 200 14.42 -3.56 -28.63
N ILE B 201 15.55 -3.35 -29.29
CA ILE B 201 16.25 -2.07 -29.19
C ILE B 201 15.35 -0.94 -29.63
N ASN B 202 14.64 -1.15 -30.74
CA ASN B 202 13.76 -0.08 -31.24
C ASN B 202 12.63 0.19 -30.26
N ALA B 203 12.01 -0.87 -29.74
CA ALA B 203 10.93 -0.72 -28.77
C ALA B 203 11.42 -0.04 -27.51
N ALA B 204 12.57 -0.47 -26.98
CA ALA B 204 13.11 0.17 -25.78
C ALA B 204 13.47 1.63 -25.98
N GLY B 205 13.76 2.05 -27.20
CA GLY B 205 14.09 3.45 -27.37
C GLY B 205 12.89 4.39 -27.45
N ALA B 206 11.67 3.85 -27.50
CA ALA B 206 10.43 4.59 -27.63
C ALA B 206 9.79 4.80 -26.27
N PRO B 207 9.02 5.85 -26.08
CA PRO B 207 8.32 6.00 -24.80
C PRO B 207 7.14 5.05 -24.71
N HIS B 208 6.86 4.61 -23.49
CA HIS B 208 5.78 3.65 -23.26
C HIS B 208 4.96 4.05 -22.04
N CYS B 209 3.73 3.54 -22.01
CA CYS B 209 2.81 3.69 -20.89
C CYS B 209 2.32 2.30 -20.51
N PHE B 210 2.52 1.91 -19.27
CA PHE B 210 2.22 0.55 -18.86
C PHE B 210 2.09 0.48 -17.35
N LEU B 211 1.62 -0.67 -16.87
CA LEU B 211 1.44 -0.90 -15.44
C LEU B 211 2.71 -1.45 -14.82
N SER B 212 3.09 -0.90 -13.67
CA SER B 212 4.30 -1.32 -12.98
C SER B 212 4.14 -1.08 -11.49
N VAL B 213 5.20 -1.34 -10.72
CA VAL B 213 5.18 -1.17 -9.27
C VAL B 213 6.18 -0.08 -8.90
N THR B 214 5.76 0.81 -8.00
CA THR B 214 6.57 1.93 -7.60
C THR B 214 7.52 1.54 -6.48
N LYS B 215 8.37 2.51 -6.08
CA LYS B 215 9.25 2.31 -4.94
C LYS B 215 8.49 2.14 -3.64
N TRP B 216 7.20 2.47 -3.62
CA TRP B 216 6.36 2.24 -2.46
C TRP B 216 5.76 0.85 -2.44
N GLY B 217 6.03 0.03 -3.45
CA GLY B 217 5.45 -1.29 -3.46
C GLY B 217 4.00 -1.30 -3.90
N HIS B 218 3.56 -0.25 -4.60
CA HIS B 218 2.19 -0.13 -5.08
C HIS B 218 2.17 -0.15 -6.60
N SER B 219 1.14 -0.78 -7.18
CA SER B 219 1.02 -0.74 -8.63
C SER B 219 0.53 0.63 -9.09
N ALA B 220 0.94 0.98 -10.30
CA ALA B 220 0.71 2.33 -10.82
C ALA B 220 0.81 2.30 -12.34
N ILE B 221 0.34 3.38 -12.96
CA ILE B 221 0.55 3.62 -14.38
C ILE B 221 1.83 4.42 -14.54
N VAL B 222 2.76 3.90 -15.34
CA VAL B 222 4.06 4.54 -15.50
C VAL B 222 4.23 4.94 -16.96
N ASN B 223 4.81 6.11 -17.18
CA ASN B 223 5.17 6.57 -18.51
C ASN B 223 6.68 6.71 -18.55
N THR B 224 7.29 6.11 -19.56
CA THR B 224 8.73 6.19 -19.72
C THR B 224 9.07 7.07 -20.91
N SER B 225 10.34 7.48 -20.97
CA SER B 225 10.81 8.33 -22.05
C SER B 225 11.39 7.55 -23.23
N GLY B 226 11.70 6.28 -23.05
CA GLY B 226 12.55 5.62 -24.06
C GLY B 226 14.01 5.68 -23.65
N ASN B 227 14.75 4.64 -24.03
CA ASN B 227 16.14 4.46 -23.62
C ASN B 227 16.97 4.27 -24.88
N GLY B 228 17.76 5.27 -25.24
CA GLY B 228 18.58 5.16 -26.43
C GLY B 228 19.89 4.41 -26.24
N ASP B 229 20.23 4.08 -25.00
CA ASP B 229 21.49 3.39 -24.70
C ASP B 229 21.30 1.88 -24.71
N CYS B 230 20.67 1.33 -25.76
CA CYS B 230 20.49 -0.11 -25.88
C CYS B 230 21.28 -0.65 -27.06
N HIS B 231 21.70 -1.91 -26.95
CA HIS B 231 22.52 -2.52 -27.98
C HIS B 231 22.30 -4.02 -27.93
N ILE B 232 22.79 -4.72 -28.98
CA ILE B 232 22.62 -6.17 -29.07
C ILE B 232 23.76 -6.89 -28.35
N ILE B 233 23.43 -8.07 -27.83
CA ILE B 233 24.40 -9.02 -27.28
C ILE B 233 24.32 -10.27 -28.13
N LEU B 234 25.45 -10.66 -28.74
CA LEU B 234 25.52 -11.90 -29.51
C LEU B 234 25.90 -13.03 -28.55
N ARG B 235 25.03 -14.03 -28.44
CA ARG B 235 25.23 -15.11 -27.49
C ARG B 235 25.08 -16.48 -28.13
N GLY B 236 25.13 -16.56 -29.44
CA GLY B 236 25.05 -17.82 -30.15
C GLY B 236 23.62 -18.26 -30.41
N GLY B 237 23.50 -19.27 -31.24
CA GLY B 237 22.23 -19.90 -31.56
C GLY B 237 22.41 -21.40 -31.51
N LYS B 238 21.93 -22.10 -32.54
CA LYS B 238 22.30 -23.50 -32.70
C LYS B 238 23.81 -23.66 -32.86
N GLU B 239 24.47 -22.64 -33.40
CA GLU B 239 25.91 -22.57 -33.52
C GLU B 239 26.36 -21.23 -32.97
N PRO B 240 27.65 -21.08 -32.66
CA PRO B 240 28.12 -19.77 -32.19
C PRO B 240 27.96 -18.71 -33.27
N ASN B 241 27.86 -17.45 -32.84
CA ASN B 241 27.75 -16.34 -33.77
C ASN B 241 28.70 -15.18 -33.42
N TYR B 242 29.88 -15.51 -32.91
CA TYR B 242 30.89 -14.50 -32.57
C TYR B 242 31.82 -14.18 -33.75
N SER B 243 31.88 -15.04 -34.77
CA SER B 243 32.93 -14.86 -35.76
C SER B 243 32.62 -13.67 -36.68
N ALA B 244 33.67 -13.26 -37.40
CA ALA B 244 33.56 -12.12 -38.31
C ALA B 244 32.37 -12.22 -39.26
N LYS B 245 32.11 -13.40 -39.81
CA LYS B 245 30.98 -13.56 -40.77
C LYS B 245 29.68 -13.13 -40.08
N HIS B 246 29.52 -13.58 -38.84
CA HIS B 246 28.29 -13.25 -38.11
C HIS B 246 28.25 -11.78 -37.72
N VAL B 247 29.37 -11.25 -37.23
CA VAL B 247 29.43 -9.84 -36.86
C VAL B 247 29.07 -8.99 -38.07
N ALA B 248 29.58 -9.34 -39.25
CA ALA B 248 29.26 -8.56 -40.45
C ALA B 248 27.76 -8.59 -40.77
N GLU B 249 27.13 -9.77 -40.65
CA GLU B 249 25.69 -9.88 -40.86
C GLU B 249 24.92 -9.01 -39.88
N VAL B 250 25.35 -8.99 -38.61
CA VAL B 250 24.64 -8.21 -37.60
C VAL B 250 24.83 -6.72 -37.84
N LYS B 251 26.06 -6.30 -38.19
CA LYS B 251 26.30 -4.90 -38.51
C LYS B 251 25.39 -4.44 -39.63
N GLU B 252 25.29 -5.23 -40.71
CA GLU B 252 24.40 -4.90 -41.81
C GLU B 252 22.95 -4.82 -41.35
N GLY B 253 22.52 -5.77 -40.52
CA GLY B 253 21.15 -5.81 -40.08
C GLY B 253 20.79 -4.62 -39.20
N LEU B 254 21.72 -4.23 -38.33
CA LEU B 254 21.52 -3.04 -37.49
C LEU B 254 21.39 -1.81 -38.38
N ASN B 255 22.31 -1.64 -39.34
CA ASN B 255 22.27 -0.45 -40.18
C ASN B 255 21.00 -0.43 -41.02
N LYS B 256 20.58 -1.60 -41.54
CA LYS B 256 19.33 -1.68 -42.30
C LYS B 256 18.16 -1.20 -41.46
N ALA B 257 18.19 -1.44 -40.16
CA ALA B 257 17.16 -0.99 -39.24
C ALA B 257 17.40 0.43 -38.72
N GLY B 258 18.40 1.13 -39.24
CA GLY B 258 18.64 2.49 -38.80
C GLY B 258 19.39 2.62 -37.50
N LEU B 259 20.08 1.54 -37.06
CA LEU B 259 20.79 1.55 -35.80
C LEU B 259 22.30 1.48 -36.04
N PRO B 260 23.11 2.03 -35.14
CA PRO B 260 24.55 1.97 -35.32
C PRO B 260 25.05 0.53 -35.23
N ALA B 261 26.05 0.23 -36.04
CA ALA B 261 26.53 -1.15 -36.12
C ALA B 261 27.49 -1.36 -34.95
N GLN B 262 26.95 -1.90 -33.85
CA GLN B 262 27.76 -2.12 -32.67
C GLN B 262 27.22 -3.35 -31.97
N VAL B 263 28.11 -4.13 -31.39
CA VAL B 263 27.69 -5.41 -30.83
C VAL B 263 28.47 -5.62 -29.53
N MET B 264 27.85 -6.33 -28.61
CA MET B 264 28.57 -6.89 -27.45
C MET B 264 28.56 -8.41 -27.73
N ILE B 265 29.71 -9.08 -27.56
CA ILE B 265 29.79 -10.53 -27.78
C ILE B 265 29.90 -11.24 -26.44
N ASP B 266 28.90 -12.08 -26.16
CA ASP B 266 28.94 -12.98 -25.00
C ASP B 266 29.85 -14.15 -25.35
N PHE B 267 30.92 -14.35 -24.58
CA PHE B 267 31.84 -15.44 -24.87
C PHE B 267 31.30 -16.79 -24.42
N SER B 268 30.27 -16.78 -23.60
CA SER B 268 29.81 -17.97 -22.93
C SER B 268 28.52 -18.45 -23.57
N HIS B 269 27.73 -19.24 -22.86
CA HIS B 269 26.43 -19.73 -23.29
C HIS B 269 26.59 -20.40 -24.66
N ALA B 270 25.76 -20.10 -25.64
CA ALA B 270 25.85 -20.86 -26.87
C ALA B 270 27.11 -20.53 -27.67
N ASN B 271 27.80 -19.42 -27.35
CA ASN B 271 29.00 -19.10 -28.11
C ASN B 271 30.20 -19.94 -27.69
N SER B 272 30.14 -20.55 -26.51
CA SER B 272 31.16 -21.48 -26.05
C SER B 272 30.63 -22.90 -26.08
N SER B 273 29.43 -23.10 -26.63
CA SER B 273 28.76 -24.41 -26.61
C SER B 273 28.64 -24.91 -25.18
N LYS B 274 28.42 -23.98 -24.26
CA LYS B 274 28.27 -24.25 -22.84
C LYS B 274 29.49 -24.94 -22.25
N GLN B 275 30.65 -24.78 -22.87
CA GLN B 275 31.92 -25.33 -22.39
C GLN B 275 32.79 -24.19 -21.91
N PHE B 276 32.95 -24.09 -20.59
CA PHE B 276 33.45 -22.83 -20.03
C PHE B 276 34.84 -22.45 -20.53
N LYS B 277 35.72 -23.42 -20.82
CA LYS B 277 37.05 -23.03 -21.26
C LYS B 277 37.07 -22.51 -22.69
N LYS B 278 36.03 -22.82 -23.46
CA LYS B 278 35.96 -22.31 -24.82
C LYS B 278 35.77 -20.81 -24.83
N GLN B 279 35.40 -20.19 -23.70
CA GLN B 279 35.41 -18.74 -23.67
C GLN B 279 36.77 -18.19 -24.06
N MET B 280 37.85 -18.92 -23.75
CA MET B 280 39.19 -18.45 -24.09
C MET B 280 39.42 -18.54 -25.59
N ASP B 281 38.77 -19.50 -26.24
CA ASP B 281 38.88 -19.59 -27.70
C ASP B 281 38.08 -18.48 -28.37
N VAL B 282 36.87 -18.22 -27.87
CA VAL B 282 36.12 -17.05 -28.36
C VAL B 282 36.95 -15.80 -28.17
N CYS B 283 37.59 -15.66 -26.98
CA CYS B 283 38.43 -14.51 -26.70
C CYS B 283 39.52 -14.34 -27.74
N ALA B 284 40.19 -15.44 -28.10
CA ALA B 284 41.26 -15.34 -29.10
C ALA B 284 40.73 -14.81 -30.42
N ASP B 285 39.58 -15.32 -30.86
CA ASP B 285 39.02 -14.89 -32.13
C ASP B 285 38.57 -13.44 -32.07
N VAL B 286 37.88 -13.08 -30.99
CA VAL B 286 37.40 -11.71 -30.86
C VAL B 286 38.57 -10.75 -30.73
N CYS B 287 39.63 -11.15 -30.03
CA CYS B 287 40.80 -10.29 -29.92
C CYS B 287 41.42 -10.07 -31.28
N GLN B 288 41.48 -11.12 -32.10
CA GLN B 288 42.02 -10.92 -33.45
C GLN B 288 41.14 -9.98 -34.26
N GLN B 289 39.82 -10.07 -34.11
CA GLN B 289 38.95 -9.12 -34.80
C GLN B 289 39.21 -7.70 -34.34
N ILE B 290 39.24 -7.48 -33.02
CA ILE B 290 39.47 -6.14 -32.50
C ILE B 290 40.83 -5.60 -32.94
N ALA B 291 41.90 -6.38 -32.73
CA ALA B 291 43.23 -5.89 -33.07
C ALA B 291 43.35 -5.65 -34.57
N GLY B 292 42.61 -6.41 -35.37
CA GLY B 292 42.62 -6.20 -36.81
C GLY B 292 41.81 -5.01 -37.29
N GLY B 293 41.14 -4.30 -36.38
CA GLY B 293 40.43 -3.09 -36.80
C GLY B 293 38.93 -3.10 -36.67
N GLU B 294 38.32 -4.10 -36.04
CA GLU B 294 36.86 -4.16 -35.93
C GLU B 294 36.36 -3.18 -34.88
N LYS B 295 35.80 -2.07 -35.32
CA LYS B 295 35.30 -1.06 -34.40
C LYS B 295 33.93 -1.41 -33.83
N ALA B 296 33.18 -2.29 -34.49
CA ALA B 296 31.80 -2.55 -34.08
C ALA B 296 31.75 -3.32 -32.77
N ILE B 297 32.81 -4.03 -32.39
CA ILE B 297 32.80 -4.77 -31.14
C ILE B 297 33.04 -3.77 -30.01
N ILE B 298 31.96 -3.39 -29.34
CA ILE B 298 32.04 -2.40 -28.26
C ILE B 298 32.04 -3.05 -26.88
N GLY B 299 31.76 -4.35 -26.78
CA GLY B 299 31.66 -4.95 -25.46
C GLY B 299 31.79 -6.45 -25.57
N VAL B 300 32.14 -7.07 -24.44
CA VAL B 300 32.15 -8.53 -24.35
C VAL B 300 31.59 -8.89 -22.98
N MET B 301 31.15 -10.15 -22.86
CA MET B 301 30.62 -10.66 -21.60
CA MET B 301 30.54 -10.68 -21.61
C MET B 301 31.19 -12.05 -21.31
N VAL B 302 31.66 -12.24 -20.08
CA VAL B 302 32.46 -13.42 -19.74
C VAL B 302 31.98 -13.93 -18.38
N GLU B 303 31.84 -15.26 -18.25
CA GLU B 303 31.44 -15.92 -17.01
C GLU B 303 32.71 -16.41 -16.31
N SER B 304 33.00 -15.81 -15.16
CA SER B 304 34.29 -15.90 -14.52
C SER B 304 34.09 -15.93 -13.02
N HIS B 305 34.88 -16.73 -12.31
CA HIS B 305 34.84 -16.78 -10.84
C HIS B 305 36.25 -16.94 -10.30
N LEU B 306 36.37 -16.99 -8.96
CA LEU B 306 37.68 -17.23 -8.36
C LEU B 306 38.23 -18.58 -8.79
N VAL B 307 37.41 -19.62 -8.70
CA VAL B 307 37.80 -20.99 -9.02
C VAL B 307 36.98 -21.46 -10.22
N GLU B 308 37.62 -22.20 -11.12
CA GLU B 308 36.92 -22.58 -12.33
C GLU B 308 35.92 -23.72 -12.10
N GLY B 309 35.07 -23.92 -13.11
CA GLY B 309 34.13 -25.03 -13.17
C GLY B 309 32.84 -24.76 -12.43
N ASN B 310 32.16 -25.79 -11.93
CA ASN B 310 30.96 -25.58 -11.13
C ASN B 310 30.77 -26.77 -10.20
N GLN B 311 29.74 -26.69 -9.37
CA GLN B 311 29.46 -27.69 -8.36
C GLN B 311 27.96 -27.74 -8.12
N SER B 312 27.52 -28.82 -7.47
CA SER B 312 26.11 -29.15 -7.35
C SER B 312 25.59 -28.80 -5.97
N LEU B 313 24.59 -27.94 -5.91
CA LEU B 313 23.93 -27.70 -4.64
C LEU B 313 23.14 -28.93 -4.19
N GLU B 314 22.59 -29.69 -5.14
CA GLU B 314 21.64 -30.78 -4.86
C GLU B 314 22.29 -31.96 -4.15
N SER B 315 23.61 -32.08 -4.19
CA SER B 315 24.28 -33.19 -3.54
C SER B 315 24.26 -33.09 -2.02
N GLY B 316 24.11 -31.89 -1.46
CA GLY B 316 24.21 -31.73 -0.04
C GLY B 316 25.64 -31.65 0.47
N GLU B 317 26.62 -31.67 -0.43
CA GLU B 317 28.00 -31.51 0.00
C GLU B 317 28.23 -30.06 0.41
N PRO B 318 29.08 -29.81 1.39
CA PRO B 318 29.51 -28.43 1.65
C PRO B 318 30.07 -27.82 0.38
N LEU B 319 29.71 -26.56 0.11
CA LEU B 319 30.12 -25.93 -1.14
C LEU B 319 31.59 -25.52 -1.08
N ALA B 320 32.28 -25.72 -2.20
CA ALA B 320 33.63 -25.19 -2.32
C ALA B 320 33.55 -23.69 -2.47
N TYR B 321 34.52 -23.00 -1.86
CA TYR B 321 34.57 -21.54 -1.88
C TYR B 321 34.88 -21.02 -3.27
N GLY B 322 34.18 -19.96 -3.66
CA GLY B 322 34.56 -19.25 -4.87
C GLY B 322 34.27 -19.97 -6.16
N LYS B 323 33.34 -20.94 -6.15
CA LYS B 323 33.09 -21.82 -7.29
C LYS B 323 31.60 -21.84 -7.57
N SER B 324 31.24 -21.61 -8.84
CA SER B 324 29.84 -21.47 -9.24
C SER B 324 28.98 -22.66 -8.84
N ILE B 325 27.75 -22.36 -8.40
CA ILE B 325 26.73 -23.41 -8.24
C ILE B 325 25.74 -23.42 -9.41
N THR B 326 26.01 -22.65 -10.47
CA THR B 326 25.16 -22.62 -11.65
C THR B 326 26.04 -22.96 -12.86
N ASP B 327 26.09 -22.12 -13.90
CA ASP B 327 26.94 -22.42 -15.06
C ASP B 327 28.41 -22.48 -14.66
N ALA B 328 29.19 -23.29 -15.37
CA ALA B 328 30.62 -23.32 -15.12
C ALA B 328 31.29 -22.04 -15.62
N CYS B 329 32.30 -21.59 -14.89
CA CYS B 329 32.98 -20.34 -15.15
C CYS B 329 34.46 -20.59 -15.33
N ILE B 330 35.16 -19.70 -16.05
CA ILE B 330 36.61 -19.73 -15.95
C ILE B 330 37.03 -19.23 -14.57
N GLY B 331 38.21 -19.69 -14.14
CA GLY B 331 38.78 -19.28 -12.89
C GLY B 331 39.57 -17.99 -12.98
N TRP B 332 40.18 -17.60 -11.85
CA TRP B 332 40.81 -16.29 -11.79
C TRP B 332 42.03 -16.18 -12.72
N GLU B 333 42.86 -17.22 -12.77
CA GLU B 333 44.07 -17.10 -13.59
C GLU B 333 43.73 -16.90 -15.05
N ASP B 334 42.78 -17.68 -15.57
CA ASP B 334 42.32 -17.47 -16.95
C ASP B 334 41.72 -16.09 -17.11
N THR B 335 41.01 -15.61 -16.09
CA THR B 335 40.36 -14.29 -16.17
C THR B 335 41.40 -13.17 -16.35
N ASP B 336 42.46 -13.21 -15.54
CA ASP B 336 43.54 -12.25 -15.66
C ASP B 336 44.11 -12.28 -17.07
N ALA B 337 44.36 -13.49 -17.58
CA ALA B 337 44.95 -13.59 -18.91
C ALA B 337 44.00 -13.06 -19.97
N LEU B 338 42.72 -13.41 -19.85
CA LEU B 338 41.72 -12.96 -20.81
C LEU B 338 41.62 -11.44 -20.82
N LEU B 339 41.57 -10.82 -19.63
CA LEU B 339 41.45 -9.37 -19.60
C LEU B 339 42.67 -8.68 -20.21
N ARG B 340 43.86 -9.22 -19.96
CA ARG B 340 45.06 -8.64 -20.56
C ARG B 340 45.05 -8.85 -22.08
N GLN B 341 44.55 -10.01 -22.54
CA GLN B 341 44.42 -10.21 -23.99
C GLN B 341 43.49 -9.15 -24.59
N LEU B 342 42.35 -8.89 -23.96
CA LEU B 342 41.42 -7.90 -24.50
C LEU B 342 42.05 -6.51 -24.50
N ALA B 343 42.70 -6.13 -23.39
CA ALA B 343 43.36 -4.82 -23.31
C ALA B 343 44.38 -4.67 -24.44
N ASN B 344 45.19 -5.71 -24.66
CA ASN B 344 46.20 -5.65 -25.73
C ASN B 344 45.54 -5.48 -27.09
N ALA B 345 44.42 -6.17 -27.33
CA ALA B 345 43.72 -6.07 -28.61
C ALA B 345 43.15 -4.67 -28.82
N VAL B 346 42.60 -4.06 -27.76
CA VAL B 346 42.06 -2.71 -27.89
C VAL B 346 43.17 -1.71 -28.18
N LYS B 347 44.32 -1.87 -27.52
CA LYS B 347 45.46 -1.01 -27.81
C LYS B 347 45.89 -1.18 -29.26
N ALA B 348 45.93 -2.43 -29.74
CA ALA B 348 46.30 -2.65 -31.13
C ALA B 348 45.29 -2.03 -32.08
N ARG B 349 44.01 -2.09 -31.73
CA ARG B 349 42.99 -1.54 -32.61
C ARG B 349 43.20 -0.06 -32.80
N ARG B 350 43.69 0.60 -31.74
CA ARG B 350 43.82 2.05 -31.72
C ARG B 350 45.08 2.50 -32.45
N GLY B 351 46.19 1.81 -32.23
CA GLY B 351 47.49 2.27 -32.71
C GLY B 351 47.77 1.88 -34.14
N ASP C 8 2.56 -5.19 18.68
CA ASP C 8 3.23 -6.45 18.94
C ASP C 8 2.47 -7.31 19.97
N LEU C 9 2.90 -7.27 21.24
CA LEU C 9 2.33 -8.17 22.23
C LEU C 9 0.84 -7.93 22.48
N ARG C 10 0.36 -6.70 22.33
CA ARG C 10 -1.04 -6.41 22.61
C ARG C 10 -1.86 -6.22 21.33
N ILE C 11 -1.25 -6.41 20.18
CA ILE C 11 -1.99 -6.52 18.92
C ILE C 11 -2.23 -8.01 18.68
N LYS C 12 -3.48 -8.40 18.60
CA LYS C 12 -3.78 -9.82 18.48
C LYS C 12 -4.05 -10.25 17.06
N GLU C 13 -4.69 -9.39 16.26
CA GLU C 13 -5.01 -9.75 14.88
C GLU C 13 -5.01 -8.49 14.05
N ILE C 14 -4.55 -8.63 12.79
CA ILE C 14 -4.62 -7.58 11.79
C ILE C 14 -5.29 -8.16 10.56
N LYS C 15 -6.34 -7.50 10.08
CA LYS C 15 -7.18 -8.03 9.02
C LYS C 15 -7.29 -7.00 7.92
N GLU C 16 -7.54 -7.49 6.71
CA GLU C 16 -7.59 -6.62 5.54
C GLU C 16 -8.78 -5.68 5.58
N LEU C 17 -8.56 -4.47 5.07
CA LEU C 17 -9.55 -3.40 5.03
C LEU C 17 -9.65 -2.89 3.60
N LEU C 18 -10.85 -2.90 3.04
CA LEU C 18 -11.07 -2.26 1.74
C LEU C 18 -10.63 -0.81 1.78
N PRO C 19 -9.90 -0.33 0.77
CA PRO C 19 -9.55 1.09 0.71
C PRO C 19 -10.75 1.92 0.31
N PRO C 20 -10.77 3.22 0.63
CA PRO C 20 -11.89 4.07 0.20
C PRO C 20 -12.22 3.99 -1.29
N VAL C 21 -11.21 3.94 -2.17
CA VAL C 21 -11.52 3.88 -3.61
C VAL C 21 -12.43 2.72 -3.93
N ALA C 22 -12.33 1.61 -3.18
CA ALA C 22 -13.19 0.47 -3.49
C ALA C 22 -14.64 0.78 -3.20
N LEU C 23 -14.90 1.48 -2.08
CA LEU C 23 -16.26 1.91 -1.74
C LEU C 23 -16.75 2.99 -2.68
N LEU C 24 -15.87 3.93 -3.02
CA LEU C 24 -16.26 4.99 -3.96
C LEU C 24 -16.58 4.44 -5.34
N GLU C 25 -15.86 3.40 -5.78
CA GLU C 25 -16.13 2.84 -7.10
C GLU C 25 -17.41 2.01 -7.09
N LYS C 26 -17.61 1.22 -6.03
CA LYS C 26 -18.81 0.40 -5.95
C LYS C 26 -20.06 1.25 -5.80
N PHE C 27 -19.97 2.33 -5.00
CA PHE C 27 -21.11 3.16 -4.66
C PHE C 27 -20.83 4.61 -5.03
N PRO C 28 -20.75 4.92 -6.32
CA PRO C 28 -20.48 6.31 -6.70
C PRO C 28 -21.70 7.19 -6.43
N ALA C 29 -21.44 8.46 -6.16
CA ALA C 29 -22.53 9.41 -6.00
C ALA C 29 -23.32 9.51 -7.30
N THR C 30 -24.63 9.27 -7.23
CA THR C 30 -25.50 9.58 -8.35
C THR C 30 -25.51 11.09 -8.57
N GLU C 31 -26.04 11.51 -9.72
CA GLU C 31 -26.20 12.94 -9.95
C GLU C 31 -27.06 13.57 -8.86
N ASN C 32 -28.16 12.90 -8.49
CA ASN C 32 -29.04 13.45 -7.47
C ASN C 32 -28.34 13.56 -6.12
N ALA C 33 -27.62 12.51 -5.75
CA ALA C 33 -26.90 12.52 -4.47
C ALA C 33 -25.89 13.64 -4.42
N ALA C 34 -25.12 13.81 -5.50
CA ALA C 34 -24.14 14.90 -5.54
C ALA C 34 -24.83 16.25 -5.42
N ASN C 35 -25.98 16.42 -6.09
CA ASN C 35 -26.68 17.70 -6.02
C ASN C 35 -27.19 17.98 -4.62
N THR C 36 -27.74 16.95 -3.97
CA THR C 36 -28.22 17.11 -2.60
C THR C 36 -27.10 17.61 -1.69
N VAL C 37 -25.91 17.03 -1.82
CA VAL C 37 -24.80 17.42 -0.95
C VAL C 37 -24.36 18.84 -1.25
N ALA C 38 -24.20 19.17 -2.54
CA ALA C 38 -23.72 20.50 -2.90
C ALA C 38 -24.69 21.59 -2.43
N HIS C 39 -25.99 21.35 -2.61
CA HIS C 39 -26.99 22.35 -2.22
C HIS C 39 -27.03 22.53 -0.72
N ALA C 40 -27.07 21.42 0.03
CA ALA C 40 -27.15 21.51 1.48
C ALA C 40 -25.90 22.16 2.06
N ARG C 41 -24.73 21.83 1.51
CA ARG C 41 -23.52 22.50 1.95
C ARG C 41 -23.59 24.00 1.65
N LYS C 42 -24.06 24.35 0.45
CA LYS C 42 -24.19 25.76 0.11
C LYS C 42 -25.20 26.44 1.02
N ALA C 43 -26.31 25.77 1.32
CA ALA C 43 -27.37 26.34 2.16
C ALA C 43 -26.87 26.60 3.58
N ILE C 44 -26.12 25.65 4.16
CA ILE C 44 -25.60 25.84 5.50
C ILE C 44 -24.57 26.96 5.53
N HIS C 45 -23.73 27.03 4.50
CA HIS C 45 -22.77 28.12 4.40
C HIS C 45 -23.48 29.47 4.35
N LYS C 46 -24.57 29.55 3.59
CA LYS C 46 -25.36 30.78 3.52
C LYS C 46 -25.93 31.14 4.89
N ILE C 47 -26.39 30.14 5.64
CA ILE C 47 -26.95 30.39 6.98
C ILE C 47 -25.85 30.84 7.93
N LEU C 48 -24.68 30.22 7.84
CA LEU C 48 -23.58 30.56 8.74
C LEU C 48 -23.02 31.93 8.43
N LYS C 49 -23.06 32.35 7.18
CA LYS C 49 -22.64 33.69 6.79
C LYS C 49 -23.70 34.74 7.11
N GLY C 50 -24.82 34.34 7.71
CA GLY C 50 -25.89 35.26 8.03
C GLY C 50 -26.77 35.66 6.86
N ASN C 51 -26.48 35.16 5.66
CA ASN C 51 -27.22 35.55 4.47
C ASN C 51 -28.46 34.69 4.25
N ASP C 52 -28.96 34.04 5.30
CA ASP C 52 -30.20 33.29 5.23
C ASP C 52 -30.74 33.19 6.65
N ASP C 53 -32.04 33.40 6.79
CA ASP C 53 -32.66 33.47 8.12
C ASP C 53 -33.29 32.16 8.54
N ARG C 54 -33.21 31.11 7.73
CA ARG C 54 -33.76 29.81 8.08
C ARG C 54 -32.89 29.12 9.13
N LEU C 55 -33.43 28.06 9.73
CA LEU C 55 -32.79 27.34 10.81
C LEU C 55 -32.27 26.00 10.29
N LEU C 56 -30.99 25.71 10.54
CA LEU C 56 -30.47 24.38 10.24
C LEU C 56 -30.95 23.41 11.32
N VAL C 57 -31.62 22.33 10.91
CA VAL C 57 -32.12 21.34 11.83
C VAL C 57 -31.45 20.01 11.51
N VAL C 58 -30.58 19.57 12.41
CA VAL C 58 -29.93 18.26 12.33
C VAL C 58 -30.70 17.34 13.25
N ILE C 59 -31.42 16.38 12.66
CA ILE C 59 -32.37 15.57 13.41
C ILE C 59 -32.39 14.16 12.87
N GLY C 60 -32.48 13.18 13.77
CA GLY C 60 -32.49 11.79 13.37
C GLY C 60 -32.04 10.91 14.52
N PRO C 61 -31.88 9.62 14.26
CA PRO C 61 -31.53 8.69 15.33
C PRO C 61 -30.21 9.05 15.98
N CYS C 62 -30.09 8.72 17.27
CA CYS C 62 -28.79 8.77 17.94
C CYS C 62 -27.75 7.98 17.16
N SER C 63 -28.15 6.81 16.66
CA SER C 63 -27.26 5.96 15.89
C SER C 63 -28.10 5.15 14.91
N ILE C 64 -27.54 4.89 13.74
CA ILE C 64 -28.19 4.00 12.77
C ILE C 64 -27.77 2.58 13.10
N HIS C 65 -28.76 1.69 13.26
CA HIS C 65 -28.43 0.28 13.38
C HIS C 65 -29.24 -0.60 12.44
N ASP C 66 -30.20 -0.03 11.70
CA ASP C 66 -31.07 -0.81 10.82
C ASP C 66 -31.37 0.05 9.59
N PRO C 67 -30.75 -0.26 8.44
CA PRO C 67 -30.95 0.58 7.25
C PRO C 67 -32.39 0.64 6.78
N VAL C 68 -33.21 -0.35 7.09
CA VAL C 68 -34.61 -0.34 6.56
C VAL C 68 -35.42 0.73 7.31
N ALA C 69 -35.33 0.71 8.63
CA ALA C 69 -36.00 1.73 9.46
C ALA C 69 -35.43 3.12 9.13
N ALA C 70 -34.13 3.21 8.86
CA ALA C 70 -33.52 4.52 8.57
C ALA C 70 -34.13 5.07 7.29
N LYS C 71 -34.36 4.19 6.32
CA LYS C 71 -34.93 4.64 5.02
C LYS C 71 -36.39 5.02 5.23
N GLU C 72 -37.09 4.36 6.15
CA GLU C 72 -38.47 4.78 6.46
C GLU C 72 -38.42 6.17 7.10
N TYR C 73 -37.56 6.32 8.10
CA TYR C 73 -37.39 7.62 8.74
C TYR C 73 -37.04 8.68 7.71
N ALA C 74 -36.10 8.36 6.82
CA ALA C 74 -35.69 9.31 5.79
C ALA C 74 -36.85 9.72 4.88
N THR C 75 -37.72 8.79 4.50
CA THR C 75 -38.86 9.15 3.66
C THR C 75 -39.80 10.11 4.38
N ARG C 76 -40.06 9.86 5.65
CA ARG C 76 -40.94 10.75 6.45
C ARG C 76 -40.28 12.13 6.61
N LEU C 77 -39.00 12.14 6.96
CA LEU C 77 -38.33 13.42 7.19
C LEU C 77 -38.23 14.22 5.90
N LEU C 78 -38.03 13.53 4.76
CA LEU C 78 -37.92 14.24 3.49
C LEU C 78 -39.20 15.03 3.21
N ALA C 79 -40.35 14.46 3.55
CA ALA C 79 -41.62 15.15 3.34
C ALA C 79 -41.67 16.44 4.14
N LEU C 80 -41.28 16.37 5.42
CA LEU C 80 -41.24 17.56 6.27
C LEU C 80 -40.17 18.53 5.78
N ARG C 81 -39.02 18.02 5.35
CA ARG C 81 -38.02 18.89 4.73
C ARG C 81 -38.61 19.67 3.57
N GLU C 82 -39.45 19.02 2.75
CA GLU C 82 -40.10 19.70 1.64
C GLU C 82 -41.19 20.64 2.14
N GLU C 83 -41.92 20.24 3.18
CA GLU C 83 -43.04 21.05 3.68
C GLU C 83 -42.55 22.32 4.36
N LEU C 84 -41.47 22.22 5.13
CA LEU C 84 -40.99 23.33 5.94
C LEU C 84 -39.78 24.02 5.33
N LYS C 85 -39.54 23.82 4.03
CA LYS C 85 -38.29 24.26 3.43
C LYS C 85 -38.07 25.77 3.49
N ASP C 86 -39.12 26.55 3.79
CA ASP C 86 -38.98 28.00 3.84
C ASP C 86 -38.45 28.48 5.18
N GLU C 87 -38.68 27.72 6.24
CA GLU C 87 -38.17 28.09 7.55
C GLU C 87 -36.95 27.28 7.95
N LEU C 88 -36.84 26.05 7.47
CA LEU C 88 -35.88 25.10 8.01
C LEU C 88 -35.08 24.46 6.88
N GLU C 89 -33.79 24.26 7.14
CA GLU C 89 -32.92 23.44 6.30
C GLU C 89 -32.75 22.15 7.08
N ILE C 90 -33.55 21.13 6.74
CA ILE C 90 -33.62 19.91 7.53
C ILE C 90 -32.59 18.92 6.99
N VAL C 91 -31.77 18.39 7.89
CA VAL C 91 -30.67 17.47 7.58
C VAL C 91 -30.80 16.28 8.52
N MET C 92 -30.72 15.08 7.97
CA MET C 92 -30.95 13.88 8.79
C MET C 92 -29.68 13.46 9.50
N ARG C 93 -29.77 13.19 10.81
CA ARG C 93 -28.68 12.53 11.51
C ARG C 93 -28.53 11.12 10.97
N VAL C 94 -27.37 10.82 10.38
CA VAL C 94 -27.07 9.46 9.95
C VAL C 94 -25.75 9.08 10.60
N TYR C 95 -25.80 8.70 11.87
CA TYR C 95 -24.60 8.54 12.69
C TYR C 95 -24.18 7.07 12.68
N PHE C 96 -23.03 6.78 12.09
CA PHE C 96 -22.49 5.43 12.04
C PHE C 96 -21.40 5.18 13.08
N GLU C 97 -21.00 6.20 13.83
CA GLU C 97 -19.89 6.11 14.76
C GLU C 97 -20.29 6.70 16.11
N LYS C 98 -20.11 5.92 17.18
CA LYS C 98 -20.56 6.31 18.50
C LYS C 98 -19.39 6.35 19.47
N PRO C 99 -19.09 7.51 20.05
CA PRO C 99 -18.11 7.58 21.14
C PRO C 99 -18.74 7.09 22.44
N ARG C 100 -18.12 6.09 23.06
CA ARG C 100 -18.61 5.58 24.33
C ARG C 100 -17.90 6.26 25.49
N THR C 101 -18.64 6.42 26.59
CA THR C 101 -18.02 6.95 27.81
C THR C 101 -16.88 6.05 28.28
N THR C 102 -17.04 4.73 28.10
CA THR C 102 -15.96 3.78 28.32
C THR C 102 -15.91 2.76 27.20
N VAL C 103 -16.70 1.68 27.31
CA VAL C 103 -16.77 0.66 26.28
C VAL C 103 -18.23 0.52 25.85
N GLY C 104 -18.42 -0.04 24.66
CA GLY C 104 -19.77 -0.26 24.15
C GLY C 104 -19.76 -0.42 22.65
N TRP C 105 -20.95 -0.72 22.10
CA TRP C 105 -21.14 -0.83 20.67
C TRP C 105 -20.80 0.50 20.01
N LYS C 106 -19.84 0.49 19.09
CA LYS C 106 -19.32 1.72 18.52
C LYS C 106 -20.05 2.15 17.26
N GLY C 107 -21.10 1.45 16.87
CA GLY C 107 -21.89 1.88 15.74
C GLY C 107 -21.92 0.83 14.64
N LEU C 108 -22.61 1.21 13.56
CA LEU C 108 -22.89 0.27 12.48
C LEU C 108 -21.62 -0.08 11.72
N ILE C 109 -20.71 0.89 11.55
CA ILE C 109 -19.51 0.61 10.77
C ILE C 109 -18.61 -0.37 11.52
N ASN C 110 -18.44 -0.15 12.82
CA ASN C 110 -17.52 -0.96 13.61
C ASN C 110 -18.05 -2.37 13.80
N ASP C 111 -19.36 -2.54 13.93
CA ASP C 111 -19.93 -3.84 14.25
C ASP C 111 -21.35 -3.91 13.67
N PRO C 112 -21.47 -4.03 12.35
CA PRO C 112 -22.80 -3.93 11.72
C PRO C 112 -23.77 -4.98 12.21
N HIS C 113 -23.28 -6.16 12.58
CA HIS C 113 -24.15 -7.24 12.98
C HIS C 113 -24.36 -7.27 14.49
N MET C 114 -23.89 -6.22 15.16
CA MET C 114 -24.14 -6.01 16.62
C MET C 114 -23.86 -7.25 17.46
N ASP C 115 -22.95 -8.11 17.03
CA ASP C 115 -22.63 -9.34 17.74
C ASP C 115 -21.14 -9.46 18.03
N ASN C 116 -20.40 -8.35 18.01
CA ASN C 116 -18.95 -8.37 18.21
C ASN C 116 -18.25 -9.23 17.18
N SER C 117 -18.75 -9.27 15.95
CA SER C 117 -18.00 -9.91 14.88
C SER C 117 -17.15 -8.90 14.09
N PHE C 118 -17.40 -7.60 14.27
CA PHE C 118 -16.53 -6.54 13.76
C PHE C 118 -16.27 -6.67 12.26
N GLN C 119 -17.34 -6.88 11.51
CA GLN C 119 -17.28 -6.99 10.05
C GLN C 119 -17.27 -5.58 9.45
N ILE C 120 -16.13 -4.90 9.63
CA ILE C 120 -16.07 -3.50 9.24
C ILE C 120 -16.19 -3.32 7.74
N ASN C 121 -15.67 -4.26 6.94
CA ASN C 121 -15.83 -4.09 5.51
C ASN C 121 -17.31 -4.14 5.13
N ASP C 122 -18.07 -5.03 5.76
CA ASP C 122 -19.53 -5.03 5.60
C ASP C 122 -20.12 -3.71 6.09
N GLY C 123 -19.68 -3.26 7.26
CA GLY C 123 -20.17 -2.00 7.81
C GLY C 123 -19.98 -0.84 6.87
N LEU C 124 -18.80 -0.75 6.23
CA LEU C 124 -18.57 0.35 5.31
C LEU C 124 -19.46 0.26 4.08
N ARG C 125 -19.68 -0.95 3.56
CA ARG C 125 -20.55 -1.11 2.40
C ARG C 125 -21.99 -0.73 2.75
N ILE C 126 -22.46 -1.23 3.90
CA ILE C 126 -23.82 -0.91 4.35
C ILE C 126 -23.98 0.59 4.57
N ALA C 127 -23.04 1.20 5.31
CA ALA C 127 -23.14 2.62 5.62
C ALA C 127 -23.13 3.48 4.37
N ARG C 128 -22.22 3.20 3.43
CA ARG C 128 -22.15 4.05 2.26
C ARG C 128 -23.38 3.88 1.37
N LYS C 129 -23.86 2.64 1.25
CA LYS C 129 -25.07 2.40 0.47
C LYS C 129 -26.26 3.16 1.06
N LEU C 130 -26.43 3.10 2.38
CA LEU C 130 -27.51 3.83 3.03
C LEU C 130 -27.37 5.33 2.81
N LEU C 131 -26.17 5.86 3.07
CA LEU C 131 -25.93 7.29 2.86
C LEU C 131 -26.21 7.67 1.42
N LEU C 132 -25.78 6.83 0.46
CA LEU C 132 -26.02 7.13 -0.94
C LEU C 132 -27.51 7.15 -1.25
N ASP C 133 -28.25 6.17 -0.73
CA ASP C 133 -29.69 6.11 -0.99
C ASP C 133 -30.40 7.32 -0.43
N ILE C 134 -30.03 7.75 0.78
CA ILE C 134 -30.71 8.87 1.42
C ILE C 134 -30.45 10.15 0.65
N ASN C 135 -29.18 10.43 0.31
CA ASN C 135 -28.88 11.61 -0.49
C ASN C 135 -29.55 11.55 -1.85
N ASP C 136 -29.62 10.36 -2.45
CA ASP C 136 -30.20 10.23 -3.78
C ASP C 136 -31.69 10.58 -3.74
N SER C 137 -32.36 10.23 -2.65
CA SER C 137 -33.76 10.61 -2.47
C SER C 137 -33.94 12.12 -2.35
N GLY C 138 -32.89 12.85 -1.97
CA GLY C 138 -32.95 14.29 -1.85
C GLY C 138 -32.77 14.79 -0.44
N LEU C 139 -32.53 13.90 0.53
CA LEU C 139 -32.41 14.29 1.92
C LEU C 139 -30.93 14.41 2.31
N PRO C 140 -30.47 15.56 2.77
CA PRO C 140 -29.07 15.69 3.20
C PRO C 140 -28.80 14.92 4.49
N ALA C 141 -27.51 14.64 4.72
CA ALA C 141 -27.10 13.79 5.83
C ALA C 141 -26.05 14.47 6.68
N ALA C 142 -26.03 14.10 7.96
CA ALA C 142 -25.11 14.61 8.96
C ALA C 142 -24.52 13.44 9.74
N GLY C 143 -23.26 13.56 10.16
CA GLY C 143 -22.65 12.51 10.96
C GLY C 143 -21.64 13.09 11.92
N GLU C 144 -21.27 12.30 12.92
CA GLU C 144 -20.15 12.63 13.77
C GLU C 144 -18.89 12.05 13.14
N PHE C 145 -17.85 12.88 13.05
CA PHE C 145 -16.55 12.44 12.55
C PHE C 145 -15.72 12.07 13.78
N LEU C 146 -15.75 10.79 14.14
CA LEU C 146 -14.99 10.32 15.28
C LEU C 146 -13.73 9.59 14.86
N ASP C 147 -13.87 8.66 13.92
CA ASP C 147 -12.75 7.88 13.45
C ASP C 147 -11.91 8.71 12.49
N MET C 148 -10.58 8.51 12.55
CA MET C 148 -9.68 9.20 11.64
C MET C 148 -9.61 8.57 10.26
N ILE C 149 -10.02 7.31 10.11
CA ILE C 149 -9.87 6.60 8.85
C ILE C 149 -11.18 6.44 8.08
N THR C 150 -12.31 6.31 8.77
CA THR C 150 -13.58 6.18 8.05
C THR C 150 -14.04 7.40 7.24
N PRO C 151 -13.67 8.66 7.57
CA PRO C 151 -14.23 9.78 6.79
C PRO C 151 -13.97 9.71 5.28
N GLN C 152 -12.84 9.12 4.84
CA GLN C 152 -12.59 9.00 3.41
C GLN C 152 -13.64 8.17 2.68
N TYR C 153 -14.35 7.30 3.40
CA TYR C 153 -15.34 6.43 2.80
C TYR C 153 -16.70 7.10 2.64
N LEU C 154 -16.95 8.17 3.40
CA LEU C 154 -18.30 8.70 3.55
C LEU C 154 -18.42 10.20 3.33
N ALA C 155 -17.33 10.98 3.45
CA ALA C 155 -17.48 12.41 3.62
C ALA C 155 -18.05 13.10 2.37
N ASP C 156 -17.85 12.52 1.19
CA ASP C 156 -18.39 13.10 -0.04
C ASP C 156 -19.91 13.07 -0.07
N LEU C 157 -20.52 12.35 0.87
CA LEU C 157 -22.00 12.25 0.93
C LEU C 157 -22.49 12.95 2.21
N MET C 158 -21.61 13.66 2.90
CA MET C 158 -21.99 14.38 4.14
C MET C 158 -22.12 15.91 3.91
N SER C 159 -23.25 16.44 4.37
CA SER C 159 -23.51 17.88 4.15
C SER C 159 -23.16 18.67 5.42
N TRP C 160 -22.92 17.99 6.53
CA TRP C 160 -22.60 18.63 7.80
C TRP C 160 -22.05 17.55 8.72
N GLY C 161 -21.11 17.93 9.59
CA GLY C 161 -20.53 16.98 10.52
C GLY C 161 -20.31 17.58 11.89
N ALA C 162 -20.25 16.69 12.88
CA ALA C 162 -20.02 17.08 14.27
C ALA C 162 -18.73 16.46 14.79
N ILE C 163 -18.02 17.21 15.62
CA ILE C 163 -16.95 16.67 16.45
C ILE C 163 -17.48 16.55 17.87
N GLY C 164 -17.39 15.35 18.45
CA GLY C 164 -18.03 15.09 19.72
C GLY C 164 -17.39 15.86 20.86
N ALA C 165 -18.18 16.04 21.94
CA ALA C 165 -17.67 16.72 23.12
C ALA C 165 -16.36 16.11 23.62
N ARG C 166 -16.19 14.79 23.46
CA ARG C 166 -15.03 14.10 24.02
C ARG C 166 -13.80 14.20 23.13
N THR C 167 -13.95 14.78 21.93
CA THR C 167 -12.85 14.94 20.99
C THR C 167 -12.70 16.38 20.51
N THR C 168 -13.48 17.32 21.07
CA THR C 168 -13.34 18.72 20.68
C THR C 168 -11.94 19.26 20.97
N GLU C 169 -11.31 18.75 22.02
CA GLU C 169 -9.97 19.18 22.38
C GLU C 169 -8.91 18.48 21.55
N SER C 170 -9.29 17.48 20.76
CA SER C 170 -8.33 16.59 20.12
C SER C 170 -7.72 17.26 18.90
N GLN C 171 -6.38 17.37 18.89
CA GLN C 171 -5.68 17.96 17.75
C GLN C 171 -5.99 17.24 16.45
N VAL C 172 -5.99 15.91 16.44
CA VAL C 172 -6.22 15.21 15.18
C VAL C 172 -7.63 15.48 14.66
N HIS C 173 -8.61 15.70 15.56
CA HIS C 173 -9.96 15.99 15.09
C HIS C 173 -10.08 17.42 14.60
N ARG C 174 -9.36 18.36 15.23
CA ARG C 174 -9.28 19.70 14.69
C ARG C 174 -8.63 19.71 13.31
N GLU C 175 -7.55 18.95 13.15
CA GLU C 175 -6.92 18.82 11.84
C GLU C 175 -7.88 18.23 10.82
N LEU C 176 -8.54 17.12 11.17
CA LEU C 176 -9.53 16.53 10.29
C LEU C 176 -10.52 17.59 9.80
N ALA C 177 -11.11 18.33 10.76
CA ALA C 177 -12.13 19.32 10.40
C ALA C 177 -11.59 20.38 9.45
N SER C 178 -10.31 20.73 9.59
CA SER C 178 -9.70 21.75 8.73
C SER C 178 -9.62 21.33 7.27
N GLY C 179 -9.80 20.05 6.97
CA GLY C 179 -9.78 19.58 5.60
C GLY C 179 -11.08 18.97 5.10
N LEU C 180 -12.15 19.04 5.89
CA LEU C 180 -13.44 18.51 5.42
C LEU C 180 -14.10 19.48 4.45
N SER C 181 -14.85 18.93 3.50
CA SER C 181 -15.54 19.73 2.51
C SER C 181 -16.91 20.22 2.99
N CYS C 182 -17.30 19.88 4.20
CA CYS C 182 -18.60 20.25 4.74
C CYS C 182 -18.44 21.13 5.97
N PRO C 183 -19.48 21.89 6.34
CA PRO C 183 -19.46 22.59 7.63
C PRO C 183 -19.36 21.61 8.79
N VAL C 184 -18.77 22.08 9.89
CA VAL C 184 -18.49 21.25 11.05
C VAL C 184 -18.91 22.00 12.32
N GLY C 185 -19.61 21.30 13.21
CA GLY C 185 -19.92 21.84 14.54
C GLY C 185 -19.07 21.18 15.61
N PHE C 186 -18.64 21.98 16.60
CA PHE C 186 -17.83 21.50 17.71
C PHE C 186 -18.63 21.61 19.00
N LYS C 187 -18.86 20.47 19.65
CA LYS C 187 -19.60 20.47 20.90
C LYS C 187 -18.76 21.08 22.02
N ASN C 188 -19.41 21.81 22.93
CA ASN C 188 -18.67 22.27 24.08
C ASN C 188 -18.25 21.07 24.93
N GLY C 189 -17.32 21.33 25.86
CA GLY C 189 -16.81 20.26 26.69
C GLY C 189 -17.88 19.63 27.55
N THR C 190 -17.62 18.38 27.95
CA THR C 190 -18.59 17.64 28.74
C THR C 190 -18.87 18.30 30.09
N ASP C 191 -17.94 19.09 30.62
CA ASP C 191 -18.22 19.92 31.77
C ASP C 191 -18.94 21.22 31.41
N GLY C 192 -19.21 21.47 30.14
CA GLY C 192 -19.82 22.71 29.71
C GLY C 192 -18.85 23.80 29.29
N THR C 193 -17.55 23.52 29.30
CA THR C 193 -16.56 24.53 28.95
C THR C 193 -16.73 25.00 27.51
N ILE C 194 -16.90 26.31 27.33
CA ILE C 194 -17.08 26.88 26.01
C ILE C 194 -15.73 27.10 25.33
N LYS C 195 -14.68 27.39 26.09
CA LYS C 195 -13.39 27.76 25.51
C LYS C 195 -12.86 26.69 24.57
N VAL C 196 -13.01 25.41 24.93
CA VAL C 196 -12.41 24.35 24.13
C VAL C 196 -13.01 24.32 22.74
N ALA C 197 -14.30 24.65 22.61
CA ALA C 197 -14.94 24.65 21.30
C ALA C 197 -14.54 25.88 20.49
N ILE C 198 -14.36 27.01 21.17
CA ILE C 198 -13.85 28.20 20.49
C ILE C 198 -12.44 27.96 19.97
N ASP C 199 -11.59 27.33 20.78
CA ASP C 199 -10.25 27.00 20.30
C ASP C 199 -10.31 26.07 19.10
N ALA C 200 -11.22 25.08 19.14
CA ALA C 200 -11.34 24.15 18.03
C ALA C 200 -11.77 24.85 16.75
N ILE C 201 -12.71 25.80 16.85
CA ILE C 201 -13.17 26.50 15.66
C ILE C 201 -12.03 27.29 15.03
N ASN C 202 -11.21 27.93 15.88
CA ASN C 202 -10.08 28.70 15.38
C ASN C 202 -9.05 27.78 14.74
N ALA C 203 -8.74 26.67 15.40
CA ALA C 203 -7.79 25.69 14.84
C ALA C 203 -8.31 25.11 13.54
N ALA C 204 -9.60 24.75 13.49
CA ALA C 204 -10.13 24.15 12.26
C ALA C 204 -10.14 25.16 11.12
N GLY C 205 -10.18 26.45 11.42
CA GLY C 205 -10.17 27.42 10.33
C GLY C 205 -8.82 27.66 9.70
N ALA C 206 -7.77 27.09 10.28
CA ALA C 206 -6.41 27.33 9.85
C ALA C 206 -5.90 26.15 9.03
N PRO C 207 -4.95 26.36 8.12
CA PRO C 207 -4.36 25.24 7.40
C PRO C 207 -3.47 24.42 8.33
N HIS C 208 -3.41 23.11 8.07
CA HIS C 208 -2.53 22.24 8.83
C HIS C 208 -1.80 21.28 7.90
N CYS C 209 -0.75 20.68 8.48
CA CYS C 209 0.05 19.66 7.82
C CYS C 209 0.18 18.52 8.81
N PHE C 210 -0.27 17.33 8.43
CA PHE C 210 -0.32 16.22 9.36
C PHE C 210 -0.38 14.91 8.59
N LEU C 211 -0.27 13.82 9.34
CA LEU C 211 -0.30 12.49 8.77
C LEU C 211 -1.74 11.99 8.73
N SER C 212 -2.10 11.38 7.61
CA SER C 212 -3.46 10.91 7.40
C SER C 212 -3.42 9.74 6.43
N VAL C 213 -4.60 9.22 6.08
CA VAL C 213 -4.74 8.11 5.14
C VAL C 213 -5.48 8.60 3.91
N THR C 214 -4.99 8.21 2.74
CA THR C 214 -5.54 8.66 1.47
C THR C 214 -6.69 7.74 1.05
N LYS C 215 -7.33 8.06 -0.07
CA LYS C 215 -8.43 7.21 -0.59
C LYS C 215 -7.88 5.87 -1.07
N TRP C 216 -6.56 5.76 -1.19
CA TRP C 216 -5.91 4.52 -1.58
C TRP C 216 -5.62 3.62 -0.40
N GLY C 217 -5.95 4.06 0.81
CA GLY C 217 -5.64 3.30 2.00
C GLY C 217 -4.20 3.36 2.45
N HIS C 218 -3.44 4.34 1.97
CA HIS C 218 -2.03 4.52 2.31
C HIS C 218 -1.85 5.74 3.19
N SER C 219 -0.95 5.65 4.18
CA SER C 219 -0.65 6.84 4.96
C SER C 219 0.17 7.83 4.15
N ALA C 220 -0.01 9.11 4.44
CA ALA C 220 0.62 10.16 3.65
C ALA C 220 0.66 11.44 4.48
N ILE C 221 1.40 12.41 3.96
CA ILE C 221 1.45 13.74 4.54
C ILE C 221 0.40 14.60 3.84
N VAL C 222 -0.52 15.16 4.60
CA VAL C 222 -1.65 15.89 4.05
C VAL C 222 -1.57 17.35 4.48
N ASN C 223 -1.87 18.26 3.56
CA ASN C 223 -1.97 19.69 3.84
C ASN C 223 -3.38 20.14 3.56
N THR C 224 -3.99 20.81 4.54
CA THR C 224 -5.35 21.32 4.43
C THR C 224 -5.35 22.83 4.30
N SER C 225 -6.47 23.36 3.81
CA SER C 225 -6.64 24.78 3.62
C SER C 225 -7.19 25.50 4.85
N GLY C 226 -7.91 24.80 5.70
CA GLY C 226 -8.67 25.45 6.75
C GLY C 226 -10.14 25.46 6.41
N ASN C 227 -10.97 25.39 7.45
CA ASN C 227 -12.42 25.28 7.27
C ASN C 227 -13.06 26.44 8.03
N GLY C 228 -13.59 27.41 7.29
CA GLY C 228 -14.24 28.55 7.91
C GLY C 228 -15.70 28.33 8.28
N ASP C 229 -16.32 27.28 7.76
CA ASP C 229 -17.71 26.97 8.09
C ASP C 229 -17.82 26.10 9.34
N CYS C 230 -17.20 26.52 10.43
CA CYS C 230 -17.33 25.82 11.70
C CYS C 230 -18.06 26.70 12.71
N HIS C 231 -18.66 26.05 13.72
CA HIS C 231 -19.50 26.74 14.69
C HIS C 231 -19.60 25.89 15.95
N ILE C 232 -20.12 26.48 17.01
CA ILE C 232 -20.23 25.76 18.27
C ILE C 232 -21.58 25.07 18.34
N ILE C 233 -21.59 23.95 19.05
CA ILE C 233 -22.82 23.22 19.38
C ILE C 233 -22.93 23.25 20.90
N LEU C 234 -23.99 23.87 21.42
CA LEU C 234 -24.23 23.91 22.86
C LEU C 234 -24.98 22.65 23.26
N ARG C 235 -24.43 21.90 24.22
CA ARG C 235 -24.93 20.55 24.55
C ARG C 235 -24.93 20.33 26.07
N GLY C 236 -24.80 21.41 26.83
CA GLY C 236 -24.89 21.31 28.28
C GLY C 236 -23.59 20.86 28.92
N GLY C 237 -23.60 20.88 30.25
CA GLY C 237 -22.48 20.39 31.04
C GLY C 237 -23.01 19.77 32.31
N LYS C 238 -22.67 20.35 33.47
CA LYS C 238 -23.36 19.98 34.69
C LYS C 238 -24.85 20.30 34.57
N GLU C 239 -25.15 21.54 34.22
CA GLU C 239 -26.51 21.99 33.99
C GLU C 239 -26.72 22.32 32.52
N PRO C 240 -27.96 22.38 32.07
CA PRO C 240 -28.24 22.80 30.70
C PRO C 240 -27.69 24.19 30.40
N ASN C 241 -27.31 24.41 29.13
CA ASN C 241 -26.79 25.71 28.72
C ASN C 241 -27.50 26.21 27.46
N TYR C 242 -28.79 25.91 27.34
CA TYR C 242 -29.58 26.37 26.19
C TYR C 242 -30.31 27.68 26.43
N SER C 243 -30.45 28.11 27.68
CA SER C 243 -31.22 29.30 28.02
C SER C 243 -30.60 30.56 27.40
N ALA C 244 -31.43 31.60 27.27
CA ALA C 244 -30.98 32.83 26.63
C ALA C 244 -29.85 33.50 27.40
N LYS C 245 -29.76 33.26 28.71
CA LYS C 245 -28.61 33.76 29.47
C LYS C 245 -27.32 33.09 28.99
N HIS C 246 -27.34 31.76 28.93
CA HIS C 246 -26.18 31.01 28.44
C HIS C 246 -25.87 31.41 27.00
N VAL C 247 -26.89 31.56 26.17
CA VAL C 247 -26.70 31.97 24.78
C VAL C 247 -26.03 33.33 24.72
N ALA C 248 -26.45 34.26 25.58
CA ALA C 248 -25.81 35.57 25.63
C ALA C 248 -24.34 35.44 26.04
N GLU C 249 -24.07 34.64 27.07
CA GLU C 249 -22.69 34.39 27.48
C GLU C 249 -21.85 33.85 26.32
N VAL C 250 -22.42 32.93 25.53
CA VAL C 250 -21.66 32.32 24.45
C VAL C 250 -21.43 33.30 23.32
N LYS C 251 -22.48 34.06 22.93
CA LYS C 251 -22.30 35.05 21.88
C LYS C 251 -21.22 36.05 22.25
N GLU C 252 -21.17 36.46 23.52
CA GLU C 252 -20.14 37.39 23.96
C GLU C 252 -18.77 36.77 23.89
N GLY C 253 -18.64 35.53 24.39
CA GLY C 253 -17.37 34.83 24.29
C GLY C 253 -16.93 34.62 22.86
N LEU C 254 -17.88 34.35 21.96
CA LEU C 254 -17.55 34.25 20.53
C LEU C 254 -17.05 35.57 19.99
N ASN C 255 -17.70 36.69 20.39
CA ASN C 255 -17.26 38.00 19.93
C ASN C 255 -15.85 38.32 20.40
N LYS C 256 -15.57 38.08 21.68
CA LYS C 256 -14.23 38.30 22.20
C LYS C 256 -13.19 37.58 21.36
N ALA C 257 -13.44 36.31 21.04
CA ALA C 257 -12.51 35.53 20.21
C ALA C 257 -12.53 35.91 18.75
N GLY C 258 -13.34 36.90 18.35
CA GLY C 258 -13.36 37.33 16.97
C GLY C 258 -14.05 36.39 16.02
N LEU C 259 -15.00 35.60 16.51
CA LEU C 259 -15.78 34.64 15.74
C LEU C 259 -17.23 35.11 15.62
N PRO C 260 -17.92 34.72 14.55
CA PRO C 260 -19.34 35.06 14.43
C PRO C 260 -20.15 34.57 15.62
N ALA C 261 -21.05 35.42 16.11
CA ALA C 261 -21.79 35.14 17.34
C ALA C 261 -23.04 34.33 16.99
N GLN C 262 -22.80 33.09 16.59
CA GLN C 262 -23.86 32.18 16.19
C GLN C 262 -23.67 30.86 16.92
N VAL C 263 -24.78 30.18 17.21
CA VAL C 263 -24.77 28.92 17.94
C VAL C 263 -25.71 27.93 17.29
N MET C 264 -25.38 26.65 17.45
CA MET C 264 -26.33 25.54 17.31
C MET C 264 -26.60 25.02 18.71
N ILE C 265 -27.87 24.69 18.99
CA ILE C 265 -28.25 24.17 20.30
C ILE C 265 -28.66 22.72 20.16
N ASP C 266 -28.04 21.87 20.95
CA ASP C 266 -28.38 20.45 21.01
C ASP C 266 -29.45 20.28 22.10
N PHE C 267 -30.65 19.84 21.70
CA PHE C 267 -31.74 19.67 22.65
C PHE C 267 -31.55 18.47 23.57
N SER C 268 -30.66 17.55 23.22
CA SER C 268 -30.52 16.28 23.92
C SER C 268 -29.32 16.31 24.85
N HIS C 269 -28.88 15.13 25.29
CA HIS C 269 -27.66 14.93 26.10
C HIS C 269 -27.80 15.76 27.39
N ALA C 270 -26.78 16.50 27.81
CA ALA C 270 -26.83 17.20 29.08
C ALA C 270 -27.87 18.32 29.10
N ASN C 271 -28.30 18.82 27.93
CA ASN C 271 -29.31 19.87 27.92
C ASN C 271 -30.69 19.34 28.31
N SER C 272 -30.95 18.06 28.02
CA SER C 272 -32.19 17.41 28.41
C SER C 272 -32.06 16.60 29.69
N SER C 273 -30.88 16.65 30.34
CA SER C 273 -30.58 15.82 31.50
C SER C 273 -30.70 14.33 31.17
N LYS C 274 -30.40 13.97 29.91
CA LYS C 274 -30.47 12.59 29.40
C LYS C 274 -31.89 12.01 29.43
N GLN C 275 -32.90 12.86 29.21
CA GLN C 275 -34.31 12.44 29.22
C GLN C 275 -34.97 12.94 27.94
N PHE C 276 -35.40 12.02 27.07
CA PHE C 276 -35.72 12.44 25.71
C PHE C 276 -36.91 13.37 25.64
N LYS C 277 -37.89 13.23 26.54
CA LYS C 277 -39.05 14.12 26.48
C LYS C 277 -38.65 15.55 26.81
N LYS C 278 -37.66 15.74 27.68
CA LYS C 278 -37.18 17.08 28.00
C LYS C 278 -36.67 17.81 26.75
N GLN C 279 -36.34 17.07 25.69
CA GLN C 279 -36.04 17.68 24.40
C GLN C 279 -37.20 18.54 23.93
N MET C 280 -38.43 18.14 24.26
CA MET C 280 -39.61 18.93 23.91
C MET C 280 -39.63 20.23 24.72
N ASP C 281 -39.17 20.18 25.97
CA ASP C 281 -39.10 21.37 26.80
C ASP C 281 -38.00 22.30 26.31
N VAL C 282 -36.84 21.75 25.94
CA VAL C 282 -35.79 22.59 25.37
C VAL C 282 -36.29 23.25 24.10
N CYS C 283 -37.08 22.52 23.31
CA CYS C 283 -37.65 23.06 22.08
C CYS C 283 -38.48 24.30 22.37
N ALA C 284 -39.38 24.21 23.35
CA ALA C 284 -40.23 25.34 23.68
C ALA C 284 -39.39 26.56 24.05
N ASP C 285 -38.42 26.37 24.94
CA ASP C 285 -37.55 27.48 25.34
C ASP C 285 -36.82 28.08 24.16
N VAL C 286 -36.19 27.24 23.33
CA VAL C 286 -35.43 27.73 22.19
C VAL C 286 -36.34 28.43 21.18
N CYS C 287 -37.54 27.88 20.95
CA CYS C 287 -38.48 28.53 20.04
C CYS C 287 -38.85 29.93 20.50
N GLN C 288 -39.01 30.11 21.81
CA GLN C 288 -39.35 31.43 22.33
C GLN C 288 -38.17 32.39 22.21
N GLN C 289 -36.94 31.90 22.32
CA GLN C 289 -35.78 32.73 22.03
C GLN C 289 -35.78 33.15 20.56
N ILE C 290 -36.02 32.19 19.67
CA ILE C 290 -36.05 32.50 18.23
C ILE C 290 -37.18 33.47 17.93
N ALA C 291 -38.40 33.13 18.36
CA ALA C 291 -39.54 34.00 18.09
C ALA C 291 -39.38 35.37 18.76
N GLY C 292 -38.68 35.43 19.89
CA GLY C 292 -38.38 36.71 20.51
C GLY C 292 -37.39 37.56 19.75
N GLY C 293 -36.67 36.97 18.79
CA GLY C 293 -35.81 37.73 17.91
C GLY C 293 -34.35 37.31 17.89
N GLU C 294 -34.03 36.18 18.53
CA GLU C 294 -32.64 35.73 18.61
C GLU C 294 -32.18 35.21 17.25
N LYS C 295 -31.30 35.95 16.59
CA LYS C 295 -30.74 35.54 15.30
C LYS C 295 -29.46 34.72 15.46
N ALA C 296 -28.89 34.65 16.66
CA ALA C 296 -27.65 33.92 16.83
C ALA C 296 -27.86 32.42 16.78
N ILE C 297 -29.06 31.94 17.10
CA ILE C 297 -29.38 30.53 17.05
C ILE C 297 -29.57 30.15 15.58
N ILE C 298 -28.51 29.62 14.96
CA ILE C 298 -28.57 29.29 13.53
C ILE C 298 -28.95 27.83 13.29
N GLY C 299 -29.02 27.01 14.33
CA GLY C 299 -29.28 25.61 14.14
C GLY C 299 -29.62 24.91 15.43
N VAL C 300 -30.19 23.72 15.29
CA VAL C 300 -30.53 22.88 16.43
C VAL C 300 -30.24 21.43 16.08
N MET C 301 -30.09 20.61 17.12
CA MET C 301 -29.81 19.20 17.01
C MET C 301 -30.78 18.43 17.89
N VAL C 302 -31.43 17.42 17.31
CA VAL C 302 -32.49 16.67 17.99
C VAL C 302 -32.27 15.19 17.75
N GLU C 303 -32.38 14.40 18.82
CA GLU C 303 -32.32 12.95 18.73
C GLU C 303 -33.74 12.40 18.58
N SER C 304 -34.02 11.82 17.42
CA SER C 304 -35.36 11.48 16.94
C SER C 304 -35.37 10.13 16.24
N HIS C 305 -36.37 9.30 16.51
CA HIS C 305 -36.49 8.00 15.83
C HIS C 305 -37.96 7.74 15.54
N LEU C 306 -38.23 6.63 14.83
CA LEU C 306 -39.62 6.28 14.50
C LEU C 306 -40.43 6.04 15.78
N VAL C 307 -39.84 5.36 16.75
CA VAL C 307 -40.47 5.05 18.03
C VAL C 307 -39.62 5.63 19.15
N GLU C 308 -40.28 6.24 20.13
CA GLU C 308 -39.57 6.93 21.21
C GLU C 308 -38.85 5.96 22.13
N GLY C 309 -37.92 6.50 22.91
CA GLY C 309 -37.21 5.73 23.94
C GLY C 309 -35.93 5.08 23.44
N ASN C 310 -35.53 4.02 24.13
CA ASN C 310 -34.40 3.22 23.69
C ASN C 310 -34.58 1.78 24.18
N GLN C 311 -33.66 0.90 23.78
CA GLN C 311 -33.67 -0.49 24.20
C GLN C 311 -32.26 -0.99 24.40
N SER C 312 -32.15 -2.11 25.13
CA SER C 312 -30.88 -2.77 25.37
C SER C 312 -30.57 -3.76 24.25
N LEU C 313 -29.29 -3.93 23.94
CA LEU C 313 -28.89 -4.90 22.88
C LEU C 313 -28.46 -6.20 23.54
N PRO C 318 -33.88 -10.79 19.16
CA PRO C 318 -34.15 -9.74 18.19
C PRO C 318 -34.52 -8.39 18.85
N LEU C 319 -34.46 -7.32 18.06
CA LEU C 319 -34.72 -5.97 18.60
C LEU C 319 -36.13 -5.48 18.22
N ALA C 320 -36.59 -4.47 18.93
CA ALA C 320 -37.89 -3.86 18.59
C ALA C 320 -37.69 -2.90 17.41
N TYR C 321 -38.63 -2.89 16.46
CA TYR C 321 -38.56 -1.92 15.35
CA TYR C 321 -38.56 -1.92 15.34
C TYR C 321 -38.62 -0.41 15.68
N GLY C 322 -37.72 0.36 15.04
CA GLY C 322 -37.71 1.83 15.21
C GLY C 322 -37.30 2.41 16.53
N LYS C 323 -36.70 1.63 17.43
CA LYS C 323 -36.23 2.21 18.69
C LYS C 323 -34.71 2.20 18.74
N SER C 324 -34.14 3.29 19.24
CA SER C 324 -32.70 3.45 19.33
C SER C 324 -32.07 2.41 20.27
N ILE C 325 -30.92 1.87 19.87
CA ILE C 325 -30.18 0.99 20.78
C ILE C 325 -29.06 1.73 21.50
N THR C 326 -29.01 3.05 21.37
CA THR C 326 -28.07 3.86 22.14
C THR C 326 -28.83 4.87 23.00
N ASP C 327 -28.73 6.17 22.72
CA ASP C 327 -29.44 7.16 23.54
C ASP C 327 -30.93 7.16 23.22
N ALA C 328 -31.75 7.44 24.22
CA ALA C 328 -33.19 7.57 24.00
C ALA C 328 -33.50 8.77 23.11
N CYS C 329 -34.45 8.59 22.20
CA CYS C 329 -34.90 9.67 21.31
C CYS C 329 -36.40 9.87 21.44
N ILE C 330 -36.85 11.02 20.92
CA ILE C 330 -38.28 11.24 20.73
C ILE C 330 -38.77 10.46 19.52
N GLY C 331 -40.09 10.23 19.47
CA GLY C 331 -40.69 9.46 18.38
C GLY C 331 -41.20 10.33 17.27
N TRP C 332 -41.77 9.72 16.23
CA TRP C 332 -42.15 10.52 15.04
C TRP C 332 -43.21 11.57 15.36
N GLU C 333 -44.16 11.26 16.23
CA GLU C 333 -45.25 12.24 16.46
C GLU C 333 -44.62 13.49 17.08
N ASP C 334 -43.81 13.26 18.10
CA ASP C 334 -43.16 14.40 18.78
C ASP C 334 -42.26 15.10 17.77
N THR C 335 -41.59 14.32 16.92
CA THR C 335 -40.67 14.88 15.92
C THR C 335 -41.44 15.82 15.00
N ASP C 336 -42.57 15.37 14.47
CA ASP C 336 -43.35 16.21 13.52
C ASP C 336 -43.75 17.51 14.21
N ALA C 337 -44.18 17.40 15.46
CA ALA C 337 -44.66 18.61 16.17
C ALA C 337 -43.49 19.55 16.46
N LEU C 338 -42.34 18.99 16.84
CA LEU C 338 -41.14 19.81 17.14
C LEU C 338 -40.76 20.62 15.91
N LEU C 339 -40.72 19.96 14.76
CA LEU C 339 -40.27 20.66 13.54
C LEU C 339 -41.24 21.80 13.24
N ARG C 340 -42.53 21.56 13.42
CA ARG C 340 -43.55 22.62 13.14
C ARG C 340 -43.38 23.77 14.15
N GLN C 341 -43.15 23.46 15.42
CA GLN C 341 -42.85 24.51 16.42
C GLN C 341 -41.66 25.35 15.95
N LEU C 342 -40.60 24.67 15.49
CA LEU C 342 -39.37 25.41 15.11
C LEU C 342 -39.66 26.29 13.90
N ALA C 343 -40.40 25.76 12.94
CA ALA C 343 -40.63 26.54 11.71
C ALA C 343 -41.49 27.76 12.09
N ASN C 344 -42.43 27.55 12.99
CA ASN C 344 -43.31 28.66 13.42
C ASN C 344 -42.44 29.74 14.08
N ALA C 345 -41.51 29.29 14.92
CA ALA C 345 -40.61 30.24 15.62
C ALA C 345 -39.79 31.02 14.59
N VAL C 346 -39.31 30.34 13.56
CA VAL C 346 -38.51 31.03 12.52
C VAL C 346 -39.41 32.09 11.88
N LYS C 347 -40.62 31.70 11.49
CA LYS C 347 -41.55 32.63 10.79
C LYS C 347 -41.84 33.84 11.70
N ALA C 348 -41.96 33.62 12.99
CA ALA C 348 -42.15 34.74 13.92
C ALA C 348 -40.95 35.66 13.93
N ARG C 349 -39.75 35.10 14.11
CA ARG C 349 -38.53 35.90 14.14
C ARG C 349 -38.42 36.78 12.89
N ARG C 350 -38.87 36.27 11.75
CA ARG C 350 -38.68 36.97 10.49
C ARG C 350 -39.73 38.04 10.27
N ASP D 8 -12.66 16.74 -2.24
CA ASP D 8 -11.42 17.15 -1.58
C ASP D 8 -11.16 18.64 -1.75
N LEU D 9 -12.16 19.45 -1.41
CA LEU D 9 -12.06 20.89 -1.64
C LEU D 9 -11.03 21.56 -0.71
N ARG D 10 -10.84 21.01 0.48
CA ARG D 10 -9.96 21.64 1.47
C ARG D 10 -8.69 20.84 1.70
N ILE D 11 -8.39 19.87 0.83
CA ILE D 11 -7.11 19.18 0.83
C ILE D 11 -6.26 19.78 -0.28
N LYS D 12 -5.21 20.48 0.12
CA LYS D 12 -4.39 21.25 -0.81
C LYS D 12 -3.28 20.42 -1.44
N GLU D 13 -2.69 19.51 -0.68
CA GLU D 13 -1.53 18.77 -1.16
C GLU D 13 -1.44 17.47 -0.39
N ILE D 14 -0.94 16.45 -1.05
CA ILE D 14 -0.69 15.14 -0.44
C ILE D 14 0.73 14.75 -0.83
N LYS D 15 1.55 14.42 0.16
CA LYS D 15 2.97 14.16 -0.05
C LYS D 15 3.32 12.76 0.45
N GLU D 16 4.37 12.17 -0.13
CA GLU D 16 4.73 10.81 0.21
C GLU D 16 5.31 10.70 1.61
N LEU D 17 4.93 9.63 2.30
CA LEU D 17 5.35 9.36 3.67
C LEU D 17 6.02 7.98 3.73
N LEU D 18 7.25 7.94 4.23
CA LEU D 18 7.93 6.68 4.45
C LEU D 18 7.06 5.79 5.34
N PRO D 19 6.87 4.52 4.99
CA PRO D 19 6.11 3.65 5.86
C PRO D 19 6.96 3.26 7.06
N PRO D 20 6.35 2.83 8.19
CA PRO D 20 7.14 2.50 9.36
C PRO D 20 8.23 1.46 9.07
N VAL D 21 7.91 0.50 8.23
CA VAL D 21 8.91 -0.58 7.92
CA VAL D 21 8.91 -0.59 7.89
C VAL D 21 10.26 -0.04 7.36
N ALA D 22 10.15 1.10 6.67
CA ALA D 22 11.38 1.72 6.12
C ALA D 22 12.25 2.24 7.27
N LEU D 23 11.59 2.83 8.28
CA LEU D 23 12.35 3.32 9.43
C LEU D 23 12.83 2.17 10.30
N LEU D 24 12.01 1.12 10.44
CA LEU D 24 12.42 -0.04 11.22
C LEU D 24 13.60 -0.76 10.56
N GLU D 25 13.62 -0.78 9.24
CA GLU D 25 14.73 -1.42 8.54
C GLU D 25 15.99 -0.56 8.60
N LYS D 26 15.84 0.76 8.48
CA LYS D 26 17.02 1.59 8.51
C LYS D 26 17.61 1.65 9.92
N PHE D 27 16.77 1.63 10.94
CA PHE D 27 17.19 1.79 12.33
C PHE D 27 16.62 0.65 13.16
N PRO D 28 17.11 -0.57 12.95
CA PRO D 28 16.59 -1.69 13.74
C PRO D 28 17.08 -1.60 15.18
N ALA D 29 16.25 -2.10 16.09
CA ALA D 29 16.68 -2.22 17.47
C ALA D 29 17.89 -3.13 17.57
N THR D 30 18.98 -2.63 18.17
CA THR D 30 20.11 -3.48 18.48
C THR D 30 19.71 -4.44 19.60
N GLU D 31 20.57 -5.44 19.85
CA GLU D 31 20.29 -6.32 20.98
C GLU D 31 20.24 -5.53 22.28
N ASN D 32 21.19 -4.63 22.48
CA ASN D 32 21.18 -3.81 23.70
C ASN D 32 19.91 -3.00 23.80
N ALA D 33 19.51 -2.36 22.69
CA ALA D 33 18.31 -1.52 22.72
C ALA D 33 17.08 -2.35 23.02
N ALA D 34 16.94 -3.51 22.37
CA ALA D 34 15.75 -4.32 22.62
C ALA D 34 15.72 -4.80 24.07
N ASN D 35 16.89 -5.14 24.62
CA ASN D 35 16.97 -5.57 26.00
C ASN D 35 16.60 -4.44 26.96
N THR D 36 17.09 -3.23 26.68
CA THR D 36 16.73 -2.08 27.51
C THR D 36 15.22 -1.91 27.58
N VAL D 37 14.56 -1.98 26.42
CA VAL D 37 13.11 -1.77 26.37
C VAL D 37 12.39 -2.87 27.14
N ALA D 38 12.79 -4.12 26.91
CA ALA D 38 12.14 -5.25 27.57
C ALA D 38 12.25 -5.16 29.09
N HIS D 39 13.48 -4.91 29.59
CA HIS D 39 13.73 -4.90 31.03
C HIS D 39 12.98 -3.76 31.73
N ALA D 40 12.94 -2.58 31.10
CA ALA D 40 12.24 -1.46 31.71
C ALA D 40 10.73 -1.65 31.70
N ARG D 41 10.20 -2.18 30.59
CA ARG D 41 8.77 -2.45 30.56
C ARG D 41 8.39 -3.43 31.67
N LYS D 42 9.23 -4.45 31.89
CA LYS D 42 8.96 -5.43 32.94
C LYS D 42 9.08 -4.81 34.32
N ALA D 43 10.12 -3.99 34.54
CA ALA D 43 10.30 -3.33 35.83
C ALA D 43 9.12 -2.42 36.15
N ILE D 44 8.62 -1.67 35.16
CA ILE D 44 7.48 -0.80 35.39
C ILE D 44 6.22 -1.62 35.68
N HIS D 45 6.09 -2.77 35.01
CA HIS D 45 4.97 -3.66 35.30
C HIS D 45 4.99 -4.11 36.76
N LYS D 46 6.15 -4.55 37.25
CA LYS D 46 6.25 -4.97 38.64
C LYS D 46 5.88 -3.84 39.58
N ILE D 47 6.42 -2.66 39.33
CA ILE D 47 6.07 -1.52 40.17
C ILE D 47 4.56 -1.30 40.17
N LEU D 48 3.93 -1.40 39.00
CA LEU D 48 2.50 -1.13 38.92
C LEU D 48 1.69 -2.21 39.65
N LYS D 49 2.22 -3.42 39.74
CA LYS D 49 1.53 -4.52 40.41
C LYS D 49 1.93 -4.68 41.87
N GLY D 50 2.75 -3.78 42.40
CA GLY D 50 3.09 -3.81 43.82
C GLY D 50 4.19 -4.77 44.21
N ASN D 51 4.86 -5.39 43.24
CA ASN D 51 5.93 -6.34 43.54
C ASN D 51 7.29 -5.68 43.66
N ASP D 52 7.38 -4.38 43.42
CA ASP D 52 8.58 -3.59 43.60
C ASP D 52 8.24 -2.29 44.30
N ASP D 53 9.06 -1.92 45.28
CA ASP D 53 8.86 -0.70 46.06
C ASP D 53 9.65 0.48 45.50
N ARG D 54 10.23 0.34 44.32
CA ARG D 54 11.00 1.40 43.71
C ARG D 54 10.07 2.41 43.02
N LEU D 55 10.62 3.58 42.73
CA LEU D 55 9.88 4.69 42.17
C LEU D 55 10.25 4.84 40.69
N LEU D 56 9.23 4.79 39.81
CA LEU D 56 9.44 5.14 38.41
C LEU D 56 9.65 6.64 38.31
N VAL D 57 10.73 7.05 37.67
CA VAL D 57 11.02 8.48 37.49
C VAL D 57 11.18 8.69 35.99
N VAL D 58 10.23 9.40 35.38
CA VAL D 58 10.31 9.81 33.98
C VAL D 58 10.81 11.25 33.99
N ILE D 59 11.98 11.49 33.41
CA ILE D 59 12.65 12.78 33.58
C ILE D 59 13.42 13.13 32.32
N GLY D 60 13.35 14.40 31.91
CA GLY D 60 14.05 14.82 30.72
C GLY D 60 13.41 16.05 30.14
N PRO D 61 13.88 16.48 28.98
CA PRO D 61 13.45 17.77 28.42
C PRO D 61 11.95 17.81 28.16
N CYS D 62 11.39 19.02 28.28
CA CYS D 62 10.03 19.26 27.80
C CYS D 62 9.86 18.70 26.40
N SER D 63 10.78 19.08 25.50
CA SER D 63 10.79 18.59 24.13
C SER D 63 12.23 18.55 23.66
N ILE D 64 12.51 17.57 22.82
CA ILE D 64 13.84 17.38 22.21
C ILE D 64 13.89 18.19 20.92
N HIS D 65 14.85 19.13 20.82
CA HIS D 65 15.09 19.81 19.56
C HIS D 65 16.48 19.58 19.02
N ASP D 66 17.38 18.98 19.81
CA ASP D 66 18.76 18.82 19.43
C ASP D 66 19.25 17.45 19.88
N PRO D 67 19.43 16.50 18.95
CA PRO D 67 19.91 15.17 19.34
C PRO D 67 21.23 15.18 20.09
N VAL D 68 22.12 16.14 19.81
CA VAL D 68 23.42 16.16 20.47
C VAL D 68 23.26 16.42 21.96
N ALA D 69 22.55 17.50 22.31
CA ALA D 69 22.29 17.76 23.73
C ALA D 69 21.48 16.64 24.36
N ALA D 70 20.56 16.04 23.60
CA ALA D 70 19.78 14.94 24.14
C ALA D 70 20.68 13.78 24.52
N LYS D 71 21.69 13.47 23.69
CA LYS D 71 22.56 12.34 24.02
C LYS D 71 23.51 12.66 25.16
N GLU D 72 23.98 13.90 25.27
CA GLU D 72 24.75 14.28 26.45
C GLU D 72 23.91 14.15 27.72
N TYR D 73 22.65 14.60 27.65
CA TYR D 73 21.75 14.45 28.80
C TYR D 73 21.57 12.98 29.14
N ALA D 74 21.38 12.15 28.11
CA ALA D 74 21.21 10.71 28.33
C ALA D 74 22.44 10.12 29.04
N THR D 75 23.64 10.57 28.69
CA THR D 75 24.84 10.02 29.31
C THR D 75 24.88 10.38 30.79
N ARG D 76 24.55 11.62 31.12
CA ARG D 76 24.49 12.01 32.51
C ARG D 76 23.40 11.26 33.26
N LEU D 77 22.24 11.08 32.64
CA LEU D 77 21.11 10.46 33.34
C LEU D 77 21.37 8.98 33.57
N LEU D 78 22.01 8.34 32.58
CA LEU D 78 22.34 6.91 32.70
C LEU D 78 23.23 6.67 33.91
N ALA D 79 24.19 7.56 34.16
CA ALA D 79 25.07 7.39 35.31
C ALA D 79 24.27 7.40 36.61
N LEU D 80 23.31 8.33 36.74
CA LEU D 80 22.46 8.34 37.92
C LEU D 80 21.48 7.17 37.92
N ARG D 81 21.06 6.72 36.74
CA ARG D 81 20.23 5.52 36.69
C ARG D 81 20.96 4.33 37.31
N GLU D 82 22.22 4.16 36.95
CA GLU D 82 23.02 3.07 37.51
C GLU D 82 23.25 3.26 39.00
N GLU D 83 23.54 4.50 39.42
CA GLU D 83 23.88 4.74 40.82
C GLU D 83 22.69 4.62 41.75
N LEU D 84 21.49 4.99 41.29
CA LEU D 84 20.31 5.00 42.14
C LEU D 84 19.35 3.86 41.83
N LYS D 85 19.82 2.84 41.10
CA LYS D 85 18.95 1.79 40.57
C LYS D 85 18.25 1.01 41.68
N ASP D 86 18.82 0.95 42.88
CA ASP D 86 18.19 0.20 43.95
C ASP D 86 16.94 0.89 44.49
N GLU D 87 16.79 2.19 44.21
CA GLU D 87 15.65 2.97 44.65
C GLU D 87 14.76 3.47 43.53
N LEU D 88 15.33 3.77 42.36
CA LEU D 88 14.59 4.39 41.28
C LEU D 88 14.75 3.61 39.99
N GLU D 89 13.65 3.52 39.24
CA GLU D 89 13.66 3.09 37.84
C GLU D 89 13.61 4.37 37.00
N ILE D 90 14.77 4.80 36.52
CA ILE D 90 14.92 6.08 35.84
C ILE D 90 14.77 5.86 34.33
N VAL D 91 13.87 6.62 33.74
CA VAL D 91 13.49 6.51 32.34
C VAL D 91 13.54 7.93 31.75
N MET D 92 14.24 8.08 30.63
CA MET D 92 14.42 9.42 30.08
C MET D 92 13.19 9.84 29.30
N ARG D 93 12.72 11.05 29.57
CA ARG D 93 11.64 11.63 28.81
C ARG D 93 12.17 11.99 27.43
N VAL D 94 11.59 11.38 26.38
CA VAL D 94 12.01 11.66 25.01
C VAL D 94 10.77 12.09 24.23
N TYR D 95 10.38 13.35 24.43
CA TYR D 95 9.20 13.95 23.82
C TYR D 95 9.64 14.85 22.69
N PHE D 96 8.89 14.87 21.60
CA PHE D 96 9.34 15.58 20.41
C PHE D 96 8.57 16.85 20.14
N GLU D 97 7.48 17.05 20.87
CA GLU D 97 6.59 18.19 20.54
C GLU D 97 5.95 18.73 21.80
N LYS D 98 5.64 20.02 21.82
CA LYS D 98 4.83 20.58 22.91
C LYS D 98 3.47 20.86 22.30
N PRO D 99 2.42 20.13 22.71
CA PRO D 99 1.09 20.36 22.18
C PRO D 99 0.55 21.74 22.61
N ARG D 100 0.09 22.52 21.63
CA ARG D 100 -0.42 23.86 21.94
C ARG D 100 -1.49 24.30 20.94
N THR D 101 -2.38 25.21 21.38
CA THR D 101 -3.33 25.80 20.45
C THR D 101 -2.76 27.06 19.80
N THR D 102 -1.92 27.80 20.51
CA THR D 102 -1.22 28.93 19.94
C THR D 102 -0.19 28.45 18.92
N VAL D 103 0.30 29.39 18.10
CA VAL D 103 1.28 29.06 17.07
C VAL D 103 2.64 28.82 17.71
N GLY D 104 3.48 28.08 17.01
CA GLY D 104 4.80 27.76 17.50
C GLY D 104 5.39 26.57 16.77
N TRP D 105 6.68 26.34 17.05
CA TRP D 105 7.38 25.17 16.52
C TRP D 105 6.58 23.89 16.75
N LYS D 106 6.42 23.11 15.69
CA LYS D 106 5.62 21.90 15.75
C LYS D 106 6.41 20.66 16.19
N GLY D 107 7.64 20.82 16.65
CA GLY D 107 8.35 19.71 17.25
C GLY D 107 9.32 19.04 16.28
N LEU D 108 10.08 18.08 16.82
CA LEU D 108 11.21 17.54 16.06
C LEU D 108 10.74 16.67 14.91
N ILE D 109 9.62 15.98 15.08
CA ILE D 109 9.15 15.10 14.01
C ILE D 109 8.54 15.92 12.88
N ASN D 110 7.64 16.84 13.23
CA ASN D 110 6.98 17.67 12.23
C ASN D 110 7.95 18.63 11.56
N ASP D 111 8.92 19.16 12.31
CA ASP D 111 9.73 20.27 11.81
C ASP D 111 11.13 20.16 12.40
N PRO D 112 11.88 19.12 12.04
CA PRO D 112 13.19 18.90 12.65
C PRO D 112 14.14 20.05 12.42
N HIS D 113 14.00 20.73 11.29
CA HIS D 113 14.95 21.77 10.92
C HIS D 113 14.57 23.11 11.49
N MET D 114 13.43 23.18 12.19
CA MET D 114 13.15 24.30 13.09
C MET D 114 12.90 25.55 12.26
N ASP D 115 12.22 25.37 11.11
CA ASP D 115 12.11 26.45 10.12
C ASP D 115 10.82 26.39 9.30
N ASN D 116 9.80 25.63 9.72
CA ASN D 116 8.51 25.49 9.04
C ASN D 116 8.59 24.76 7.71
N SER D 117 9.63 23.95 7.48
CA SER D 117 9.67 23.18 6.24
C SER D 117 8.89 21.87 6.34
N PHE D 118 8.43 21.49 7.53
CA PHE D 118 7.60 20.30 7.72
C PHE D 118 8.20 19.08 7.05
N GLN D 119 9.47 18.81 7.35
CA GLN D 119 10.18 17.67 6.77
C GLN D 119 9.95 16.44 7.64
N ILE D 120 8.72 15.93 7.59
CA ILE D 120 8.31 14.87 8.50
C ILE D 120 9.10 13.60 8.27
N ASN D 121 9.42 13.27 7.01
CA ASN D 121 10.25 12.09 6.80
C ASN D 121 11.61 12.26 7.47
N ASP D 122 12.23 13.44 7.34
CA ASP D 122 13.48 13.69 8.05
C ASP D 122 13.29 13.56 9.55
N GLY D 123 12.22 14.16 10.06
CA GLY D 123 11.99 14.15 11.50
C GLY D 123 11.78 12.76 12.05
N LEU D 124 11.07 11.90 11.30
CA LEU D 124 10.92 10.53 11.78
C LEU D 124 12.27 9.81 11.82
N ARG D 125 13.13 10.01 10.81
CA ARG D 125 14.46 9.41 10.85
C ARG D 125 15.26 9.90 12.04
N ILE D 126 15.18 11.19 12.32
CA ILE D 126 15.98 11.74 13.40
C ILE D 126 15.48 11.24 14.74
N ALA D 127 14.15 11.19 14.90
CA ALA D 127 13.56 10.78 16.16
C ALA D 127 13.84 9.32 16.45
N ARG D 128 13.72 8.47 15.43
CA ARG D 128 13.98 7.06 15.67
C ARG D 128 15.45 6.81 15.96
N LYS D 129 16.34 7.44 15.19
CA LYS D 129 17.76 7.28 15.43
C LYS D 129 18.12 7.70 16.86
N LEU D 130 17.53 8.78 17.35
CA LEU D 130 17.81 9.21 18.72
C LEU D 130 17.30 8.20 19.74
N LEU D 131 16.05 7.73 19.59
CA LEU D 131 15.53 6.72 20.49
C LEU D 131 16.41 5.48 20.48
N LEU D 132 16.85 5.07 19.29
CA LEU D 132 17.68 3.88 19.19
C LEU D 132 18.98 4.08 19.96
N ASP D 133 19.60 5.23 19.78
CA ASP D 133 20.89 5.49 20.41
C ASP D 133 20.77 5.51 21.94
N ILE D 134 19.70 6.13 22.45
CA ILE D 134 19.52 6.22 23.89
C ILE D 134 19.28 4.83 24.48
N ASN D 135 18.38 4.05 23.86
CA ASN D 135 18.16 2.68 24.34
C ASN D 135 19.41 1.83 24.23
N ASP D 136 20.13 1.98 23.13
CA ASP D 136 21.31 1.12 22.93
C ASP D 136 22.36 1.35 24.00
N SER D 137 22.42 2.57 24.54
CA SER D 137 23.34 2.91 25.62
C SER D 137 22.91 2.32 26.95
N GLY D 138 21.68 1.80 27.05
CA GLY D 138 21.18 1.23 28.29
C GLY D 138 20.14 2.08 29.00
N LEU D 139 19.77 3.24 28.45
CA LEU D 139 18.81 4.13 29.10
C LEU D 139 17.43 3.98 28.45
N PRO D 140 16.40 3.60 29.20
CA PRO D 140 15.06 3.48 28.62
C PRO D 140 14.46 4.85 28.35
N ALA D 141 13.42 4.86 27.51
CA ALA D 141 12.84 6.11 27.02
C ALA D 141 11.33 6.10 27.19
N ALA D 142 10.79 7.26 27.54
CA ALA D 142 9.36 7.49 27.70
C ALA D 142 8.90 8.44 26.61
N GLY D 143 7.71 8.19 26.05
CA GLY D 143 7.20 9.00 24.98
C GLY D 143 5.81 9.53 25.26
N GLU D 144 5.36 10.40 24.36
CA GLU D 144 3.99 10.90 24.39
C GLU D 144 3.28 10.51 23.11
N PHE D 145 2.02 10.10 23.22
CA PHE D 145 1.27 9.59 22.08
C PHE D 145 0.24 10.65 21.71
N LEU D 146 0.56 11.44 20.68
CA LEU D 146 -0.29 12.54 20.28
C LEU D 146 -1.18 12.23 19.08
N ASP D 147 -0.82 11.23 18.28
CA ASP D 147 -1.60 10.90 17.08
C ASP D 147 -1.59 9.38 16.90
N MET D 148 -2.28 8.91 15.87
CA MET D 148 -2.42 7.48 15.66
C MET D 148 -1.38 6.88 14.72
N ILE D 149 -0.62 7.71 14.02
CA ILE D 149 0.25 7.19 12.96
C ILE D 149 1.71 7.15 13.37
N THR D 150 2.22 8.18 14.05
CA THR D 150 3.62 8.16 14.46
C THR D 150 4.01 7.04 15.43
N PRO D 151 3.17 6.55 16.35
CA PRO D 151 3.64 5.49 17.25
C PRO D 151 4.22 4.26 16.52
N GLN D 152 3.70 3.94 15.33
CA GLN D 152 4.16 2.73 14.60
C GLN D 152 5.66 2.86 14.25
N TYR D 153 6.17 4.09 14.20
CA TYR D 153 7.58 4.32 13.86
C TYR D 153 8.50 4.25 15.06
N LEU D 154 7.95 4.39 16.27
CA LEU D 154 8.74 4.68 17.45
C LEU D 154 8.43 3.83 18.68
N ALA D 155 7.24 3.22 18.77
CA ALA D 155 6.78 2.67 20.04
C ALA D 155 7.58 1.47 20.49
N ASP D 156 8.23 0.76 19.56
CA ASP D 156 9.06 -0.38 19.93
C ASP D 156 10.28 0.04 20.71
N LEU D 157 10.57 1.33 20.77
CA LEU D 157 11.71 1.83 21.53
C LEU D 157 11.27 2.59 22.78
N MET D 158 9.97 2.57 23.06
CA MET D 158 9.50 3.24 24.30
CA MET D 158 9.43 3.21 24.29
C MET D 158 9.09 2.22 25.42
N SER D 159 9.62 2.52 26.60
CA SER D 159 9.33 1.69 27.76
C SER D 159 8.13 2.17 28.55
N TRP D 160 7.59 3.35 28.22
CA TRP D 160 6.48 3.97 28.93
C TRP D 160 5.99 5.09 28.04
N GLY D 161 4.69 5.36 28.11
CA GLY D 161 4.10 6.43 27.32
C GLY D 161 3.00 7.14 28.07
N ALA D 162 2.76 8.39 27.65
CA ALA D 162 1.66 9.18 28.19
C ALA D 162 0.71 9.57 27.06
N ILE D 163 -0.57 9.47 27.31
CA ILE D 163 -1.54 10.01 26.38
C ILE D 163 -1.66 11.50 26.64
N GLY D 164 -1.67 12.30 25.58
CA GLY D 164 -1.84 13.75 25.71
C GLY D 164 -3.02 14.15 26.58
N ALA D 165 -2.83 15.18 27.41
CA ALA D 165 -3.88 15.61 28.33
C ALA D 165 -5.17 15.97 27.60
N ARG D 166 -5.08 16.50 26.40
CA ARG D 166 -6.27 16.92 25.67
C ARG D 166 -6.99 15.76 24.99
N THR D 167 -6.48 14.54 25.12
CA THR D 167 -7.07 13.39 24.46
C THR D 167 -7.36 12.24 25.41
N THR D 168 -7.26 12.46 26.72
CA THR D 168 -7.59 11.42 27.69
C THR D 168 -9.01 10.91 27.49
N GLU D 169 -9.91 11.77 27.04
CA GLU D 169 -11.33 11.46 26.89
C GLU D 169 -11.65 10.87 25.53
N SER D 170 -10.69 10.85 24.60
CA SER D 170 -10.95 10.47 23.21
C SER D 170 -10.95 8.97 23.03
N GLN D 171 -12.01 8.46 22.40
CA GLN D 171 -12.09 7.02 22.14
C GLN D 171 -10.91 6.55 21.29
N VAL D 172 -10.46 7.38 20.35
CA VAL D 172 -9.43 6.92 19.42
C VAL D 172 -8.10 6.76 20.15
N HIS D 173 -7.80 7.66 21.11
CA HIS D 173 -6.57 7.51 21.87
C HIS D 173 -6.65 6.41 22.91
N ARG D 174 -7.84 6.14 23.45
CA ARG D 174 -7.97 5.00 24.35
C ARG D 174 -7.84 3.68 23.59
N GLU D 175 -8.42 3.60 22.38
CA GLU D 175 -8.16 2.46 21.51
C GLU D 175 -6.66 2.25 21.32
N LEU D 176 -5.95 3.33 21.00
CA LEU D 176 -4.50 3.23 20.80
C LEU D 176 -3.83 2.63 22.03
N ALA D 177 -4.15 3.17 23.21
CA ALA D 177 -3.51 2.69 24.43
C ALA D 177 -3.74 1.20 24.64
N SER D 178 -4.93 0.71 24.25
CA SER D 178 -5.30 -0.69 24.48
C SER D 178 -4.43 -1.66 23.69
N GLY D 179 -3.71 -1.18 22.68
CA GLY D 179 -2.81 -2.05 21.96
C GLY D 179 -1.33 -1.71 22.04
N LEU D 180 -0.95 -0.76 22.89
CA LEU D 180 0.47 -0.43 23.05
C LEU D 180 1.19 -1.47 23.90
N SER D 181 2.44 -1.74 23.53
CA SER D 181 3.25 -2.73 24.22
C SER D 181 3.84 -2.21 25.53
N CYS D 182 3.68 -0.93 25.85
CA CYS D 182 4.29 -0.35 27.03
C CYS D 182 3.22 0.08 28.02
N PRO D 183 3.60 0.30 29.28
CA PRO D 183 2.67 0.96 30.22
C PRO D 183 2.34 2.36 29.75
N VAL D 184 1.15 2.83 30.12
CA VAL D 184 0.60 4.08 29.63
C VAL D 184 0.05 4.89 30.79
N GLY D 185 0.41 6.16 30.84
CA GLY D 185 -0.13 7.08 31.84
C GLY D 185 -1.21 7.98 31.23
N PHE D 186 -2.28 8.19 31.99
CA PHE D 186 -3.38 9.05 31.60
C PHE D 186 -3.48 10.21 32.58
N LYS D 187 -3.51 11.45 32.07
CA LYS D 187 -3.51 12.62 32.91
C LYS D 187 -4.90 12.98 33.41
N ASN D 188 -4.99 13.54 34.62
CA ASN D 188 -6.29 13.97 35.11
C ASN D 188 -6.81 15.15 34.28
N GLY D 189 -8.05 15.53 34.59
CA GLY D 189 -8.69 16.58 33.84
C GLY D 189 -8.17 17.97 34.18
N THR D 190 -8.45 18.90 33.28
CA THR D 190 -7.99 20.27 33.42
C THR D 190 -8.46 20.90 34.73
N ASP D 191 -9.67 20.55 35.17
CA ASP D 191 -10.14 21.02 36.46
C ASP D 191 -9.67 20.17 37.63
N GLY D 192 -8.77 19.21 37.38
CA GLY D 192 -8.21 18.39 38.43
C GLY D 192 -9.02 17.16 38.78
N THR D 193 -10.13 16.91 38.11
CA THR D 193 -10.93 15.73 38.41
C THR D 193 -10.32 14.51 37.73
N ILE D 194 -10.62 13.34 38.29
CA ILE D 194 -10.02 12.10 37.83
C ILE D 194 -10.99 11.22 37.07
N LYS D 195 -12.23 11.66 36.88
CA LYS D 195 -13.25 10.78 36.26
C LYS D 195 -12.83 10.35 34.86
N VAL D 196 -12.40 11.30 34.02
CA VAL D 196 -12.07 10.98 32.63
C VAL D 196 -10.88 10.03 32.55
N ALA D 197 -9.90 10.20 33.45
CA ALA D 197 -8.75 9.32 33.46
C ALA D 197 -9.12 7.93 33.98
N ILE D 198 -10.07 7.84 34.90
CA ILE D 198 -10.54 6.53 35.32
C ILE D 198 -11.26 5.84 34.17
N ASP D 199 -12.13 6.58 33.47
CA ASP D 199 -12.78 6.05 32.29
C ASP D 199 -11.75 5.57 31.27
N ALA D 200 -10.70 6.36 31.06
CA ALA D 200 -9.68 6.00 30.08
C ALA D 200 -8.93 4.75 30.48
N ILE D 201 -8.57 4.63 31.76
CA ILE D 201 -7.91 3.41 32.22
C ILE D 201 -8.80 2.20 32.00
N ASN D 202 -10.09 2.32 32.33
CA ASN D 202 -11.01 1.21 32.10
C ASN D 202 -11.11 0.89 30.62
N ALA D 203 -11.35 1.90 29.79
CA ALA D 203 -11.47 1.69 28.35
C ALA D 203 -10.20 1.07 27.78
N ALA D 204 -9.03 1.54 28.21
CA ALA D 204 -7.79 1.04 27.65
C ALA D 204 -7.46 -0.36 28.10
N GLY D 205 -8.01 -0.81 29.23
CA GLY D 205 -7.74 -2.17 29.67
C GLY D 205 -8.58 -3.23 29.01
N ALA D 206 -9.57 -2.84 28.21
CA ALA D 206 -10.48 -3.68 27.45
C ALA D 206 -9.93 -3.95 26.06
N PRO D 207 -10.28 -5.08 25.45
CA PRO D 207 -9.96 -5.28 24.03
C PRO D 207 -10.80 -4.40 23.14
N HIS D 208 -10.20 -4.00 22.02
CA HIS D 208 -10.86 -3.14 21.05
C HIS D 208 -10.60 -3.64 19.64
N CYS D 209 -11.50 -3.27 18.72
CA CYS D 209 -11.27 -3.50 17.31
C CYS D 209 -11.50 -2.17 16.60
N PHE D 210 -10.51 -1.72 15.84
CA PHE D 210 -10.60 -0.41 15.23
C PHE D 210 -9.69 -0.36 14.01
N LEU D 211 -9.84 0.71 13.23
CA LEU D 211 -9.01 0.87 12.05
C LEU D 211 -7.73 1.60 12.43
N SER D 212 -6.62 1.19 11.81
CA SER D 212 -5.31 1.71 12.14
C SER D 212 -4.39 1.51 10.95
N VAL D 213 -3.27 2.20 10.95
CA VAL D 213 -2.26 2.05 9.91
C VAL D 213 -1.21 1.07 10.40
N THR D 214 -0.88 0.07 9.57
CA THR D 214 0.09 -0.96 9.92
C THR D 214 1.51 -0.46 9.64
N LYS D 215 2.49 -1.30 9.96
CA LYS D 215 3.88 -0.95 9.68
C LYS D 215 4.15 -0.85 8.18
N TRP D 216 3.26 -1.38 7.34
CA TRP D 216 3.38 -1.25 5.89
C TRP D 216 2.85 0.08 5.38
N GLY D 217 2.35 0.94 6.26
CA GLY D 217 1.75 2.19 5.81
C GLY D 217 0.38 2.02 5.18
N HIS D 218 -0.29 0.90 5.46
CA HIS D 218 -1.61 0.63 4.91
C HIS D 218 -2.62 0.59 6.05
N SER D 219 -3.82 1.11 5.80
CA SER D 219 -4.87 0.98 6.81
C SER D 219 -5.38 -0.45 6.86
N ALA D 220 -5.70 -0.91 8.07
CA ALA D 220 -6.16 -2.27 8.29
C ALA D 220 -7.09 -2.28 9.50
N ILE D 221 -7.72 -3.43 9.70
CA ILE D 221 -8.54 -3.68 10.88
C ILE D 221 -7.65 -4.33 11.93
N VAL D 222 -7.58 -3.75 13.11
CA VAL D 222 -6.70 -4.22 14.17
CA VAL D 222 -6.70 -4.25 14.16
C VAL D 222 -7.54 -4.58 15.39
N ASN D 223 -7.15 -5.66 16.07
CA ASN D 223 -7.78 -6.08 17.34
C ASN D 223 -6.71 -6.09 18.43
N THR D 224 -7.04 -5.47 19.56
CA THR D 224 -6.11 -5.36 20.66
C THR D 224 -6.55 -6.24 21.83
N SER D 225 -5.60 -6.48 22.72
CA SER D 225 -5.81 -7.31 23.90
C SER D 225 -6.31 -6.53 25.11
N GLY D 226 -6.21 -5.21 25.08
CA GLY D 226 -6.38 -4.43 26.30
C GLY D 226 -5.08 -4.29 27.04
N ASN D 227 -4.92 -3.11 27.66
CA ASN D 227 -3.67 -2.76 28.34
C ASN D 227 -3.96 -2.58 29.81
N GLY D 228 -3.47 -3.51 30.63
CA GLY D 228 -3.67 -3.38 32.06
C GLY D 228 -2.62 -2.58 32.78
N ASP D 229 -1.55 -2.20 32.08
CA ASP D 229 -0.48 -1.38 32.66
C ASP D 229 -0.76 0.10 32.46
N CYS D 230 -1.97 0.54 32.78
CA CYS D 230 -2.34 1.95 32.67
C CYS D 230 -2.56 2.54 34.06
N HIS D 231 -2.19 3.80 34.24
CA HIS D 231 -2.27 4.42 35.55
C HIS D 231 -2.49 5.92 35.37
N ILE D 232 -2.88 6.58 36.45
CA ILE D 232 -3.19 7.99 36.40
C ILE D 232 -1.92 8.81 36.57
N ILE D 233 -1.90 9.98 35.93
CA ILE D 233 -0.88 11.00 36.16
C ILE D 233 -1.59 12.22 36.75
N LEU D 234 -1.17 12.62 37.95
CA LEU D 234 -1.70 13.83 38.58
C LEU D 234 -0.87 15.02 38.11
N ARG D 235 -1.52 15.98 37.48
CA ARG D 235 -0.83 17.10 36.86
C ARG D 235 -1.41 18.45 37.29
N GLY D 236 -2.11 18.48 38.41
CA GLY D 236 -2.75 19.70 38.84
C GLY D 236 -4.02 19.98 38.05
N GLY D 237 -4.83 20.89 38.58
CA GLY D 237 -6.02 21.34 37.90
C GLY D 237 -6.10 22.85 37.96
N LYS D 238 -7.15 23.36 38.63
CA LYS D 238 -7.15 24.77 39.01
C LYS D 238 -6.00 25.07 39.98
N GLU D 239 -5.72 24.14 40.88
CA GLU D 239 -4.65 24.23 41.85
C GLU D 239 -3.78 22.99 41.74
N PRO D 240 -2.56 23.03 42.28
CA PRO D 240 -1.74 21.81 42.34
C PRO D 240 -2.46 20.68 43.08
N ASN D 241 -2.21 19.45 42.63
CA ASN D 241 -2.86 18.31 43.25
C ASN D 241 -1.86 17.22 43.65
N TYR D 242 -0.66 17.63 44.05
CA TYR D 242 0.36 16.68 44.49
C TYR D 242 0.34 16.42 45.99
N SER D 243 -0.40 17.22 46.77
CA SER D 243 -0.32 17.16 48.21
C SER D 243 -0.97 15.88 48.75
N ALA D 244 -0.58 15.54 49.99
CA ALA D 244 -1.11 14.36 50.66
C ALA D 244 -2.63 14.34 50.66
N LYS D 245 -3.26 15.50 50.88
CA LYS D 245 -4.72 15.57 50.84
C LYS D 245 -5.26 15.17 49.47
N HIS D 246 -4.57 15.58 48.41
CA HIS D 246 -5.03 15.27 47.05
C HIS D 246 -4.77 13.81 46.72
N VAL D 247 -3.60 13.29 47.09
CA VAL D 247 -3.28 11.89 46.85
C VAL D 247 -4.30 10.99 47.54
N ALA D 248 -4.62 11.30 48.80
CA ALA D 248 -5.64 10.52 49.52
C ALA D 248 -6.98 10.55 48.79
N GLU D 249 -7.36 11.71 48.27
CA GLU D 249 -8.62 11.82 47.55
C GLU D 249 -8.61 10.99 46.26
N VAL D 250 -7.47 10.96 45.56
CA VAL D 250 -7.39 10.17 44.35
C VAL D 250 -7.37 8.68 44.68
N LYS D 251 -6.61 8.30 45.71
CA LYS D 251 -6.62 6.93 46.19
C LYS D 251 -8.05 6.44 46.45
N GLU D 252 -8.87 7.28 47.10
CA GLU D 252 -10.25 6.91 47.36
C GLU D 252 -11.02 6.67 46.06
N GLY D 253 -10.94 7.63 45.13
CA GLY D 253 -11.65 7.49 43.87
C GLY D 253 -11.20 6.29 43.05
N LEU D 254 -9.90 5.95 43.11
CA LEU D 254 -9.40 4.79 42.39
C LEU D 254 -9.92 3.49 43.01
N ASN D 255 -9.92 3.40 44.34
CA ASN D 255 -10.51 2.26 45.02
C ASN D 255 -12.00 2.14 44.73
N LYS D 256 -12.72 3.25 44.84
CA LYS D 256 -14.15 3.27 44.51
C LYS D 256 -14.42 2.75 43.09
N ALA D 257 -13.47 2.95 42.17
CA ALA D 257 -13.63 2.49 40.80
C ALA D 257 -13.09 1.10 40.59
N GLY D 258 -12.54 0.47 41.62
CA GLY D 258 -11.99 -0.86 41.50
C GLY D 258 -10.62 -0.92 40.86
N LEU D 259 -9.92 0.22 40.77
CA LEU D 259 -8.58 0.30 40.22
C LEU D 259 -7.55 0.40 41.35
N PRO D 260 -6.34 -0.10 41.12
CA PRO D 260 -5.28 0.06 42.12
C PRO D 260 -5.07 1.52 42.47
N ALA D 261 -4.94 1.79 43.77
CA ALA D 261 -4.81 3.14 44.29
C ALA D 261 -3.34 3.54 44.20
N GLN D 262 -2.93 3.83 42.96
CA GLN D 262 -1.52 4.22 42.71
CA GLN D 262 -1.52 4.22 42.71
C GLN D 262 -1.55 5.44 41.78
N VAL D 263 -0.52 6.27 41.92
CA VAL D 263 -0.52 7.52 41.10
C VAL D 263 0.88 7.88 40.66
N MET D 264 0.98 8.56 39.53
CA MET D 264 2.28 9.15 39.14
C MET D 264 2.05 10.65 39.34
N ILE D 265 3.01 11.34 39.93
CA ILE D 265 2.81 12.82 40.09
C ILE D 265 3.71 13.60 39.13
N ASP D 266 3.09 14.44 38.33
CA ASP D 266 3.84 15.32 37.41
C ASP D 266 4.24 16.53 38.22
N PHE D 267 5.55 16.77 38.34
CA PHE D 267 6.01 17.91 39.15
C PHE D 267 5.89 19.24 38.42
N SER D 268 5.69 19.23 37.11
CA SER D 268 5.76 20.45 36.32
C SER D 268 4.38 21.06 36.09
N HIS D 269 4.36 22.10 35.24
CA HIS D 269 3.15 22.71 34.70
C HIS D 269 2.26 23.14 35.88
N ALA D 270 1.00 22.73 35.93
CA ALA D 270 0.08 23.25 36.94
C ALA D 270 0.52 22.89 38.35
N ASN D 271 1.18 21.74 38.53
CA ASN D 271 1.64 21.38 39.86
C ASN D 271 2.76 22.30 40.34
N SER D 272 3.54 22.88 39.43
CA SER D 272 4.57 23.83 39.82
C SER D 272 4.16 25.27 39.55
N SER D 273 2.87 25.52 39.29
CA SER D 273 2.37 26.87 38.97
C SER D 273 3.14 27.47 37.79
N LYS D 274 3.51 26.60 36.84
CA LYS D 274 4.23 26.96 35.62
C LYS D 274 5.58 27.63 35.88
N GLN D 275 6.20 27.40 37.04
CA GLN D 275 7.49 27.99 37.37
C GLN D 275 8.49 26.86 37.57
N PHE D 276 9.45 26.73 36.65
CA PHE D 276 10.23 25.48 36.60
C PHE D 276 10.92 25.18 37.92
N LYS D 277 11.37 26.20 38.66
CA LYS D 277 12.07 25.93 39.91
C LYS D 277 11.16 25.34 40.96
N LYS D 278 9.85 25.58 40.84
CA LYS D 278 8.93 25.02 41.82
C LYS D 278 8.80 23.51 41.72
N GLN D 279 9.31 22.90 40.64
CA GLN D 279 9.39 21.44 40.64
C GLN D 279 10.17 20.94 41.85
N MET D 280 11.11 21.74 42.35
CA MET D 280 11.90 21.31 43.50
C MET D 280 11.05 21.36 44.77
N ASP D 281 10.10 22.29 44.83
CA ASP D 281 9.16 22.33 45.95
C ASP D 281 8.20 21.16 45.91
N VAL D 282 7.71 20.81 44.73
CA VAL D 282 6.86 19.61 44.64
C VAL D 282 7.67 18.40 45.06
N CYS D 283 8.93 18.33 44.62
CA CYS D 283 9.81 17.22 45.00
C CYS D 283 9.91 17.08 46.52
N ALA D 284 10.15 18.20 47.22
CA ALA D 284 10.26 18.16 48.67
C ALA D 284 9.00 17.59 49.30
N ASP D 285 7.84 18.04 48.83
CA ASP D 285 6.58 17.56 49.40
C ASP D 285 6.37 16.08 49.11
N VAL D 286 6.65 15.66 47.87
CA VAL D 286 6.41 14.26 47.50
C VAL D 286 7.40 13.35 48.23
N CYS D 287 8.65 13.80 48.40
CA CYS D 287 9.60 13.02 49.18
C CYS D 287 9.12 12.86 50.62
N GLN D 288 8.53 13.92 51.17
CA GLN D 288 7.95 13.89 52.50
C GLN D 288 6.90 12.79 52.61
N GLN D 289 5.96 12.76 51.66
CA GLN D 289 4.95 11.70 51.62
C GLN D 289 5.60 10.32 51.50
N ILE D 290 6.58 10.18 50.61
CA ILE D 290 7.19 8.88 50.37
C ILE D 290 7.97 8.41 51.59
N ALA D 291 8.86 9.28 52.10
CA ALA D 291 9.61 8.93 53.30
C ALA D 291 8.70 8.58 54.46
N GLY D 292 7.53 9.24 54.55
CA GLY D 292 6.59 8.95 55.61
C GLY D 292 5.88 7.62 55.47
N GLY D 293 5.93 7.01 54.28
CA GLY D 293 5.32 5.71 54.07
C GLY D 293 4.22 5.67 53.02
N GLU D 294 4.11 6.70 52.19
CA GLU D 294 3.08 6.70 51.15
C GLU D 294 3.50 5.73 50.05
N LYS D 295 2.80 4.61 49.93
CA LYS D 295 3.13 3.62 48.90
C LYS D 295 2.35 3.82 47.62
N ALA D 296 1.34 4.68 47.61
CA ALA D 296 0.53 4.87 46.41
C ALA D 296 1.27 5.67 45.34
N ILE D 297 2.27 6.45 45.71
CA ILE D 297 3.04 7.21 44.72
C ILE D 297 4.02 6.26 44.06
N ILE D 298 3.68 5.81 42.84
CA ILE D 298 4.48 4.84 42.10
C ILE D 298 5.39 5.50 41.06
N GLY D 299 5.20 6.77 40.77
CA GLY D 299 6.10 7.39 39.81
C GLY D 299 5.96 8.90 39.86
N VAL D 300 6.94 9.54 39.24
CA VAL D 300 6.93 11.02 39.15
C VAL D 300 7.36 11.40 37.73
N MET D 301 6.97 12.58 37.30
CA MET D 301 7.38 13.12 35.97
C MET D 301 8.04 14.50 36.21
N VAL D 302 9.22 14.68 35.62
CA VAL D 302 9.98 15.94 35.88
C VAL D 302 10.54 16.48 34.56
N GLU D 303 10.37 17.78 34.34
CA GLU D 303 10.91 18.48 33.13
CA GLU D 303 10.91 18.48 33.13
C GLU D 303 12.34 19.01 33.46
N SER D 304 13.30 18.37 32.80
CA SER D 304 14.70 18.57 33.13
C SER D 304 15.56 18.66 31.89
N HIS D 305 16.60 19.50 31.90
CA HIS D 305 17.51 19.57 30.76
C HIS D 305 18.91 19.84 31.30
N LEU D 306 19.89 19.87 30.40
CA LEU D 306 21.26 20.20 30.80
C LEU D 306 21.30 21.57 31.46
N VAL D 307 20.68 22.55 30.81
CA VAL D 307 20.72 23.95 31.22
C VAL D 307 19.30 24.35 31.54
N GLU D 308 19.11 25.00 32.69
CA GLU D 308 17.78 25.33 33.16
C GLU D 308 17.15 26.44 32.32
N GLY D 309 15.84 26.61 32.51
CA GLY D 309 15.09 27.72 31.93
C GLY D 309 14.63 27.40 30.54
N ASN D 310 14.44 28.41 29.68
CA ASN D 310 14.06 28.15 28.29
C ASN D 310 14.49 29.34 27.43
N GLN D 311 14.29 29.19 26.12
CA GLN D 311 14.66 30.21 25.15
C GLN D 311 13.67 30.16 24.00
N SER D 312 13.60 31.27 23.25
CA SER D 312 12.70 31.36 22.12
C SER D 312 13.46 31.09 20.83
N LEU D 313 12.89 30.24 20.00
CA LEU D 313 13.45 29.98 18.68
C LEU D 313 13.30 31.21 17.80
N GLU D 314 14.39 31.65 17.19
CA GLU D 314 14.38 32.87 16.33
C GLU D 314 15.07 32.58 14.99
N SER D 315 14.44 32.96 13.89
CA SER D 315 15.00 32.73 12.52
C SER D 315 16.34 33.45 12.37
N GLY D 316 17.32 32.79 11.76
CA GLY D 316 18.60 33.46 11.47
C GLY D 316 19.46 33.65 12.70
N GLU D 317 19.23 32.86 13.74
CA GLU D 317 19.99 33.07 15.00
C GLU D 317 20.31 31.74 15.68
N PRO D 318 21.52 31.59 16.23
CA PRO D 318 21.88 30.38 16.98
C PRO D 318 21.06 30.27 18.27
N LEU D 319 21.13 29.10 18.88
CA LEU D 319 20.46 28.82 20.14
C LEU D 319 21.50 28.51 21.21
N ALA D 320 21.09 28.72 22.45
CA ALA D 320 21.87 28.23 23.58
C ALA D 320 21.82 26.71 23.59
N TYR D 321 22.95 26.09 23.91
CA TYR D 321 23.04 24.65 23.95
C TYR D 321 22.39 24.09 25.20
N GLY D 322 21.65 22.99 25.03
CA GLY D 322 21.12 22.28 26.17
C GLY D 322 20.00 22.96 26.92
N LYS D 323 19.33 23.94 26.30
CA LYS D 323 18.28 24.73 26.94
C LYS D 323 17.02 24.60 26.12
N SER D 324 15.90 24.34 26.79
CA SER D 324 14.63 24.10 26.12
C SER D 324 14.22 25.26 25.22
N ILE D 325 13.66 24.95 24.04
CA ILE D 325 12.98 25.96 23.22
C ILE D 325 11.47 25.89 23.37
N THR D 326 10.98 25.09 24.32
CA THR D 326 9.55 25.03 24.63
C THR D 326 9.39 25.47 26.09
N ASP D 327 8.84 24.64 26.96
CA ASP D 327 8.64 25.07 28.34
C ASP D 327 9.96 24.99 29.13
N ALA D 328 10.01 25.74 30.22
CA ALA D 328 11.25 25.82 30.96
C ALA D 328 11.44 24.58 31.83
N CYS D 329 12.70 24.19 31.99
CA CYS D 329 13.09 22.97 32.68
C CYS D 329 14.05 23.29 33.83
N ILE D 330 14.09 22.42 34.85
CA ILE D 330 15.23 22.48 35.75
C ILE D 330 16.49 22.00 35.01
N GLY D 331 17.65 22.52 35.45
CA GLY D 331 18.92 22.18 34.85
C GLY D 331 19.57 21.03 35.57
N TRP D 332 20.82 20.74 35.18
CA TRP D 332 21.40 19.47 35.62
C TRP D 332 21.67 19.49 37.13
N GLU D 333 22.19 20.59 37.66
CA GLU D 333 22.47 20.64 39.11
CA GLU D 333 22.48 20.66 39.10
C GLU D 333 21.24 20.31 39.94
N ASP D 334 20.10 20.97 39.67
CA ASP D 334 18.86 20.65 40.37
C ASP D 334 18.39 19.24 40.08
N THR D 335 18.62 18.75 38.87
CA THR D 335 18.17 17.40 38.50
C THR D 335 18.90 16.35 39.32
N ASP D 336 20.21 16.49 39.47
CA ASP D 336 20.99 15.59 40.31
C ASP D 336 20.48 15.60 41.75
N ALA D 337 20.28 16.79 42.31
CA ALA D 337 19.79 16.89 43.67
C ALA D 337 18.39 16.29 43.81
N LEU D 338 17.52 16.56 42.83
CA LEU D 338 16.17 16.01 42.86
C LEU D 338 16.17 14.49 42.85
N LEU D 339 17.00 13.90 41.99
CA LEU D 339 17.01 12.45 41.89
C LEU D 339 17.51 11.83 43.19
N ARG D 340 18.50 12.47 43.81
CA ARG D 340 19.02 12.00 45.09
C ARG D 340 17.99 12.18 46.20
N GLN D 341 17.21 13.27 46.17
CA GLN D 341 16.15 13.42 47.16
C GLN D 341 15.13 12.29 47.05
N LEU D 342 14.73 11.94 45.82
CA LEU D 342 13.73 10.90 45.65
C LEU D 342 14.28 9.54 46.08
N ALA D 343 15.55 9.27 45.76
CA ALA D 343 16.16 8.01 46.14
C ALA D 343 16.24 7.87 47.66
N ASN D 344 16.66 8.94 48.34
CA ASN D 344 16.69 8.90 49.80
C ASN D 344 15.29 8.71 50.38
N ALA D 345 14.28 9.33 49.77
CA ALA D 345 12.92 9.15 50.25
C ALA D 345 12.44 7.71 50.07
N VAL D 346 12.83 7.08 48.96
CA VAL D 346 12.45 5.69 48.74
C VAL D 346 13.14 4.78 49.73
N LYS D 347 14.43 5.06 49.99
CA LYS D 347 15.17 4.29 51.04
C LYS D 347 14.43 4.48 52.36
N ALA D 348 14.04 5.72 52.68
CA ALA D 348 13.41 5.99 53.97
C ALA D 348 12.05 5.31 54.09
N ARG D 349 11.33 5.13 52.98
CA ARG D 349 10.01 4.50 53.04
C ARG D 349 10.10 3.05 53.47
N ARG D 350 11.19 2.37 53.14
CA ARG D 350 11.38 0.96 53.44
C ARG D 350 12.14 0.75 54.75
#